data_5G1W
#
_entry.id   5G1W
#
_cell.length_a   108.062
_cell.length_b   110.148
_cell.length_c   195.338
_cell.angle_alpha   90.00
_cell.angle_beta   91.32
_cell.angle_gamma   90.00
#
_symmetry.space_group_name_H-M   'I 1 2 1'
#
loop_
_entity.id
_entity.type
_entity.pdbx_description
1 polymer 'LINALOOL DEHYDRATASE/ISOMERASE'
2 non-polymer 1,2-ETHANEDIOL
3 non-polymer 'METHYLMALONIC ACID'
4 water water
#
_entity_poly.entity_id   1
_entity_poly.type   'polypeptide(L)'
_entity_poly.pdbx_seq_one_letter_code
;MAELPPGRLATTEDYFAQQAKQAVTPDVMAQLAYMNYIDFISPFYSRGCSFEAWELKHTPQRVIKYSIAFYAYGLASVAL
IDPKLRALAGHDLDIAVSKMKCKRVWGDWEEDGFGTDPIEKENIMYKGHLNLMYGLYQLVTGSRRYEAEHAHLTRIIHDE
IAANPFAGIVCEPDNYFVQCNSVAYLSLWVYDRLHGTDYRAATRAWLDFIQKDLIDPERGAFYLSYHPESGAVKPWISAY
TTAWTLAMVHGMDPAFSERYYPRFKQTFVEVYDEGRKARVRETAGTDDADGGVGLASAFTLLLAREMGDQQLFDQLLNHL
EPPAKPSIVSASLRYEHPGSLLFDELLFLAKVHAGFGALLRMPPPAAKLAGK
;
_entity_poly.pdbx_strand_id   A,B,C,D,E
#
# COMPACT_ATOMS: atom_id res chain seq x y z
N ALA A 2 33.40 43.02 -3.95
CA ALA A 2 32.79 42.78 -2.61
C ALA A 2 33.24 41.50 -1.90
N GLU A 3 32.96 41.44 -0.61
CA GLU A 3 33.33 40.30 0.18
C GLU A 3 32.29 39.19 0.08
N LEU A 4 32.75 37.98 0.04
CA LEU A 4 31.86 36.82 0.02
C LEU A 4 31.35 36.49 1.42
N PRO A 5 30.04 36.62 1.65
CA PRO A 5 29.56 36.39 3.06
C PRO A 5 29.61 34.96 3.45
N PRO A 6 29.61 34.68 4.75
CA PRO A 6 29.71 33.30 5.17
C PRO A 6 28.60 32.40 4.59
N GLY A 7 28.99 31.21 4.14
CA GLY A 7 28.05 30.26 3.60
C GLY A 7 27.49 30.57 2.20
N ARG A 8 27.90 31.69 1.60
CA ARG A 8 27.40 32.09 0.28
C ARG A 8 28.28 31.48 -0.81
N LEU A 9 27.71 31.31 -1.98
CA LEU A 9 28.44 30.74 -3.16
C LEU A 9 29.06 31.80 -4.00
N ALA A 10 28.42 32.96 -4.14
CA ALA A 10 28.94 34.07 -4.91
C ALA A 10 28.45 35.36 -4.31
N THR A 11 29.15 36.45 -4.59
CA THR A 11 28.75 37.75 -4.02
C THR A 11 27.53 38.32 -4.74
N THR A 12 26.84 39.21 -4.07
CA THR A 12 25.71 39.94 -4.67
C THR A 12 26.18 40.76 -5.87
N GLU A 13 27.35 41.34 -5.76
CA GLU A 13 27.97 42.03 -6.89
C GLU A 13 28.10 41.11 -8.11
N ASP A 14 28.56 39.92 -7.89
CA ASP A 14 28.71 38.94 -8.97
C ASP A 14 27.39 38.56 -9.62
N TYR A 15 26.34 38.39 -8.84
CA TYR A 15 25.01 38.16 -9.46
C TYR A 15 24.52 39.33 -10.31
N PHE A 16 24.67 40.53 -9.77
CA PHE A 16 24.20 41.70 -10.44
C PHE A 16 25.05 42.04 -11.65
N ALA A 17 26.26 41.48 -11.71
CA ALA A 17 27.17 41.71 -12.86
C ALA A 17 27.12 40.72 -13.98
N GLN A 18 26.31 39.66 -13.84
CA GLN A 18 26.31 38.58 -14.82
C GLN A 18 26.02 39.06 -16.22
N GLN A 19 25.02 39.92 -16.34
CA GLN A 19 24.62 40.37 -17.67
C GLN A 19 25.74 41.21 -18.30
N ALA A 20 26.35 42.11 -17.52
CA ALA A 20 27.48 42.93 -18.04
C ALA A 20 28.68 42.05 -18.42
N LYS A 21 28.91 40.94 -17.72
CA LYS A 21 30.00 40.07 -18.07
C LYS A 21 29.67 39.08 -19.12
N GLN A 22 28.41 39.00 -19.53
CA GLN A 22 27.90 37.94 -20.42
C GLN A 22 28.21 36.54 -19.99
N ALA A 23 28.08 36.30 -18.67
CA ALA A 23 28.40 35.03 -18.14
C ALA A 23 27.63 34.78 -16.84
N VAL A 24 27.12 33.57 -16.69
CA VAL A 24 26.49 33.22 -15.41
C VAL A 24 27.57 32.90 -14.39
N THR A 25 27.31 33.08 -13.10
CA THR A 25 28.30 32.69 -12.07
C THR A 25 28.43 31.16 -12.08
N PRO A 26 29.54 30.64 -11.55
CA PRO A 26 29.71 29.19 -11.46
C PRO A 26 28.61 28.43 -10.71
N ASP A 27 28.02 29.00 -9.62
CA ASP A 27 26.96 28.33 -8.96
C ASP A 27 25.64 28.33 -9.74
N VAL A 28 25.36 29.37 -10.54
CA VAL A 28 24.22 29.33 -11.45
C VAL A 28 24.47 28.24 -12.53
N MET A 29 25.68 28.16 -13.03
CA MET A 29 25.98 27.04 -13.96
C MET A 29 25.76 25.71 -13.31
N ALA A 30 26.14 25.55 -12.04
CA ALA A 30 25.93 24.28 -11.30
C ALA A 30 24.50 23.98 -11.09
N GLN A 31 23.68 25.02 -10.93
CA GLN A 31 22.20 24.83 -10.90
C GLN A 31 21.65 24.35 -12.27
N LEU A 32 22.17 24.88 -13.34
CA LEU A 32 21.75 24.51 -14.72
C LEU A 32 22.18 23.06 -14.91
N ALA A 33 23.29 22.65 -14.30
CA ALA A 33 23.71 21.21 -14.39
C ALA A 33 22.80 20.31 -13.60
N TYR A 34 22.39 20.74 -12.40
CA TYR A 34 21.38 20.03 -11.71
C TYR A 34 20.11 19.88 -12.58
N MET A 35 19.73 20.96 -13.23
CA MET A 35 18.57 20.96 -14.07
C MET A 35 18.65 20.05 -15.33
N ASN A 36 19.81 19.85 -15.86
CA ASN A 36 19.97 19.26 -17.20
C ASN A 36 20.84 17.98 -17.32
N TYR A 37 21.65 17.67 -16.29
CA TYR A 37 22.76 16.73 -16.50
C TYR A 37 22.45 15.21 -16.48
N ILE A 38 21.83 14.75 -15.40
CA ILE A 38 21.68 13.32 -15.16
C ILE A 38 20.52 12.75 -15.97
N ASP A 39 20.79 11.66 -16.69
CA ASP A 39 19.76 10.99 -17.40
C ASP A 39 18.54 10.64 -16.53
N PHE A 40 17.36 10.82 -17.15
CA PHE A 40 16.03 10.44 -16.64
C PHE A 40 15.53 11.21 -15.46
N ILE A 41 16.42 11.56 -14.51
CA ILE A 41 16.01 12.20 -13.21
C ILE A 41 16.17 13.68 -13.15
N SER A 42 16.89 14.29 -14.08
CA SER A 42 17.03 15.75 -14.06
C SER A 42 15.72 16.31 -14.60
N PRO A 43 15.30 17.48 -14.04
CA PRO A 43 13.99 17.99 -14.47
C PRO A 43 13.85 18.26 -15.98
N PHE A 44 14.93 18.67 -16.64
CA PHE A 44 14.93 19.02 -18.04
C PHE A 44 15.57 17.95 -18.89
N TYR A 45 15.40 16.70 -18.50
CA TYR A 45 15.92 15.55 -19.31
C TYR A 45 15.20 15.37 -20.63
N SER A 46 13.88 15.40 -20.62
CA SER A 46 13.13 15.26 -21.88
C SER A 46 11.81 15.95 -21.83
N ARG A 47 11.23 16.05 -23.01
CA ARG A 47 9.88 16.54 -23.18
C ARG A 47 8.80 15.65 -22.67
N GLY A 48 9.11 14.40 -22.36
CA GLY A 48 8.05 13.49 -21.86
C GLY A 48 7.26 13.89 -20.61
N CYS A 49 6.10 13.23 -20.42
CA CYS A 49 5.29 13.42 -19.24
C CYS A 49 5.87 12.57 -18.12
N SER A 50 7.13 12.81 -17.78
CA SER A 50 7.81 12.15 -16.73
C SER A 50 8.23 13.18 -15.66
N PHE A 51 8.07 12.87 -14.40
CA PHE A 51 8.31 13.82 -13.30
C PHE A 51 9.18 13.34 -12.24
N GLU A 52 10.13 12.46 -12.58
CA GLU A 52 11.01 11.89 -11.56
C GLU A 52 11.72 12.90 -10.75
N ALA A 53 12.21 13.98 -11.40
CA ALA A 53 12.92 14.99 -10.63
C ALA A 53 12.11 15.53 -9.46
N TRP A 54 10.83 15.72 -9.69
CA TRP A 54 9.91 16.29 -8.71
C TRP A 54 9.52 15.26 -7.67
N GLU A 55 9.42 14.00 -8.08
CA GLU A 55 9.21 12.88 -7.15
C GLU A 55 10.37 12.82 -6.18
N LEU A 56 11.62 12.95 -6.68
CA LEU A 56 12.78 12.89 -5.80
C LEU A 56 12.89 14.02 -4.76
N LYS A 57 12.38 15.20 -5.11
CA LYS A 57 12.33 16.34 -4.22
C LYS A 57 11.07 16.40 -3.38
N HIS A 58 10.17 15.43 -3.51
CA HIS A 58 8.87 15.43 -2.80
C HIS A 58 7.96 16.63 -3.14
N THR A 59 8.01 17.10 -4.36
CA THR A 59 7.16 18.20 -4.76
C THR A 59 5.69 17.79 -4.69
N PRO A 60 4.87 18.52 -3.93
CA PRO A 60 3.42 18.22 -3.96
C PRO A 60 2.85 18.43 -5.36
N GLN A 61 1.91 17.61 -5.78
CA GLN A 61 1.35 17.75 -7.12
C GLN A 61 1.00 19.21 -7.45
N ARG A 62 0.31 19.88 -6.51
CA ARG A 62 -0.27 21.16 -6.83
C ARG A 62 0.83 22.26 -7.08
N VAL A 63 2.06 22.00 -6.64
CA VAL A 63 3.19 22.88 -6.75
C VAL A 63 3.97 22.72 -8.04
N ILE A 64 3.79 21.59 -8.76
CA ILE A 64 4.58 21.31 -9.96
C ILE A 64 4.48 22.42 -11.00
N LYS A 65 3.27 22.93 -11.20
CA LYS A 65 3.06 23.99 -12.20
C LYS A 65 3.94 25.22 -11.87
N TYR A 66 4.02 25.54 -10.59
CA TYR A 66 4.80 26.68 -10.13
C TYR A 66 6.27 26.44 -10.28
N SER A 67 6.72 25.24 -9.97
CA SER A 67 8.13 24.87 -10.17
C SER A 67 8.60 25.00 -11.61
N ILE A 68 7.84 24.45 -12.55
CA ILE A 68 8.15 24.59 -13.96
C ILE A 68 8.20 26.02 -14.38
N ALA A 69 7.19 26.76 -13.98
CA ALA A 69 7.09 28.16 -14.42
C ALA A 69 8.27 28.98 -13.91
N PHE A 70 8.64 28.81 -12.62
CA PHE A 70 9.73 29.59 -12.06
C PHE A 70 11.02 29.23 -12.70
N TYR A 71 11.21 27.94 -13.00
CA TYR A 71 12.40 27.59 -13.79
C TYR A 71 12.41 28.31 -15.14
N ALA A 72 11.28 28.33 -15.79
CA ALA A 72 11.16 28.96 -17.11
C ALA A 72 11.46 30.45 -17.02
N TYR A 73 10.97 31.09 -15.97
CA TYR A 73 11.27 32.51 -15.82
C TYR A 73 12.75 32.79 -15.67
N GLY A 74 13.45 31.93 -14.92
CA GLY A 74 14.92 32.05 -14.74
C GLY A 74 15.65 31.75 -16.02
N LEU A 75 15.18 30.74 -16.74
CA LEU A 75 15.82 30.38 -18.02
C LEU A 75 15.79 31.54 -19.02
N ALA A 76 14.69 32.29 -19.06
CA ALA A 76 14.62 33.41 -19.98
C ALA A 76 15.74 34.41 -19.65
N SER A 77 16.01 34.70 -18.35
CA SER A 77 17.08 35.56 -18.03
C SER A 77 18.47 34.96 -18.40
N VAL A 78 18.64 33.65 -18.23
CA VAL A 78 19.89 33.02 -18.61
C VAL A 78 20.16 33.28 -20.11
N ALA A 79 19.13 33.22 -20.93
CA ALA A 79 19.23 33.56 -22.35
C ALA A 79 19.70 34.97 -22.63
N LEU A 80 19.28 35.91 -21.79
CA LEU A 80 19.69 37.25 -21.93
C LEU A 80 21.07 37.49 -21.40
N ILE A 81 21.44 36.79 -20.34
CA ILE A 81 22.76 36.96 -19.75
C ILE A 81 23.84 36.55 -20.72
N ASP A 82 23.77 35.31 -21.17
CA ASP A 82 24.90 34.69 -21.93
C ASP A 82 24.38 34.17 -23.24
N PRO A 83 24.77 34.81 -24.35
CA PRO A 83 24.35 34.32 -25.67
C PRO A 83 24.74 32.89 -25.94
N LYS A 84 25.83 32.44 -25.37
CA LYS A 84 26.28 31.05 -25.61
C LYS A 84 25.41 30.05 -24.89
N LEU A 85 24.58 30.49 -23.94
CA LEU A 85 23.61 29.59 -23.28
C LEU A 85 22.20 29.82 -23.76
N ARG A 86 22.05 30.65 -24.77
CA ARG A 86 20.67 30.94 -25.27
C ARG A 86 20.03 29.69 -25.86
N ALA A 87 20.79 28.92 -26.61
CA ALA A 87 20.19 27.69 -27.21
C ALA A 87 19.80 26.65 -26.14
N LEU A 88 20.63 26.48 -25.15
CA LEU A 88 20.29 25.62 -24.05
C LEU A 88 19.03 26.13 -23.36
N ALA A 89 19.00 27.44 -23.05
CA ALA A 89 17.83 28.00 -22.39
C ALA A 89 16.56 27.75 -23.20
N GLY A 90 16.64 27.94 -24.52
CA GLY A 90 15.54 27.67 -25.43
C GLY A 90 15.04 26.24 -25.41
N HIS A 91 16.01 25.33 -25.43
CA HIS A 91 15.73 23.91 -25.28
C HIS A 91 15.00 23.58 -23.99
N ASP A 92 15.54 24.08 -22.88
CA ASP A 92 14.91 23.84 -21.61
C ASP A 92 13.48 24.42 -21.58
N LEU A 93 13.31 25.60 -22.15
CA LEU A 93 11.95 26.22 -22.22
C LEU A 93 10.98 25.42 -23.06
N ASP A 94 11.49 24.77 -24.13
CA ASP A 94 10.69 23.86 -24.94
C ASP A 94 10.18 22.70 -24.05
N ILE A 95 11.10 22.13 -23.28
CA ILE A 95 10.75 21.09 -22.30
C ILE A 95 9.77 21.57 -21.26
N ALA A 96 9.97 22.78 -20.78
CA ALA A 96 9.12 23.31 -19.73
C ALA A 96 7.69 23.42 -20.25
N VAL A 97 7.53 23.96 -21.44
CA VAL A 97 6.19 24.11 -22.03
C VAL A 97 5.57 22.69 -22.21
N SER A 98 6.33 21.76 -22.78
CA SER A 98 5.85 20.41 -22.95
CA SER A 98 5.86 20.37 -22.96
C SER A 98 5.36 19.79 -21.67
N LYS A 99 6.19 19.88 -20.63
CA LYS A 99 5.77 19.28 -19.33
C LYS A 99 4.59 19.96 -18.71
N MET A 100 4.53 21.30 -18.84
CA MET A 100 3.50 22.07 -18.27
C MET A 100 2.13 21.61 -18.79
N LYS A 101 2.10 21.09 -20.01
CA LYS A 101 0.85 20.62 -20.63
C LYS A 101 0.45 19.19 -20.21
N CYS A 102 1.27 18.51 -19.45
CA CYS A 102 0.94 17.13 -18.98
C CYS A 102 -0.13 17.16 -17.92
N LYS A 103 -1.04 16.16 -17.94
CA LYS A 103 -2.09 16.13 -17.01
C LYS A 103 -1.64 15.98 -15.54
N ARG A 104 -0.45 15.43 -15.30
CA ARG A 104 0.06 15.41 -13.93
C ARG A 104 0.15 16.82 -13.35
N VAL A 105 0.45 17.78 -14.22
CA VAL A 105 0.60 19.19 -13.81
C VAL A 105 -0.69 19.91 -13.63
N TRP A 106 -1.60 19.82 -14.60
CA TRP A 106 -2.85 20.58 -14.55
C TRP A 106 -4.07 19.79 -13.97
N GLY A 107 -3.89 18.51 -13.76
CA GLY A 107 -5.02 17.59 -13.41
C GLY A 107 -5.74 17.81 -12.14
N ASP A 108 -5.14 18.55 -11.18
CA ASP A 108 -5.89 18.97 -10.02
C ASP A 108 -7.19 19.67 -10.33
N TRP A 109 -7.22 20.43 -11.43
CA TRP A 109 -8.40 21.12 -11.89
C TRP A 109 -9.59 20.15 -12.07
N GLU A 110 -9.30 19.04 -12.72
CA GLU A 110 -10.32 17.99 -12.87
C GLU A 110 -10.58 17.21 -11.57
N GLU A 111 -9.54 16.78 -10.86
CA GLU A 111 -9.73 16.05 -9.64
C GLU A 111 -10.51 16.80 -8.62
N ASP A 112 -10.35 18.13 -8.57
CA ASP A 112 -11.07 18.95 -7.60
C ASP A 112 -12.51 19.19 -8.02
N GLY A 113 -12.90 18.75 -9.21
CA GLY A 113 -14.31 18.91 -9.62
C GLY A 113 -14.60 20.15 -10.43
N PHE A 114 -13.57 20.86 -10.91
CA PHE A 114 -13.79 22.14 -11.61
C PHE A 114 -13.93 22.07 -13.12
N GLY A 115 -13.57 20.95 -13.74
CA GLY A 115 -13.77 20.74 -15.16
C GLY A 115 -12.76 19.82 -15.75
N THR A 116 -13.02 19.36 -16.97
CA THR A 116 -12.10 18.46 -17.61
C THR A 116 -11.08 19.22 -18.50
N ASP A 117 -11.33 20.47 -18.78
CA ASP A 117 -10.44 21.27 -19.64
C ASP A 117 -9.83 22.39 -18.75
N PRO A 118 -8.49 22.44 -18.63
CA PRO A 118 -7.86 23.39 -17.69
C PRO A 118 -7.70 24.83 -18.24
N ILE A 119 -8.04 25.06 -19.52
CA ILE A 119 -7.81 26.33 -20.28
C ILE A 119 -9.13 27.09 -20.47
N GLU A 120 -10.23 26.37 -20.60
CA GLU A 120 -11.43 27.03 -21.21
C GLU A 120 -11.96 28.21 -20.42
N LYS A 121 -11.92 28.09 -19.09
CA LYS A 121 -12.36 29.18 -18.26
C LYS A 121 -11.69 29.12 -16.88
N GLU A 122 -11.56 30.27 -16.27
CA GLU A 122 -11.04 30.33 -14.88
C GLU A 122 -9.61 29.80 -14.86
N ASN A 123 -9.17 29.24 -13.71
CA ASN A 123 -7.90 28.54 -13.59
C ASN A 123 -6.70 29.41 -14.05
N ILE A 124 -6.76 30.68 -13.74
CA ILE A 124 -5.75 31.61 -14.28
C ILE A 124 -4.32 31.33 -13.73
N MET A 125 -4.17 30.71 -12.57
CA MET A 125 -2.79 30.44 -12.13
C MET A 125 -2.15 29.51 -13.15
N TYR A 126 -2.85 28.44 -13.49
CA TYR A 126 -2.28 27.51 -14.48
C TYR A 126 -2.07 28.21 -15.84
N LYS A 127 -3.14 28.75 -16.38
CA LYS A 127 -3.09 29.17 -17.79
C LYS A 127 -2.40 30.46 -18.00
N GLY A 128 -2.32 31.26 -16.96
CA GLY A 128 -1.48 32.44 -16.98
C GLY A 128 0.00 32.15 -17.05
N HIS A 129 0.47 31.21 -16.20
CA HIS A 129 1.84 30.81 -16.29
C HIS A 129 2.09 30.18 -17.70
N LEU A 130 1.20 29.26 -18.12
CA LEU A 130 1.39 28.64 -19.43
C LEU A 130 1.54 29.70 -20.52
N ASN A 131 0.64 30.73 -20.50
CA ASN A 131 0.67 31.72 -21.55
C ASN A 131 1.96 32.52 -21.49
N LEU A 132 2.43 32.82 -20.31
CA LEU A 132 3.71 33.55 -20.19
C LEU A 132 4.85 32.72 -20.70
N MET A 133 4.80 31.43 -20.38
CA MET A 133 5.84 30.52 -20.86
C MET A 133 5.88 30.38 -22.38
N TYR A 134 4.73 30.30 -23.01
CA TYR A 134 4.67 30.25 -24.48
C TYR A 134 5.38 31.46 -25.04
N GLY A 135 5.11 32.64 -24.46
CA GLY A 135 5.75 33.84 -24.94
C GLY A 135 7.25 33.90 -24.73
N LEU A 136 7.68 33.56 -23.49
CA LEU A 136 9.11 33.52 -23.21
C LEU A 136 9.87 32.57 -24.09
N TYR A 137 9.29 31.42 -24.32
CA TYR A 137 9.91 30.42 -25.24
C TYR A 137 10.16 31.08 -26.60
N GLN A 138 9.16 31.80 -27.10
CA GLN A 138 9.29 32.38 -28.44
C GLN A 138 10.24 33.57 -28.46
N LEU A 139 10.29 34.39 -27.39
CA LEU A 139 11.25 35.48 -27.33
C LEU A 139 12.68 34.91 -27.35
N VAL A 140 12.90 33.82 -26.61
CA VAL A 140 14.24 33.24 -26.46
C VAL A 140 14.67 32.61 -27.80
N THR A 141 13.79 31.91 -28.47
CA THR A 141 14.19 31.02 -29.56
C THR A 141 13.90 31.58 -30.93
N GLY A 142 12.93 32.45 -31.07
CA GLY A 142 12.36 32.77 -32.40
C GLY A 142 11.51 31.73 -33.06
N SER A 143 11.24 30.62 -32.39
CA SER A 143 10.49 29.52 -32.94
C SER A 143 9.00 29.77 -32.79
N ARG A 144 8.23 29.36 -33.81
CA ARG A 144 6.75 29.34 -33.79
C ARG A 144 6.14 28.04 -33.44
N ARG A 145 6.93 27.15 -32.88
CA ARG A 145 6.43 25.87 -32.52
C ARG A 145 5.07 25.89 -31.75
N TYR A 146 4.94 26.82 -30.80
CA TYR A 146 3.77 26.91 -29.97
C TYR A 146 2.88 28.12 -30.31
N GLU A 147 3.15 28.82 -31.40
CA GLU A 147 2.47 30.09 -31.67
C GLU A 147 0.97 29.88 -31.83
N ALA A 148 0.55 28.77 -32.44
CA ALA A 148 -0.89 28.57 -32.68
C ALA A 148 -1.63 28.47 -31.31
N GLU A 149 -1.01 27.75 -30.39
CA GLU A 149 -1.52 27.62 -29.04
C GLU A 149 -1.49 28.95 -28.29
N HIS A 150 -0.40 29.68 -28.41
CA HIS A 150 -0.21 30.96 -27.75
C HIS A 150 -1.26 32.02 -28.23
N ALA A 151 -1.54 32.01 -29.55
CA ALA A 151 -2.56 32.85 -30.12
C ALA A 151 -3.91 32.51 -29.56
N HIS A 152 -4.19 31.23 -29.42
CA HIS A 152 -5.46 30.77 -28.89
C HIS A 152 -5.61 31.15 -27.38
N LEU A 153 -4.60 30.79 -26.60
CA LEU A 153 -4.69 31.05 -25.17
C LEU A 153 -4.74 32.55 -24.82
N THR A 154 -3.97 33.39 -25.53
CA THR A 154 -4.00 34.80 -25.31
C THR A 154 -5.42 35.37 -25.53
N ARG A 155 -6.09 34.84 -26.56
CA ARG A 155 -7.45 35.27 -26.87
C ARG A 155 -8.45 34.76 -25.87
N ILE A 156 -8.28 33.56 -25.36
CA ILE A 156 -9.21 33.11 -24.26
C ILE A 156 -9.07 34.04 -23.06
N ILE A 157 -7.83 34.38 -22.73
CA ILE A 157 -7.55 35.26 -21.56
C ILE A 157 -8.18 36.64 -21.73
N HIS A 158 -7.91 37.22 -22.90
CA HIS A 158 -8.41 38.54 -23.24
C HIS A 158 -9.94 38.53 -23.18
N ASP A 159 -10.57 37.48 -23.76
CA ASP A 159 -12.03 37.41 -23.82
C ASP A 159 -12.63 37.32 -22.42
N GLU A 160 -11.98 36.50 -21.58
CA GLU A 160 -12.50 36.28 -20.21
C GLU A 160 -12.37 37.55 -19.37
N ILE A 161 -11.27 38.26 -19.51
CA ILE A 161 -11.16 39.58 -18.93
C ILE A 161 -12.28 40.52 -19.40
N ALA A 162 -12.53 40.55 -20.69
CA ALA A 162 -13.52 41.47 -21.24
C ALA A 162 -14.92 41.08 -20.72
N ALA A 163 -15.17 39.81 -20.53
CA ALA A 163 -16.52 39.35 -20.11
C ALA A 163 -16.78 39.50 -18.60
N ASN A 164 -15.73 39.60 -17.79
CA ASN A 164 -15.91 39.75 -16.35
C ASN A 164 -16.24 41.13 -15.88
N PRO A 165 -17.11 41.22 -14.87
CA PRO A 165 -17.47 42.53 -14.29
C PRO A 165 -16.36 43.14 -13.38
N PHE A 166 -15.42 42.31 -12.94
CA PHE A 166 -14.22 42.78 -12.17
C PHE A 166 -13.08 42.67 -13.18
N ALA A 167 -11.97 43.33 -12.93
CA ALA A 167 -10.83 43.30 -13.88
C ALA A 167 -9.95 42.07 -13.61
N GLY A 168 -10.01 41.07 -14.48
CA GLY A 168 -9.17 39.88 -14.32
C GLY A 168 -9.94 38.63 -14.38
N ILE A 169 -9.34 37.56 -13.89
CA ILE A 169 -9.83 36.22 -14.00
C ILE A 169 -9.59 35.50 -12.69
N VAL A 170 -10.51 34.58 -12.35
CA VAL A 170 -10.34 33.79 -11.12
C VAL A 170 -9.49 32.56 -11.33
N CYS A 171 -9.08 31.96 -10.19
CA CYS A 171 -8.40 30.67 -10.15
C CYS A 171 -9.44 29.59 -10.01
N GLU A 172 -9.63 29.05 -8.80
CA GLU A 172 -10.84 28.29 -8.55
C GLU A 172 -12.02 29.22 -8.67
N PRO A 173 -13.18 28.67 -8.95
CA PRO A 173 -14.34 29.54 -9.13
C PRO A 173 -14.52 30.43 -7.84
N ASP A 174 -14.80 31.67 -8.04
CA ASP A 174 -14.95 32.63 -6.97
C ASP A 174 -13.72 32.93 -6.09
N ASN A 175 -12.52 32.54 -6.53
CA ASN A 175 -11.29 32.88 -5.84
C ASN A 175 -10.38 33.75 -6.76
N TYR A 176 -10.25 35.01 -6.44
CA TYR A 176 -9.45 35.98 -7.21
C TYR A 176 -8.17 36.33 -6.44
N PHE A 177 -7.02 36.17 -7.09
CA PHE A 177 -5.74 36.45 -6.51
C PHE A 177 -4.96 37.41 -7.39
N VAL A 178 -4.41 38.45 -6.80
CA VAL A 178 -3.78 39.45 -7.58
C VAL A 178 -2.46 38.94 -8.20
N GLN A 179 -1.75 38.13 -7.45
CA GLN A 179 -0.48 37.57 -7.99
C GLN A 179 -0.72 36.72 -9.23
N CYS A 180 -1.77 35.89 -9.25
CA CYS A 180 -2.05 35.05 -10.39
C CYS A 180 -2.47 35.89 -11.57
N ASN A 181 -3.24 36.95 -11.34
CA ASN A 181 -3.62 37.83 -12.38
C ASN A 181 -2.36 38.57 -12.96
N SER A 182 -1.42 38.91 -12.09
CA SER A 182 -0.25 39.66 -12.52
C SER A 182 0.51 38.90 -13.64
N VAL A 183 0.60 37.59 -13.50
CA VAL A 183 1.29 36.75 -14.44
C VAL A 183 0.51 36.77 -15.78
N ALA A 184 -0.80 36.65 -15.69
CA ALA A 184 -1.64 36.67 -16.94
C ALA A 184 -1.51 37.95 -17.69
N TYR A 185 -1.59 39.07 -16.97
CA TYR A 185 -1.40 40.36 -17.60
C TYR A 185 0.00 40.48 -18.22
N LEU A 186 1.05 40.06 -17.53
CA LEU A 186 2.37 40.14 -18.14
C LEU A 186 2.44 39.28 -19.44
N SER A 187 1.75 38.15 -19.43
CA SER A 187 1.66 37.33 -20.63
C SER A 187 1.09 38.08 -21.85
N LEU A 188 0.17 39.03 -21.63
CA LEU A 188 -0.34 39.81 -22.72
C LEU A 188 0.68 40.76 -23.25
N TRP A 189 1.51 41.32 -22.34
CA TRP A 189 2.58 42.23 -22.76
C TRP A 189 3.61 41.48 -23.62
N VAL A 190 3.90 40.26 -23.25
CA VAL A 190 4.83 39.45 -24.03
C VAL A 190 4.25 39.08 -25.41
N TYR A 191 2.97 38.73 -25.45
CA TYR A 191 2.32 38.44 -26.71
C TYR A 191 2.38 39.69 -27.64
N ASP A 192 2.06 40.85 -27.08
CA ASP A 192 2.11 42.08 -27.82
C ASP A 192 3.54 42.38 -28.35
N ARG A 193 4.56 42.13 -27.54
CA ARG A 193 5.91 42.37 -28.00
C ARG A 193 6.14 41.53 -29.26
N LEU A 194 5.73 40.27 -29.20
CA LEU A 194 5.99 39.36 -30.30
C LEU A 194 5.15 39.66 -31.56
N HIS A 195 3.95 40.13 -31.39
CA HIS A 195 2.98 40.17 -32.46
C HIS A 195 2.59 41.56 -32.89
N GLY A 196 2.86 42.59 -32.12
CA GLY A 196 2.49 44.01 -32.48
C GLY A 196 1.05 44.37 -32.13
N THR A 197 0.43 43.56 -31.28
CA THR A 197 -0.98 43.76 -30.86
C THR A 197 -1.09 44.69 -29.64
N ASP A 198 -2.28 44.85 -29.10
CA ASP A 198 -2.52 45.69 -27.96
C ASP A 198 -3.39 45.01 -26.89
N TYR A 199 -3.18 43.71 -26.68
CA TYR A 199 -3.89 43.04 -25.59
C TYR A 199 -3.52 43.66 -24.23
N ARG A 200 -2.33 44.25 -24.14
CA ARG A 200 -1.92 44.85 -22.85
C ARG A 200 -2.71 46.07 -22.46
N ALA A 201 -3.54 46.62 -23.35
CA ALA A 201 -4.36 47.80 -22.99
C ALA A 201 -5.29 47.56 -21.81
N ALA A 202 -5.69 46.29 -21.58
CA ALA A 202 -6.52 45.96 -20.41
C ALA A 202 -5.80 46.15 -19.07
N THR A 203 -4.50 46.33 -19.08
CA THR A 203 -3.71 46.46 -17.86
C THR A 203 -4.11 47.66 -16.99
N ARG A 204 -4.35 48.79 -17.62
CA ARG A 204 -4.72 50.01 -16.88
C ARG A 204 -5.94 49.82 -16.00
N ALA A 205 -7.01 49.19 -16.51
CA ALA A 205 -8.21 48.99 -15.70
C ALA A 205 -7.93 48.01 -14.58
N TRP A 206 -7.05 47.03 -14.84
CA TRP A 206 -6.65 46.09 -13.80
C TRP A 206 -5.91 46.76 -12.64
N LEU A 207 -4.94 47.60 -12.97
CA LEU A 207 -4.17 48.32 -11.94
C LEU A 207 -5.08 49.25 -11.12
N ASP A 208 -6.06 49.87 -11.79
CA ASP A 208 -7.09 50.67 -11.06
C ASP A 208 -7.90 49.82 -10.10
N PHE A 209 -8.32 48.65 -10.53
CA PHE A 209 -9.14 47.74 -9.75
C PHE A 209 -8.41 47.20 -8.54
N ILE A 210 -7.14 46.79 -8.74
CA ILE A 210 -6.43 46.19 -7.59
C ILE A 210 -6.02 47.22 -6.51
N GLN A 211 -6.08 48.52 -6.84
CA GLN A 211 -5.78 49.56 -5.89
C GLN A 211 -7.02 49.99 -5.13
N LYS A 212 -8.14 49.22 -5.22
CA LYS A 212 -9.30 49.48 -4.37
C LYS A 212 -9.23 48.59 -3.14
N ASP A 213 -10.21 47.75 -2.91
CA ASP A 213 -10.26 47.09 -1.63
C ASP A 213 -9.13 46.07 -1.54
N LEU A 214 -8.53 45.70 -2.68
CA LEU A 214 -7.46 44.70 -2.64
C LEU A 214 -6.12 45.19 -2.11
N ILE A 215 -5.94 46.49 -1.96
CA ILE A 215 -4.65 47.03 -1.45
C ILE A 215 -4.84 47.87 -0.19
N ASP A 216 -3.90 47.78 0.74
CA ASP A 216 -3.77 48.77 1.79
C ASP A 216 -2.66 49.70 1.30
N PRO A 217 -3.01 50.89 0.76
CA PRO A 217 -1.99 51.71 0.14
C PRO A 217 -1.01 52.30 1.13
N GLU A 218 -1.38 52.48 2.39
CA GLU A 218 -0.46 52.97 3.39
C GLU A 218 0.63 51.96 3.74
N ARG A 219 0.26 50.69 3.87
CA ARG A 219 1.18 49.62 4.15
C ARG A 219 1.86 49.08 2.89
N GLY A 220 1.43 49.47 1.72
CA GLY A 220 1.95 48.97 0.48
C GLY A 220 1.80 47.46 0.38
N ALA A 221 0.61 46.96 0.72
CA ALA A 221 0.40 45.54 0.81
C ALA A 221 -0.97 45.14 0.28
N PHE A 222 -0.99 44.07 -0.52
CA PHE A 222 -2.23 43.46 -0.97
C PHE A 222 -2.83 42.54 0.08
N TYR A 223 -4.17 42.50 0.10
CA TYR A 223 -4.92 41.48 0.79
C TYR A 223 -4.81 40.14 0.14
N LEU A 224 -5.08 39.08 0.90
CA LEU A 224 -4.87 37.72 0.41
C LEU A 224 -5.64 37.38 -0.88
N SER A 225 -6.92 37.68 -0.89
CA SER A 225 -7.79 37.34 -2.03
C SER A 225 -9.09 38.12 -2.00
N TYR A 226 -9.79 38.04 -3.13
CA TYR A 226 -11.06 38.70 -3.41
C TYR A 226 -12.01 37.64 -4.00
N HIS A 227 -13.30 37.80 -3.69
CA HIS A 227 -14.26 36.75 -3.92
C HIS A 227 -15.49 37.39 -4.51
N PRO A 228 -15.51 37.45 -5.83
CA PRO A 228 -16.50 38.27 -6.55
C PRO A 228 -17.95 38.03 -6.17
N GLU A 229 -18.34 36.79 -5.91
CA GLU A 229 -19.77 36.52 -5.62
C GLU A 229 -20.25 37.27 -4.39
N SER A 230 -19.42 37.37 -3.36
CA SER A 230 -19.80 38.05 -2.12
C SER A 230 -19.30 39.48 -2.09
N GLY A 231 -18.33 39.79 -2.94
CA GLY A 231 -17.51 41.00 -2.81
C GLY A 231 -16.50 41.00 -1.65
N ALA A 232 -16.34 39.89 -0.94
CA ALA A 232 -15.46 39.86 0.24
C ALA A 232 -13.98 39.95 -0.20
N VAL A 233 -13.19 40.58 0.62
CA VAL A 233 -11.77 40.46 0.58
C VAL A 233 -11.32 39.83 1.87
N LYS A 234 -10.50 38.80 1.80
CA LYS A 234 -9.99 38.17 3.06
C LYS A 234 -9.13 39.19 3.73
N PRO A 235 -9.41 39.50 5.02
CA PRO A 235 -8.90 40.69 5.63
C PRO A 235 -7.50 40.56 6.19
N TRP A 236 -6.59 39.84 5.56
CA TRP A 236 -5.23 39.79 6.09
C TRP A 236 -4.37 40.23 4.90
N ILE A 237 -3.39 41.08 5.16
CA ILE A 237 -2.38 41.41 4.14
C ILE A 237 -1.33 40.30 4.06
N SER A 238 -0.80 40.08 2.84
CA SER A 238 0.12 38.94 2.58
C SER A 238 1.40 39.45 1.89
N ALA A 239 2.52 39.14 2.49
CA ALA A 239 3.85 39.57 1.98
C ALA A 239 4.21 38.83 0.73
N TYR A 240 4.07 37.53 0.70
CA TYR A 240 4.47 36.80 -0.53
C TYR A 240 3.61 37.25 -1.73
N THR A 241 2.32 37.41 -1.52
CA THR A 241 1.39 37.88 -2.50
C THR A 241 1.83 39.22 -3.05
N THR A 242 2.18 40.10 -2.11
CA THR A 242 2.61 41.45 -2.49
C THR A 242 3.91 41.43 -3.23
N ALA A 243 4.87 40.68 -2.73
CA ALA A 243 6.22 40.67 -3.33
C ALA A 243 6.18 40.17 -4.77
N TRP A 244 5.48 39.08 -5.00
CA TRP A 244 5.31 38.54 -6.35
C TRP A 244 4.61 39.54 -7.23
N THR A 245 3.50 40.05 -6.81
CA THR A 245 2.72 40.99 -7.60
C THR A 245 3.48 42.27 -7.94
N LEU A 246 4.13 42.88 -6.96
CA LEU A 246 4.91 44.07 -7.27
C LEU A 246 6.07 43.74 -8.23
N ALA A 247 6.65 42.56 -8.13
CA ALA A 247 7.73 42.23 -9.01
C ALA A 247 7.27 42.16 -10.48
N MET A 248 6.18 41.44 -10.73
CA MET A 248 5.70 41.34 -12.08
C MET A 248 5.11 42.70 -12.62
N VAL A 249 4.38 43.39 -11.78
CA VAL A 249 3.87 44.67 -12.18
C VAL A 249 4.99 45.70 -12.53
N HIS A 250 6.16 45.57 -11.92
CA HIS A 250 7.26 46.52 -12.21
C HIS A 250 7.68 46.41 -13.62
N GLY A 251 7.41 45.29 -14.29
CA GLY A 251 7.72 45.16 -15.72
C GLY A 251 6.63 45.75 -16.61
N MET A 252 5.47 46.11 -16.04
CA MET A 252 4.36 46.67 -16.82
C MET A 252 4.16 48.18 -16.49
N ASP A 253 4.14 48.50 -15.22
CA ASP A 253 3.95 49.90 -14.72
C ASP A 253 4.95 50.08 -13.59
N PRO A 254 6.22 50.36 -13.94
CA PRO A 254 7.20 50.46 -12.88
C PRO A 254 6.84 51.47 -11.78
N ALA A 255 6.15 52.53 -12.16
CA ALA A 255 5.76 53.53 -11.13
C ALA A 255 4.89 52.99 -10.02
N PHE A 256 3.95 52.10 -10.41
CA PHE A 256 3.11 51.43 -9.44
C PHE A 256 3.93 50.72 -8.39
N SER A 257 4.86 49.87 -8.82
CA SER A 257 5.68 49.17 -7.84
C SER A 257 6.61 50.04 -7.07
N GLU A 258 7.17 51.03 -7.72
CA GLU A 258 8.04 51.99 -7.06
C GLU A 258 7.34 52.75 -5.91
N ARG A 259 6.08 53.10 -6.14
CA ARG A 259 5.27 53.78 -5.13
C ARG A 259 5.09 52.94 -3.86
N TYR A 260 4.85 51.62 -4.01
CA TYR A 260 4.49 50.80 -2.85
C TYR A 260 5.69 50.14 -2.19
N TYR A 261 6.79 50.07 -2.91
CA TYR A 261 7.90 49.23 -2.48
C TYR A 261 8.47 49.64 -1.11
N PRO A 262 8.69 50.92 -0.89
CA PRO A 262 9.28 51.27 0.45
C PRO A 262 8.31 50.97 1.57
N ARG A 263 7.04 51.13 1.31
CA ARG A 263 6.00 50.80 2.28
C ARG A 263 5.90 49.33 2.59
N PHE A 264 5.91 48.49 1.53
CA PHE A 264 6.01 47.07 1.65
C PHE A 264 7.19 46.70 2.55
N LYS A 265 8.37 47.28 2.33
CA LYS A 265 9.52 46.90 3.17
C LYS A 265 9.32 47.22 4.66
N GLN A 266 8.78 48.41 4.90
CA GLN A 266 8.54 48.85 6.28
C GLN A 266 7.50 47.93 6.94
N THR A 267 6.48 47.49 6.19
CA THR A 267 5.43 46.62 6.69
C THR A 267 5.92 45.20 7.07
N PHE A 268 6.77 44.60 6.23
CA PHE A 268 7.06 43.22 6.35
C PHE A 268 8.50 42.82 6.63
N VAL A 269 9.47 43.64 6.32
CA VAL A 269 10.85 43.15 6.28
C VAL A 269 11.54 43.43 7.60
N GLU A 270 12.15 42.42 8.20
CA GLU A 270 12.91 42.57 9.44
C GLU A 270 14.40 42.41 9.12
N VAL A 271 15.18 43.45 9.32
CA VAL A 271 16.64 43.38 9.18
C VAL A 271 17.17 42.86 10.53
N TYR A 272 18.13 41.93 10.51
CA TYR A 272 18.66 41.40 11.73
C TYR A 272 20.16 41.08 11.56
N ASP A 273 20.77 40.56 12.62
CA ASP A 273 22.21 40.15 12.57
C ASP A 273 23.11 41.32 12.14
N GLU A 274 22.90 42.44 12.85
CA GLU A 274 23.73 43.64 12.67
C GLU A 274 23.66 44.20 11.26
N GLY A 275 22.51 44.02 10.59
CA GLY A 275 22.37 44.55 9.27
C GLY A 275 22.82 43.59 8.17
N ARG A 276 23.36 42.44 8.52
CA ARG A 276 23.81 41.46 7.53
C ARG A 276 22.69 40.64 6.88
N LYS A 277 21.56 40.45 7.61
CA LYS A 277 20.54 39.51 7.17
C LYS A 277 19.16 40.18 7.22
N ALA A 278 18.21 39.60 6.56
CA ALA A 278 16.81 40.05 6.59
C ALA A 278 15.89 38.85 6.43
N ARG A 279 14.69 38.94 7.00
CA ARG A 279 13.68 37.91 6.86
C ARG A 279 12.34 38.60 6.83
N VAL A 280 11.35 37.97 6.21
CA VAL A 280 10.10 38.65 5.88
C VAL A 280 8.93 37.98 6.63
N ARG A 281 8.15 38.81 7.33
CA ARG A 281 6.90 38.38 7.99
C ARG A 281 5.86 38.22 6.87
N GLU A 282 5.03 37.18 6.94
CA GLU A 282 3.99 36.97 5.94
C GLU A 282 2.76 37.82 6.04
N THR A 283 2.40 38.22 7.26
CA THR A 283 1.23 39.02 7.50
C THR A 283 1.51 40.08 8.57
N ALA A 284 0.55 40.94 8.79
CA ALA A 284 0.61 41.89 9.91
C ALA A 284 0.34 41.24 11.26
N GLY A 285 0.75 41.93 12.32
CA GLY A 285 0.34 41.52 13.72
C GLY A 285 1.07 40.31 14.22
N THR A 286 2.25 40.05 13.68
CA THR A 286 3.06 38.93 14.12
C THR A 286 4.49 39.36 14.08
N ASP A 287 5.34 38.69 14.88
CA ASP A 287 6.81 38.81 14.73
C ASP A 287 7.40 37.64 13.97
N ASP A 288 6.63 36.62 13.68
CA ASP A 288 7.16 35.42 13.04
C ASP A 288 7.46 35.72 11.54
N ALA A 289 8.56 35.18 11.06
CA ALA A 289 8.93 35.24 9.63
C ALA A 289 8.44 34.05 8.86
N ASP A 290 8.09 34.25 7.58
CA ASP A 290 7.83 33.14 6.66
C ASP A 290 6.74 32.16 7.11
N GLY A 291 5.69 32.73 7.70
CA GLY A 291 4.47 31.98 7.96
C GLY A 291 3.71 31.67 6.66
N GLY A 292 2.54 31.06 6.81
CA GLY A 292 1.66 30.83 5.68
C GLY A 292 2.29 29.78 4.79
N VAL A 293 2.35 30.08 3.48
CA VAL A 293 2.97 29.14 2.52
C VAL A 293 4.50 29.11 2.67
N GLY A 294 5.06 30.04 3.43
CA GLY A 294 6.49 29.97 3.81
C GLY A 294 7.44 30.59 2.77
N LEU A 295 6.90 31.43 1.91
CA LEU A 295 7.60 31.96 0.72
C LEU A 295 7.80 33.45 0.72
N ALA A 296 7.45 34.11 1.81
CA ALA A 296 7.61 35.58 1.85
C ALA A 296 9.06 36.03 1.57
N SER A 297 10.04 35.42 2.23
CA SER A 297 11.45 35.86 2.06
C SER A 297 11.95 35.55 0.64
N ALA A 298 11.63 34.37 0.13
CA ALA A 298 12.06 33.97 -1.22
C ALA A 298 11.42 34.85 -2.30
N PHE A 299 10.09 35.13 -2.22
CA PHE A 299 9.54 36.04 -3.19
C PHE A 299 10.10 37.46 -3.02
N THR A 300 10.39 37.87 -1.78
CA THR A 300 10.99 39.20 -1.58
C THR A 300 12.40 39.26 -2.19
N LEU A 301 13.11 38.15 -2.22
CA LEU A 301 14.41 38.11 -2.88
C LEU A 301 14.26 38.41 -4.37
N LEU A 302 13.27 37.78 -5.02
CA LEU A 302 12.94 38.10 -6.37
C LEU A 302 12.58 39.61 -6.54
N LEU A 303 11.71 40.14 -5.67
CA LEU A 303 11.34 41.55 -5.72
C LEU A 303 12.55 42.47 -5.61
N ALA A 304 13.42 42.19 -4.63
CA ALA A 304 14.61 43.01 -4.46
C ALA A 304 15.47 43.02 -5.73
N ARG A 305 15.61 41.85 -6.32
CA ARG A 305 16.31 41.76 -7.63
C ARG A 305 15.64 42.61 -8.69
N GLU A 306 14.33 42.50 -8.82
CA GLU A 306 13.58 43.28 -9.78
C GLU A 306 13.73 44.74 -9.58
N MET A 307 13.74 45.19 -8.33
CA MET A 307 13.77 46.63 -8.01
C MET A 307 15.19 47.15 -8.00
N GLY A 308 16.21 46.28 -8.15
CA GLY A 308 17.60 46.70 -8.14
C GLY A 308 18.13 46.97 -6.74
N ASP A 309 17.51 46.40 -5.71
CA ASP A 309 17.86 46.67 -4.32
C ASP A 309 18.91 45.66 -3.86
N GLN A 310 20.17 45.95 -4.15
CA GLN A 310 21.22 45.05 -3.84
C GLN A 310 21.41 44.78 -2.37
N GLN A 311 21.20 45.79 -1.53
CA GLN A 311 21.40 45.56 -0.10
C GLN A 311 20.37 44.60 0.44
N LEU A 312 19.07 44.76 0.08
CA LEU A 312 18.08 43.80 0.59
C LEU A 312 18.27 42.40 0.00
N PHE A 313 18.67 42.35 -1.28
CA PHE A 313 18.95 41.07 -1.93
C PHE A 313 20.01 40.33 -1.11
N ASP A 314 21.10 41.02 -0.81
CA ASP A 314 22.20 40.42 -0.05
C ASP A 314 21.74 39.92 1.32
N GLN A 315 20.92 40.74 1.97
CA GLN A 315 20.46 40.37 3.32
C GLN A 315 19.56 39.13 3.29
N LEU A 316 18.66 39.05 2.30
CA LEU A 316 17.75 38.00 2.21
C LEU A 316 18.49 36.72 1.83
N LEU A 317 19.43 36.83 0.91
CA LEU A 317 20.15 35.61 0.50
C LEU A 317 21.01 35.12 1.64
N ASN A 318 21.57 36.03 2.47
CA ASN A 318 22.32 35.59 3.66
C ASN A 318 21.43 34.85 4.68
N HIS A 319 20.13 35.18 4.70
CA HIS A 319 19.16 34.46 5.56
C HIS A 319 18.78 33.13 4.97
N LEU A 320 18.55 33.09 3.65
CA LEU A 320 18.01 31.92 3.02
C LEU A 320 19.03 30.79 2.69
N GLU A 321 20.20 31.18 2.16
CA GLU A 321 21.07 30.17 1.52
C GLU A 321 21.95 29.42 2.48
N PRO A 322 22.68 30.12 3.36
CA PRO A 322 23.62 29.38 4.26
C PRO A 322 22.97 28.25 5.07
N PRO A 323 21.77 28.43 5.63
CA PRO A 323 21.25 27.30 6.46
C PRO A 323 20.79 26.12 5.65
N ALA A 324 20.54 26.37 4.35
CA ALA A 324 20.15 25.29 3.49
C ALA A 324 21.35 24.42 3.06
N LYS A 325 22.57 24.86 3.35
CA LYS A 325 23.79 24.07 3.19
C LYS A 325 23.96 23.63 1.73
N PRO A 326 24.17 24.61 0.85
CA PRO A 326 24.49 24.28 -0.53
C PRO A 326 25.79 23.45 -0.61
N SER A 327 25.86 22.52 -1.57
CA SER A 327 27.18 22.11 -2.02
C SER A 327 27.17 21.86 -3.52
N ILE A 328 28.33 21.92 -4.10
CA ILE A 328 28.53 21.63 -5.48
C ILE A 328 29.40 20.38 -5.59
N VAL A 329 28.80 19.34 -6.12
CA VAL A 329 29.42 18.01 -6.17
C VAL A 329 29.40 17.64 -7.64
N SER A 330 30.57 17.34 -8.23
CA SER A 330 30.64 17.02 -9.64
C SER A 330 29.99 18.17 -10.47
N ALA A 331 30.30 19.43 -10.08
CA ALA A 331 29.90 20.64 -10.76
C ALA A 331 28.35 20.80 -10.85
N SER A 332 27.64 20.20 -9.91
CA SER A 332 26.19 20.30 -9.87
C SER A 332 25.74 20.72 -8.44
N LEU A 333 24.81 21.64 -8.37
CA LEU A 333 24.39 22.20 -7.10
C LEU A 333 23.31 21.38 -6.43
N ARG A 334 23.43 21.23 -5.11
CA ARG A 334 22.39 20.60 -4.31
C ARG A 334 22.34 21.41 -2.95
N TYR A 335 21.18 21.39 -2.33
CA TYR A 335 20.94 21.88 -0.96
C TYR A 335 20.63 20.69 -0.03
N GLU A 336 21.34 20.55 1.07
CA GLU A 336 21.02 19.56 2.08
C GLU A 336 19.69 19.86 2.80
N HIS A 337 19.36 21.13 3.04
CA HIS A 337 18.24 21.51 3.90
C HIS A 337 17.44 22.70 3.25
N PRO A 338 16.80 22.45 2.10
CA PRO A 338 15.96 23.51 1.49
C PRO A 338 14.97 23.98 2.51
N GLY A 339 14.81 25.31 2.64
CA GLY A 339 14.02 25.83 3.72
C GLY A 339 12.53 25.94 3.42
N SER A 340 12.12 25.73 2.16
CA SER A 340 10.71 25.90 1.79
C SER A 340 10.45 25.07 0.58
N LEU A 341 9.19 25.03 0.20
CA LEU A 341 8.84 24.58 -1.15
C LEU A 341 9.46 25.56 -2.17
N LEU A 342 9.64 25.02 -3.37
CA LEU A 342 10.12 25.83 -4.49
C LEU A 342 11.50 26.50 -4.22
N PHE A 343 12.32 25.89 -3.41
CA PHE A 343 13.51 26.53 -2.95
C PHE A 343 14.57 26.72 -4.04
N ASP A 344 15.02 25.65 -4.67
CA ASP A 344 16.03 25.80 -5.69
C ASP A 344 15.51 26.61 -6.87
N GLU A 345 14.22 26.53 -7.14
CA GLU A 345 13.63 27.26 -8.24
C GLU A 345 13.70 28.77 -8.00
N LEU A 346 13.25 29.18 -6.83
CA LEU A 346 13.22 30.59 -6.53
C LEU A 346 14.60 31.17 -6.30
N LEU A 347 15.54 30.44 -5.67
CA LEU A 347 16.92 30.99 -5.56
C LEU A 347 17.60 31.11 -6.92
N PHE A 348 17.34 30.12 -7.82
CA PHE A 348 17.79 30.22 -9.22
C PHE A 348 17.28 31.47 -9.90
N LEU A 349 15.95 31.62 -9.85
CA LEU A 349 15.29 32.74 -10.50
C LEU A 349 15.85 34.06 -9.98
N ALA A 350 15.94 34.21 -8.65
CA ALA A 350 16.40 35.49 -8.12
C ALA A 350 17.88 35.80 -8.49
N LYS A 351 18.72 34.75 -8.56
CA LYS A 351 20.11 34.93 -8.90
C LYS A 351 20.31 35.44 -10.31
N VAL A 352 19.46 35.00 -11.23
CA VAL A 352 19.65 35.34 -12.65
C VAL A 352 18.75 36.44 -13.16
N HIS A 353 17.71 36.78 -12.37
CA HIS A 353 16.62 37.60 -12.94
C HIS A 353 17.09 38.96 -13.48
N ALA A 354 16.84 39.20 -14.74
CA ALA A 354 17.35 40.40 -15.41
C ALA A 354 16.33 41.54 -15.36
N GLY A 355 15.17 41.30 -14.78
CA GLY A 355 14.06 42.32 -14.79
C GLY A 355 13.01 41.94 -15.81
N PHE A 356 11.73 42.00 -15.46
CA PHE A 356 10.65 41.62 -16.39
C PHE A 356 10.58 42.55 -17.59
N GLY A 357 10.93 43.82 -17.37
CA GLY A 357 11.00 44.76 -18.46
C GLY A 357 12.11 44.42 -19.43
N ALA A 358 13.25 44.01 -18.92
CA ALA A 358 14.39 43.57 -19.81
C ALA A 358 14.01 42.32 -20.60
N LEU A 359 13.25 41.42 -20.01
CA LEU A 359 12.80 40.20 -20.77
C LEU A 359 11.87 40.56 -21.88
N LEU A 360 10.98 41.50 -21.61
CA LEU A 360 10.10 41.98 -22.64
C LEU A 360 10.86 42.53 -23.78
N ARG A 361 12.04 43.10 -23.51
CA ARG A 361 12.87 43.75 -24.51
C ARG A 361 13.97 42.88 -25.08
N MET A 362 13.89 41.56 -24.86
CA MET A 362 14.96 40.67 -25.28
C MET A 362 15.20 40.81 -26.77
N PRO A 363 16.44 41.05 -27.16
CA PRO A 363 16.76 41.12 -28.58
C PRO A 363 16.62 39.78 -29.27
N PRO A 364 16.34 39.79 -30.59
CA PRO A 364 16.11 38.54 -31.31
C PRO A 364 17.33 37.68 -31.34
N PRO A 365 17.14 36.38 -31.57
CA PRO A 365 18.34 35.53 -31.63
C PRO A 365 19.26 35.90 -32.77
N ALA B 2 -12.49 39.10 34.15
CA ALA B 2 -11.42 40.05 33.74
C ALA B 2 -9.91 39.78 34.06
N GLU B 3 -9.58 38.78 34.86
CA GLU B 3 -8.17 38.40 35.02
C GLU B 3 -7.97 37.29 33.97
N LEU B 4 -6.85 37.28 33.30
CA LEU B 4 -6.59 36.23 32.28
C LEU B 4 -6.08 34.96 32.92
N PRO B 5 -6.85 33.86 32.86
CA PRO B 5 -6.39 32.70 33.60
C PRO B 5 -5.21 32.02 32.95
N PRO B 6 -4.49 31.20 33.70
CA PRO B 6 -3.30 30.60 33.11
C PRO B 6 -3.59 29.75 31.84
N GLY B 7 -2.72 29.85 30.84
CA GLY B 7 -2.88 29.16 29.61
C GLY B 7 -4.03 29.67 28.70
N ARG B 8 -4.79 30.69 29.11
CA ARG B 8 -5.90 31.20 28.27
C ARG B 8 -5.43 32.26 27.32
N LEU B 9 -6.13 32.42 26.20
CA LEU B 9 -5.80 33.42 25.20
C LEU B 9 -6.54 34.73 25.41
N ALA B 10 -7.74 34.70 25.94
CA ALA B 10 -8.49 35.91 26.23
C ALA B 10 -9.41 35.61 27.39
N THR B 11 -9.89 36.67 28.07
CA THR B 11 -10.75 36.48 29.22
C THR B 11 -12.19 36.17 28.78
N THR B 12 -12.91 35.56 29.68
CA THR B 12 -14.31 35.28 29.49
C THR B 12 -15.04 36.58 29.23
N GLU B 13 -14.70 37.62 29.99
CA GLU B 13 -15.34 38.90 29.83
C GLU B 13 -15.13 39.40 28.36
N ASP B 14 -13.94 39.22 27.84
CA ASP B 14 -13.65 39.58 26.47
C ASP B 14 -14.47 38.81 25.43
N TYR B 15 -14.66 37.52 25.63
CA TYR B 15 -15.51 36.77 24.69
C TYR B 15 -16.94 37.31 24.74
N PHE B 16 -17.46 37.50 25.95
CA PHE B 16 -18.83 37.91 26.07
C PHE B 16 -19.06 39.36 25.61
N ALA B 17 -18.00 40.14 25.51
CA ALA B 17 -18.11 41.54 25.12
C ALA B 17 -17.86 41.78 23.59
N GLN B 18 -17.53 40.74 22.84
CA GLN B 18 -17.24 40.89 21.41
C GLN B 18 -18.36 41.66 20.65
N GLN B 19 -19.59 41.25 20.85
CA GLN B 19 -20.70 41.82 20.11
C GLN B 19 -20.86 43.31 20.51
N ALA B 20 -20.74 43.63 21.80
CA ALA B 20 -20.79 45.03 22.21
C ALA B 20 -19.66 45.88 21.67
N LYS B 21 -18.48 45.32 21.47
CA LYS B 21 -17.36 46.02 20.92
C LYS B 21 -17.33 45.99 19.41
N GLN B 22 -18.23 45.23 18.78
CA GLN B 22 -18.21 45.01 17.32
C GLN B 22 -16.88 44.57 16.85
N ALA B 23 -16.25 43.66 17.60
CA ALA B 23 -14.99 43.16 17.20
C ALA B 23 -14.77 41.75 17.79
N VAL B 24 -14.23 40.84 16.98
CA VAL B 24 -13.81 39.57 17.54
C VAL B 24 -12.49 39.73 18.30
N THR B 25 -12.21 38.82 19.26
CA THR B 25 -10.92 38.90 20.00
C THR B 25 -9.80 38.47 19.05
N PRO B 26 -8.56 38.84 19.37
CA PRO B 26 -7.45 38.44 18.49
C PRO B 26 -7.32 36.95 18.28
N ASP B 27 -7.57 36.13 19.31
CA ASP B 27 -7.51 34.71 19.10
C ASP B 27 -8.58 34.16 18.19
N VAL B 28 -9.78 34.73 18.25
CA VAL B 28 -10.83 34.36 17.29
C VAL B 28 -10.42 34.75 15.87
N MET B 29 -9.86 35.96 15.73
CA MET B 29 -9.31 36.34 14.41
C MET B 29 -8.27 35.35 13.95
N ALA B 30 -7.39 34.88 14.85
CA ALA B 30 -6.36 33.85 14.48
C ALA B 30 -6.96 32.52 14.09
N GLN B 31 -8.09 32.14 14.69
CA GLN B 31 -8.84 30.99 14.26
C GLN B 31 -9.41 31.17 12.88
N LEU B 32 -9.92 32.36 12.59
CA LEU B 32 -10.45 32.67 11.25
C LEU B 32 -9.28 32.65 10.20
N ALA B 33 -8.09 33.03 10.62
CA ALA B 33 -6.89 32.87 9.77
C ALA B 33 -6.54 31.41 9.54
N TYR B 34 -6.53 30.58 10.55
CA TYR B 34 -6.42 29.17 10.34
C TYR B 34 -7.41 28.72 9.29
N MET B 35 -8.65 29.17 9.45
CA MET B 35 -9.69 28.72 8.60
C MET B 35 -9.52 29.13 7.16
N ASN B 36 -8.96 30.32 6.91
CA ASN B 36 -9.01 30.94 5.60
C ASN B 36 -7.68 31.17 4.86
N TYR B 37 -6.53 31.12 5.60
CA TYR B 37 -5.30 31.78 5.10
C TYR B 37 -4.48 31.02 4.03
N ILE B 38 -4.06 29.82 4.39
CA ILE B 38 -3.06 29.10 3.60
C ILE B 38 -3.70 28.46 2.37
N ASP B 39 -3.08 28.73 1.22
CA ASP B 39 -3.53 28.06 -0.02
C ASP B 39 -3.67 26.55 0.07
N PHE B 40 -4.77 26.05 -0.51
CA PHE B 40 -5.10 24.66 -0.67
C PHE B 40 -5.44 23.86 0.58
N ILE B 41 -4.74 24.10 1.69
CA ILE B 41 -4.87 23.32 2.87
C ILE B 41 -5.75 23.94 3.97
N SER B 42 -6.15 25.20 3.84
CA SER B 42 -7.07 25.79 4.83
C SER B 42 -8.47 25.25 4.51
N PRO B 43 -9.31 25.09 5.55
CA PRO B 43 -10.61 24.46 5.26
C PRO B 43 -11.53 25.27 4.37
N PHE B 44 -11.40 26.60 4.42
CA PHE B 44 -12.20 27.50 3.64
C PHE B 44 -11.40 28.14 2.51
N TYR B 45 -10.48 27.35 1.93
CA TYR B 45 -9.76 27.79 0.74
C TYR B 45 -10.61 27.96 -0.53
N SER B 46 -11.41 26.96 -0.83
CA SER B 46 -12.32 27.04 -1.98
C SER B 46 -13.57 26.23 -1.84
N ARG B 47 -14.50 26.51 -2.74
CA ARG B 47 -15.75 25.76 -2.86
C ARG B 47 -15.59 24.33 -3.38
N GLY B 48 -14.42 23.99 -3.89
CA GLY B 48 -14.27 22.59 -4.38
C GLY B 48 -14.56 21.43 -3.39
N CYS B 49 -14.69 20.22 -3.94
CA CYS B 49 -14.76 19.01 -3.15
C CYS B 49 -13.39 18.54 -2.75
N SER B 50 -12.65 19.40 -2.12
CA SER B 50 -11.32 19.10 -1.67
C SER B 50 -11.31 19.18 -0.14
N PHE B 51 -10.67 18.24 0.55
CA PHE B 51 -10.77 18.11 2.02
C PHE B 51 -9.44 17.93 2.63
N GLU B 52 -8.42 18.53 2.03
CA GLU B 52 -7.04 18.51 2.65
C GLU B 52 -6.94 18.94 4.07
N ALA B 53 -7.65 20.00 4.44
CA ALA B 53 -7.59 20.47 5.79
C ALA B 53 -8.00 19.41 6.79
N TRP B 54 -9.01 18.65 6.41
CA TRP B 54 -9.54 17.61 7.30
C TRP B 54 -8.60 16.37 7.30
N GLU B 55 -7.99 16.12 6.17
CA GLU B 55 -6.97 15.02 6.05
C GLU B 55 -5.86 15.33 6.96
N LEU B 56 -5.39 16.57 7.00
CA LEU B 56 -4.29 16.93 7.86
C LEU B 56 -4.55 16.81 9.37
N LYS B 57 -5.79 17.05 9.77
CA LYS B 57 -6.17 16.88 11.18
C LYS B 57 -6.72 15.50 11.51
N HIS B 58 -6.69 14.58 10.57
CA HIS B 58 -7.13 13.19 10.74
C HIS B 58 -8.63 13.07 11.06
N THR B 59 -9.43 13.96 10.51
CA THR B 59 -10.87 13.92 10.76
C THR B 59 -11.41 12.66 10.15
N PRO B 60 -12.07 11.83 10.96
CA PRO B 60 -12.75 10.69 10.36
C PRO B 60 -13.82 11.16 9.35
N GLN B 61 -14.01 10.39 8.30
CA GLN B 61 -15.06 10.72 7.30
C GLN B 61 -16.38 11.06 7.92
N ARG B 62 -16.85 10.24 8.82
CA ARG B 62 -18.20 10.44 9.37
C ARG B 62 -18.37 11.76 10.17
N VAL B 63 -17.27 12.38 10.60
CA VAL B 63 -17.24 13.57 11.41
C VAL B 63 -17.19 14.87 10.54
N ILE B 64 -16.81 14.75 9.28
CA ILE B 64 -16.62 15.94 8.40
C ILE B 64 -17.88 16.78 8.35
N LYS B 65 -19.03 16.14 8.24
CA LYS B 65 -20.31 16.91 8.20
C LYS B 65 -20.57 17.77 9.46
N TYR B 66 -20.13 17.26 10.60
CA TYR B 66 -20.25 17.98 11.87
C TYR B 66 -19.24 19.15 11.96
N SER B 67 -18.00 18.91 11.49
CA SER B 67 -17.00 19.96 11.46
C SER B 67 -17.47 21.14 10.63
N ILE B 68 -17.97 20.89 9.44
CA ILE B 68 -18.40 21.94 8.57
C ILE B 68 -19.57 22.70 9.19
N ALA B 69 -20.55 21.96 9.71
CA ALA B 69 -21.70 22.60 10.35
C ALA B 69 -21.35 23.46 11.53
N PHE B 70 -20.45 22.98 12.39
CA PHE B 70 -20.06 23.76 13.57
C PHE B 70 -19.27 24.98 13.21
N TYR B 71 -18.41 24.86 12.20
CA TYR B 71 -17.81 26.07 11.66
C TYR B 71 -18.85 27.07 11.17
N ALA B 72 -19.82 26.56 10.43
CA ALA B 72 -20.88 27.42 9.89
C ALA B 72 -21.66 28.09 10.98
N TYR B 73 -21.97 27.34 12.04
CA TYR B 73 -22.68 27.99 13.14
C TYR B 73 -21.89 29.15 13.75
N GLY B 74 -20.60 28.95 13.93
CA GLY B 74 -19.75 30.00 14.48
C GLY B 74 -19.66 31.19 13.55
N LEU B 75 -19.52 30.89 12.26
CA LEU B 75 -19.41 31.95 11.26
C LEU B 75 -20.64 32.85 11.27
N ALA B 76 -21.83 32.30 11.51
CA ALA B 76 -23.01 33.15 11.59
C ALA B 76 -22.93 34.13 12.73
N SER B 77 -22.39 33.73 13.88
CA SER B 77 -22.16 34.67 14.98
C SER B 77 -21.06 35.71 14.66
N VAL B 78 -20.01 35.33 13.95
CA VAL B 78 -18.98 36.31 13.55
C VAL B 78 -19.65 37.44 12.74
N ALA B 79 -20.55 37.05 11.84
CA ALA B 79 -21.32 38.03 11.07
C ALA B 79 -22.08 39.02 11.92
N LEU B 80 -22.63 38.54 12.99
CA LEU B 80 -23.36 39.35 13.88
C LEU B 80 -22.47 40.21 14.77
N ILE B 81 -21.32 39.71 15.11
CA ILE B 81 -20.34 40.43 15.99
C ILE B 81 -19.77 41.64 15.31
N ASP B 82 -19.19 41.45 14.13
CA ASP B 82 -18.42 42.49 13.43
C ASP B 82 -18.92 42.68 12.00
N PRO B 83 -19.61 43.80 11.71
CA PRO B 83 -20.10 44.05 10.36
C PRO B 83 -19.01 44.06 9.33
N LYS B 84 -17.79 44.39 9.74
CA LYS B 84 -16.67 44.36 8.79
C LYS B 84 -16.19 42.97 8.44
N LEU B 85 -16.63 41.95 9.20
CA LEU B 85 -16.34 40.57 8.84
C LEU B 85 -17.54 39.83 8.25
N ARG B 86 -18.62 40.52 8.03
CA ARG B 86 -19.82 39.89 7.59
C ARG B 86 -19.66 39.32 6.20
N ALA B 87 -18.96 40.05 5.34
CA ALA B 87 -18.78 39.54 3.97
C ALA B 87 -17.89 38.29 3.97
N LEU B 88 -16.83 38.30 4.77
CA LEU B 88 -15.99 37.15 4.92
C LEU B 88 -16.81 35.93 5.44
N ALA B 89 -17.60 36.16 6.50
CA ALA B 89 -18.40 35.13 7.04
C ALA B 89 -19.33 34.51 5.98
N GLY B 90 -20.01 35.38 5.21
CA GLY B 90 -20.85 34.98 4.10
C GLY B 90 -20.14 34.12 3.08
N HIS B 91 -18.94 34.58 2.70
CA HIS B 91 -18.07 33.82 1.81
C HIS B 91 -17.75 32.41 2.33
N ASP B 92 -17.32 32.35 3.58
CA ASP B 92 -17.06 31.08 4.20
C ASP B 92 -18.30 30.17 4.29
N LEU B 93 -19.45 30.75 4.59
CA LEU B 93 -20.70 29.98 4.61
C LEU B 93 -21.07 29.44 3.25
N ASP B 94 -20.79 30.19 2.19
CA ASP B 94 -20.99 29.74 0.83
C ASP B 94 -20.13 28.51 0.58
N ILE B 95 -18.86 28.58 0.98
CA ILE B 95 -17.97 27.42 0.92
C ILE B 95 -18.47 26.25 1.74
N ALA B 96 -18.89 26.52 2.96
CA ALA B 96 -19.36 25.49 3.83
C ALA B 96 -20.55 24.73 3.21
N VAL B 97 -21.51 25.45 2.66
CA VAL B 97 -22.65 24.80 2.01
C VAL B 97 -22.11 23.96 0.81
N SER B 98 -21.27 24.55 -0.03
CA SER B 98 -20.74 23.84 -1.17
CA SER B 98 -20.69 23.84 -1.22
C SER B 98 -20.05 22.53 -0.79
N LYS B 99 -19.21 22.60 0.23
CA LYS B 99 -18.51 21.39 0.71
C LYS B 99 -19.44 20.34 1.30
N MET B 100 -20.43 20.82 2.03
CA MET B 100 -21.35 19.97 2.72
C MET B 100 -22.03 19.07 1.70
N LYS B 101 -22.20 19.55 0.46
CA LYS B 101 -22.88 18.78 -0.61
C LYS B 101 -22.02 17.76 -1.34
N CYS B 102 -20.75 17.71 -1.04
CA CYS B 102 -19.81 16.77 -1.68
C CYS B 102 -20.01 15.36 -1.14
N LYS B 103 -19.90 14.37 -2.03
CA LYS B 103 -20.11 13.00 -1.61
C LYS B 103 -19.13 12.49 -0.55
N ARG B 104 -17.96 13.07 -0.46
CA ARG B 104 -17.04 12.73 0.60
C ARG B 104 -17.68 12.97 1.97
N VAL B 105 -18.58 13.97 2.05
CA VAL B 105 -19.26 14.33 3.29
C VAL B 105 -20.48 13.48 3.62
N TRP B 106 -21.39 13.29 2.66
CA TRP B 106 -22.61 12.55 2.87
C TRP B 106 -22.56 11.05 2.47
N GLY B 107 -21.49 10.66 1.81
CA GLY B 107 -21.43 9.32 1.17
C GLY B 107 -21.45 8.09 2.07
N ASP B 108 -21.20 8.27 3.38
CA ASP B 108 -21.44 7.20 4.31
C ASP B 108 -22.83 6.63 4.24
N TRP B 109 -23.82 7.45 3.89
CA TRP B 109 -25.16 7.01 3.77
C TRP B 109 -25.30 5.90 2.74
N GLU B 110 -24.68 6.11 1.61
CA GLU B 110 -24.67 5.09 0.58
C GLU B 110 -23.78 3.89 0.93
N GLU B 111 -22.57 4.15 1.37
CA GLU B 111 -21.65 3.06 1.75
C GLU B 111 -22.24 2.13 2.83
N ASP B 112 -22.99 2.67 3.77
CA ASP B 112 -23.62 1.84 4.78
C ASP B 112 -24.83 1.06 4.24
N GLY B 113 -25.29 1.30 3.01
CA GLY B 113 -26.40 0.58 2.45
C GLY B 113 -27.76 1.23 2.63
N PHE B 114 -27.81 2.49 3.06
CA PHE B 114 -29.10 3.11 3.36
C PHE B 114 -29.79 3.78 2.17
N GLY B 115 -29.04 4.04 1.12
CA GLY B 115 -29.59 4.66 -0.07
C GLY B 115 -28.58 5.46 -0.87
N THR B 116 -28.93 5.81 -2.11
CA THR B 116 -28.04 6.57 -2.92
C THR B 116 -28.29 8.08 -2.81
N ASP B 117 -29.40 8.47 -2.23
CA ASP B 117 -29.79 9.89 -2.11
C ASP B 117 -29.82 10.23 -0.60
N PRO B 118 -28.99 11.16 -0.14
CA PRO B 118 -28.86 11.46 1.30
C PRO B 118 -29.97 12.39 1.86
N ILE B 119 -30.84 12.92 1.05
CA ILE B 119 -31.87 13.75 1.62
C ILE B 119 -33.32 13.24 1.44
N GLU B 120 -33.54 12.30 0.55
CA GLU B 120 -34.95 11.93 0.27
C GLU B 120 -35.74 11.44 1.46
N LYS B 121 -35.08 10.66 2.36
CA LYS B 121 -35.74 10.26 3.58
C LYS B 121 -34.71 10.03 4.67
N GLU B 122 -35.15 10.14 5.92
CA GLU B 122 -34.27 9.80 7.08
C GLU B 122 -33.04 10.70 7.06
N ASN B 123 -31.91 10.23 7.62
CA ASN B 123 -30.68 10.92 7.58
C ASN B 123 -30.71 12.37 8.12
N ILE B 124 -31.47 12.59 9.17
CA ILE B 124 -31.73 13.93 9.65
C ILE B 124 -30.45 14.61 10.19
N MET B 125 -29.46 13.86 10.63
CA MET B 125 -28.26 14.59 11.08
C MET B 125 -27.62 15.33 9.90
N TYR B 126 -27.42 14.61 8.80
CA TYR B 126 -26.90 15.28 7.62
C TYR B 126 -27.81 16.43 7.13
N LYS B 127 -29.07 16.09 6.82
CA LYS B 127 -29.89 17.04 6.12
C LYS B 127 -30.48 18.16 7.02
N GLY B 128 -30.54 17.92 8.32
CA GLY B 128 -30.85 18.93 9.28
C GLY B 128 -29.75 19.99 9.33
N HIS B 129 -28.48 19.59 9.49
CA HIS B 129 -27.44 20.53 9.44
C HIS B 129 -27.44 21.28 8.09
N LEU B 130 -27.52 20.56 6.96
CA LEU B 130 -27.51 21.22 5.67
C LEU B 130 -28.62 22.28 5.62
N ASN B 131 -29.80 21.96 6.13
CA ASN B 131 -30.92 22.89 6.00
C ASN B 131 -30.71 24.09 6.87
N LEU B 132 -30.12 23.88 8.03
CA LEU B 132 -29.80 25.03 8.91
C LEU B 132 -28.78 25.91 8.24
N MET B 133 -27.79 25.29 7.65
CA MET B 133 -26.74 26.01 6.94
C MET B 133 -27.26 26.86 5.76
N TYR B 134 -28.18 26.30 4.93
CA TYR B 134 -28.80 27.04 3.87
C TYR B 134 -29.41 28.32 4.46
N GLY B 135 -30.09 28.17 5.59
CA GLY B 135 -30.77 29.34 6.17
C GLY B 135 -29.81 30.36 6.76
N LEU B 136 -28.79 29.88 7.47
CA LEU B 136 -27.80 30.84 8.02
C LEU B 136 -27.07 31.57 6.93
N TYR B 137 -26.72 30.86 5.84
CA TYR B 137 -26.07 31.51 4.68
C TYR B 137 -26.93 32.70 4.19
N GLN B 138 -28.23 32.44 4.06
CA GLN B 138 -29.10 33.47 3.52
C GLN B 138 -29.34 34.61 4.53
N LEU B 139 -29.41 34.32 5.81
CA LEU B 139 -29.51 35.39 6.82
C LEU B 139 -28.30 36.31 6.78
N VAL B 140 -27.12 35.71 6.65
CA VAL B 140 -25.86 36.43 6.68
C VAL B 140 -25.71 37.31 5.41
N THR B 141 -26.02 36.76 4.23
CA THR B 141 -25.65 37.34 2.99
C THR B 141 -26.80 38.07 2.28
N GLY B 142 -28.04 37.70 2.53
CA GLY B 142 -29.16 38.13 1.69
C GLY B 142 -29.23 37.47 0.33
N SER B 143 -28.32 36.58 0.03
CA SER B 143 -28.27 35.94 -1.26
C SER B 143 -29.31 34.79 -1.35
N ARG B 144 -29.94 34.66 -2.53
CA ARG B 144 -30.79 33.49 -2.91
C ARG B 144 -30.12 32.36 -3.64
N ARG B 145 -28.83 32.30 -3.60
CA ARG B 145 -28.08 31.35 -4.36
C ARG B 145 -28.57 29.94 -4.11
N TYR B 146 -28.88 29.64 -2.84
CA TYR B 146 -29.33 28.28 -2.46
C TYR B 146 -30.83 28.21 -2.12
N GLU B 147 -31.60 29.26 -2.41
CA GLU B 147 -33.02 29.31 -1.93
C GLU B 147 -33.82 28.16 -2.53
N ALA B 148 -33.58 27.86 -3.82
CA ALA B 148 -34.38 26.80 -4.44
C ALA B 148 -34.20 25.46 -3.70
N GLU B 149 -32.95 25.16 -3.36
CA GLU B 149 -32.62 23.97 -2.61
C GLU B 149 -33.14 24.02 -1.21
N HIS B 150 -33.05 25.20 -0.57
CA HIS B 150 -33.56 25.39 0.81
C HIS B 150 -35.08 25.17 0.89
N ALA B 151 -35.81 25.70 -0.13
CA ALA B 151 -37.25 25.52 -0.21
C ALA B 151 -37.64 24.06 -0.35
N HIS B 152 -36.86 23.34 -1.14
CA HIS B 152 -37.11 21.88 -1.34
C HIS B 152 -36.81 21.07 -0.11
N LEU B 153 -35.65 21.30 0.48
CA LEU B 153 -35.24 20.53 1.68
C LEU B 153 -36.14 20.80 2.89
N THR B 154 -36.57 22.05 3.10
CA THR B 154 -37.46 22.37 4.16
C THR B 154 -38.76 21.63 4.03
N ARG B 155 -39.22 21.52 2.78
CA ARG B 155 -40.49 20.83 2.54
C ARG B 155 -40.32 19.28 2.70
N ILE B 156 -39.18 18.72 2.34
CA ILE B 156 -38.96 17.30 2.61
C ILE B 156 -38.99 16.99 4.11
N ILE B 157 -38.32 17.87 4.88
CA ILE B 157 -38.34 17.74 6.35
C ILE B 157 -39.74 17.87 6.97
N HIS B 158 -40.45 18.94 6.58
CA HIS B 158 -41.78 19.14 7.05
C HIS B 158 -42.72 17.97 6.72
N ASP B 159 -42.61 17.47 5.49
CA ASP B 159 -43.45 16.33 5.07
C ASP B 159 -43.16 15.05 5.86
N GLU B 160 -41.86 14.76 6.10
CA GLU B 160 -41.46 13.61 6.85
C GLU B 160 -41.89 13.68 8.32
N ILE B 161 -41.77 14.86 8.96
CA ILE B 161 -42.32 15.04 10.27
C ILE B 161 -43.86 14.78 10.25
N ALA B 162 -44.58 15.29 9.26
CA ALA B 162 -46.04 15.15 9.24
C ALA B 162 -46.43 13.66 9.04
N ALA B 163 -45.63 12.92 8.31
CA ALA B 163 -45.93 11.51 8.00
C ALA B 163 -45.55 10.58 9.13
N ASN B 164 -44.67 10.99 10.04
CA ASN B 164 -44.23 10.06 11.14
C ASN B 164 -45.18 9.99 12.30
N PRO B 165 -45.31 8.79 12.90
CA PRO B 165 -46.16 8.62 14.10
C PRO B 165 -45.51 9.12 15.40
N PHE B 166 -44.19 9.28 15.38
CA PHE B 166 -43.45 9.93 16.49
C PHE B 166 -43.15 11.35 15.97
N ALA B 167 -42.88 12.29 16.86
CA ALA B 167 -42.57 13.69 16.45
C ALA B 167 -41.09 13.77 16.05
N GLY B 168 -40.82 13.90 14.74
CA GLY B 168 -39.42 14.13 14.26
C GLY B 168 -39.08 13.17 13.17
N ILE B 169 -37.78 13.01 12.95
CA ILE B 169 -37.24 12.24 11.90
C ILE B 169 -36.05 11.40 12.45
N VAL B 170 -35.86 10.19 11.93
CA VAL B 170 -34.68 9.37 12.27
C VAL B 170 -33.42 9.75 11.52
N CYS B 171 -32.28 9.26 12.04
CA CYS B 171 -31.01 9.37 11.35
C CYS B 171 -30.85 8.13 10.50
N GLU B 172 -30.03 7.18 10.94
CA GLU B 172 -30.11 5.83 10.26
C GLU B 172 -31.55 5.32 10.46
N PRO B 173 -32.01 4.40 9.62
CA PRO B 173 -33.33 3.86 9.87
C PRO B 173 -33.48 3.29 11.29
N ASP B 174 -34.58 3.59 11.90
CA ASP B 174 -34.81 3.19 13.25
C ASP B 174 -33.93 3.79 14.40
N ASN B 175 -33.16 4.82 14.12
CA ASN B 175 -32.30 5.48 15.16
C ASN B 175 -32.76 6.91 15.29
N TYR B 176 -33.40 7.26 16.39
CA TYR B 176 -33.92 8.58 16.66
C TYR B 176 -33.05 9.24 17.73
N PHE B 177 -32.53 10.42 17.41
CA PHE B 177 -31.68 11.20 18.33
C PHE B 177 -32.27 12.57 18.53
N VAL B 178 -32.41 13.00 19.80
CA VAL B 178 -33.04 14.28 20.07
C VAL B 178 -32.18 15.45 19.58
N GLN B 179 -30.87 15.34 19.74
CA GLN B 179 -29.97 16.40 19.34
C GLN B 179 -30.03 16.64 17.82
N CYS B 180 -30.15 15.59 17.02
CA CYS B 180 -30.20 15.72 15.55
C CYS B 180 -31.50 16.36 15.13
N ASN B 181 -32.59 15.99 15.84
CA ASN B 181 -33.86 16.64 15.59
C ASN B 181 -33.83 18.12 15.96
N SER B 182 -33.14 18.48 17.03
CA SER B 182 -33.14 19.87 17.47
C SER B 182 -32.60 20.79 16.38
N VAL B 183 -31.60 20.32 15.66
CA VAL B 183 -31.04 21.06 14.55
C VAL B 183 -32.12 21.21 13.41
N ALA B 184 -32.80 20.11 13.09
CA ALA B 184 -33.85 20.19 12.03
C ALA B 184 -34.94 21.15 12.36
N TYR B 185 -35.41 21.11 13.57
CA TYR B 185 -36.45 22.02 13.99
C TYR B 185 -35.95 23.45 13.96
N LEU B 186 -34.72 23.71 14.43
CA LEU B 186 -34.21 25.06 14.34
C LEU B 186 -34.16 25.53 12.91
N SER B 187 -33.84 24.63 12.00
CA SER B 187 -33.78 24.98 10.57
C SER B 187 -35.13 25.49 10.05
N LEU B 188 -36.22 25.01 10.63
CA LEU B 188 -37.54 25.42 10.21
C LEU B 188 -37.82 26.81 10.71
N TRP B 189 -37.35 27.12 11.93
CA TRP B 189 -37.47 28.48 12.44
C TRP B 189 -36.73 29.46 11.52
N VAL B 190 -35.52 29.10 11.13
CA VAL B 190 -34.79 29.98 10.29
C VAL B 190 -35.47 30.19 8.91
N TYR B 191 -35.92 29.11 8.32
CA TYR B 191 -36.69 29.24 7.06
C TYR B 191 -37.89 30.18 7.22
N ASP B 192 -38.64 30.01 8.28
CA ASP B 192 -39.75 30.89 8.58
C ASP B 192 -39.35 32.34 8.73
N ARG B 193 -38.22 32.58 9.35
CA ARG B 193 -37.79 33.94 9.51
C ARG B 193 -37.57 34.57 8.15
N LEU B 194 -36.94 33.83 7.27
CA LEU B 194 -36.62 34.33 5.98
C LEU B 194 -37.82 34.45 5.05
N HIS B 195 -38.81 33.58 5.21
CA HIS B 195 -39.90 33.45 4.21
C HIS B 195 -41.23 33.88 4.70
N GLY B 196 -41.44 34.05 6.02
CA GLY B 196 -42.78 34.36 6.56
C GLY B 196 -43.76 33.19 6.68
N THR B 197 -43.25 31.96 6.62
CA THR B 197 -44.04 30.77 6.71
C THR B 197 -44.20 30.31 8.14
N ASP B 198 -44.84 29.14 8.34
CA ASP B 198 -45.10 28.59 9.70
C ASP B 198 -44.70 27.13 9.82
N TYR B 199 -43.61 26.75 9.15
CA TYR B 199 -43.08 25.39 9.35
C TYR B 199 -42.70 25.13 10.83
N ARG B 200 -42.34 26.17 11.57
CA ARG B 200 -42.00 25.97 12.98
C ARG B 200 -43.16 25.53 13.88
N ALA B 201 -44.40 25.59 13.40
CA ALA B 201 -45.59 25.16 14.22
C ALA B 201 -45.49 23.72 14.71
N ALA B 202 -44.75 22.90 13.99
CA ALA B 202 -44.50 21.53 14.44
C ALA B 202 -43.69 21.38 15.79
N THR B 203 -43.04 22.45 16.20
CA THR B 203 -42.10 22.44 17.28
C THR B 203 -42.77 22.04 18.62
N ARG B 204 -43.95 22.58 18.86
CA ARG B 204 -44.68 22.27 20.09
C ARG B 204 -44.85 20.78 20.28
N ALA B 205 -45.29 20.07 19.24
CA ALA B 205 -45.58 18.61 19.42
C ALA B 205 -44.28 17.89 19.67
N TRP B 206 -43.22 18.34 19.04
CA TRP B 206 -41.89 17.77 19.28
C TRP B 206 -41.42 17.94 20.75
N LEU B 207 -41.54 19.16 21.28
CA LEU B 207 -41.12 19.45 22.64
C LEU B 207 -41.95 18.63 23.62
N ASP B 208 -43.24 18.45 23.32
CA ASP B 208 -44.08 17.49 24.10
C ASP B 208 -43.56 16.06 24.04
N PHE B 209 -43.26 15.57 22.87
CA PHE B 209 -42.78 14.21 22.64
C PHE B 209 -41.43 13.88 23.35
N ILE B 210 -40.48 14.80 23.30
CA ILE B 210 -39.16 14.50 23.86
C ILE B 210 -39.16 14.56 25.39
N GLN B 211 -40.21 15.17 25.95
CA GLN B 211 -40.36 15.17 27.39
C GLN B 211 -41.08 13.95 27.95
N LYS B 212 -41.27 12.90 27.15
CA LYS B 212 -41.83 11.61 27.62
C LYS B 212 -40.69 10.65 27.91
N ASP B 213 -40.61 9.50 27.26
CA ASP B 213 -39.62 8.50 27.67
C ASP B 213 -38.20 8.93 27.33
N LEU B 214 -38.05 9.88 26.42
CA LEU B 214 -36.71 10.42 26.10
C LEU B 214 -36.02 11.34 27.14
N ILE B 215 -36.73 11.84 28.13
CA ILE B 215 -36.14 12.67 29.18
C ILE B 215 -36.29 12.10 30.56
N ASP B 216 -35.26 12.29 31.39
CA ASP B 216 -35.42 12.13 32.83
C ASP B 216 -35.58 13.54 33.38
N PRO B 217 -36.82 13.96 33.66
CA PRO B 217 -37.05 15.35 34.05
C PRO B 217 -36.45 15.76 35.36
N GLU B 218 -36.28 14.82 36.32
CA GLU B 218 -35.63 15.15 37.59
C GLU B 218 -34.15 15.47 37.37
N ARG B 219 -33.47 14.69 36.53
CA ARG B 219 -32.03 14.87 36.28
C ARG B 219 -31.80 15.94 35.22
N GLY B 220 -32.83 16.35 34.50
CA GLY B 220 -32.66 17.34 33.40
C GLY B 220 -31.81 16.77 32.30
N ALA B 221 -32.05 15.51 31.96
CA ALA B 221 -31.19 14.80 31.05
C ALA B 221 -31.95 13.94 30.08
N PHE B 222 -31.54 13.99 28.81
CA PHE B 222 -32.05 13.09 27.78
C PHE B 222 -31.34 11.75 27.74
N TYR B 223 -32.10 10.71 27.41
CA TYR B 223 -31.53 9.40 27.07
C TYR B 223 -30.84 9.43 25.78
N LEU B 224 -29.93 8.49 25.59
CA LEU B 224 -29.13 8.44 24.40
C LEU B 224 -29.85 8.43 23.05
N SER B 225 -30.81 7.57 22.91
CA SER B 225 -31.57 7.41 21.66
C SER B 225 -32.85 6.62 21.88
N TYR B 226 -33.72 6.71 20.86
CA TYR B 226 -35.04 6.07 20.77
C TYR B 226 -35.11 5.32 19.45
N HIS B 227 -35.80 4.17 19.48
CA HIS B 227 -35.81 3.25 18.36
C HIS B 227 -37.23 2.83 18.07
N PRO B 228 -37.87 3.53 17.14
CA PRO B 228 -39.31 3.41 16.96
C PRO B 228 -39.82 1.99 16.70
N GLU B 229 -39.10 1.19 15.93
CA GLU B 229 -39.58 -0.18 15.59
C GLU B 229 -39.77 -1.08 16.84
N SER B 230 -38.86 -0.99 17.82
CA SER B 230 -38.96 -1.74 19.08
C SER B 230 -39.63 -0.94 20.18
N GLY B 231 -39.74 0.38 20.01
CA GLY B 231 -40.10 1.31 21.11
C GLY B 231 -39.02 1.45 22.20
N ALA B 232 -37.84 0.88 22.01
CA ALA B 232 -36.76 0.94 23.02
C ALA B 232 -36.15 2.35 23.11
N VAL B 233 -35.78 2.69 24.34
CA VAL B 233 -34.94 3.87 24.59
C VAL B 233 -33.68 3.30 25.21
N LYS B 234 -32.52 3.63 24.67
CA LYS B 234 -31.28 3.14 25.27
C LYS B 234 -31.16 3.76 26.65
N PRO B 235 -30.98 2.93 27.71
CA PRO B 235 -31.28 3.34 29.04
C PRO B 235 -30.14 4.05 29.70
N TRP B 236 -29.38 4.89 28.99
CA TRP B 236 -28.30 5.66 29.65
C TRP B 236 -28.56 7.14 29.27
N ILE B 237 -28.47 8.03 30.25
CA ILE B 237 -28.59 9.48 29.97
C ILE B 237 -27.28 9.94 29.44
N SER B 238 -27.30 11.00 28.63
CA SER B 238 -26.10 11.48 27.91
C SER B 238 -25.95 12.97 28.05
N ALA B 239 -24.82 13.38 28.58
CA ALA B 239 -24.54 14.80 28.76
C ALA B 239 -24.38 15.52 27.46
N TYR B 240 -23.58 14.99 26.53
CA TYR B 240 -23.36 15.79 25.28
C TYR B 240 -24.66 15.93 24.52
N THR B 241 -25.47 14.87 24.53
CA THR B 241 -26.77 14.89 23.91
C THR B 241 -27.60 15.99 24.50
N THR B 242 -27.60 16.06 25.83
CA THR B 242 -28.45 17.00 26.54
C THR B 242 -27.94 18.42 26.29
N ALA B 243 -26.64 18.62 26.37
CA ALA B 243 -26.12 19.98 26.26
C ALA B 243 -26.43 20.58 24.92
N TRP B 244 -26.16 19.81 23.86
CA TRP B 244 -26.42 20.25 22.52
C TRP B 244 -27.92 20.50 22.32
N THR B 245 -28.76 19.59 22.76
CA THR B 245 -30.22 19.79 22.65
C THR B 245 -30.78 20.98 23.38
N LEU B 246 -30.37 21.16 24.66
CA LEU B 246 -30.80 22.32 25.39
C LEU B 246 -30.31 23.62 24.78
N ALA B 247 -29.09 23.62 24.21
CA ALA B 247 -28.60 24.82 23.61
C ALA B 247 -29.48 25.24 22.40
N MET B 248 -29.76 24.34 21.50
CA MET B 248 -30.56 24.68 20.31
C MET B 248 -32.01 24.97 20.71
N VAL B 249 -32.56 24.18 21.66
CA VAL B 249 -33.95 24.45 22.06
C VAL B 249 -34.11 25.84 22.70
N HIS B 250 -33.08 26.32 23.36
CA HIS B 250 -33.17 27.62 24.00
C HIS B 250 -33.46 28.71 23.01
N GLY B 251 -33.09 28.52 21.71
CA GLY B 251 -33.41 29.49 20.71
C GLY B 251 -34.86 29.39 20.18
N MET B 252 -35.56 28.32 20.53
CA MET B 252 -36.95 28.10 20.12
C MET B 252 -37.92 28.26 21.27
N ASP B 253 -37.59 27.70 22.44
CA ASP B 253 -38.44 27.74 23.66
C ASP B 253 -37.49 27.94 24.82
N PRO B 254 -37.14 29.18 25.09
CA PRO B 254 -36.13 29.40 26.14
C PRO B 254 -36.53 28.86 27.49
N ALA B 255 -37.83 28.91 27.80
CA ALA B 255 -38.27 28.39 29.08
C ALA B 255 -37.96 26.91 29.28
N PHE B 256 -38.07 26.13 28.21
CA PHE B 256 -37.78 24.67 28.27
C PHE B 256 -36.35 24.49 28.82
N SER B 257 -35.38 25.16 28.17
CA SER B 257 -33.99 24.93 28.55
C SER B 257 -33.70 25.52 29.93
N GLU B 258 -34.32 26.67 30.23
CA GLU B 258 -34.20 27.30 31.56
C GLU B 258 -34.68 26.38 32.67
N ARG B 259 -35.73 25.61 32.41
CA ARG B 259 -36.24 24.61 33.37
C ARG B 259 -35.24 23.51 33.70
N TYR B 260 -34.56 22.96 32.68
CA TYR B 260 -33.78 21.77 32.86
C TYR B 260 -32.35 22.06 33.13
N TYR B 261 -31.92 23.28 32.83
CA TYR B 261 -30.48 23.62 32.91
C TYR B 261 -29.84 23.42 34.27
N PRO B 262 -30.50 23.88 35.35
CA PRO B 262 -29.87 23.67 36.66
C PRO B 262 -29.78 22.22 37.07
N ARG B 263 -30.76 21.41 36.65
CA ARG B 263 -30.75 19.98 36.89
C ARG B 263 -29.65 19.27 36.12
N PHE B 264 -29.54 19.60 34.81
CA PHE B 264 -28.46 19.13 33.95
C PHE B 264 -27.12 19.37 34.63
N LYS B 265 -26.90 20.58 35.13
CA LYS B 265 -25.60 20.88 35.79
C LYS B 265 -25.34 20.00 37.02
N GLN B 266 -26.37 19.84 37.83
CA GLN B 266 -26.27 19.03 39.05
C GLN B 266 -25.94 17.59 38.68
N THR B 267 -26.57 17.09 37.61
CA THR B 267 -26.38 15.73 37.18
C THR B 267 -24.99 15.44 36.65
N PHE B 268 -24.45 16.35 35.83
CA PHE B 268 -23.25 16.01 35.07
C PHE B 268 -22.01 16.84 35.32
N VAL B 269 -22.15 18.05 35.91
CA VAL B 269 -20.97 18.96 35.90
C VAL B 269 -20.17 18.84 37.20
N GLU B 270 -18.88 18.57 37.08
CA GLU B 270 -17.99 18.54 38.24
C GLU B 270 -17.13 19.81 38.26
N VAL B 271 -17.29 20.65 39.28
CA VAL B 271 -16.41 21.78 39.49
C VAL B 271 -15.18 21.26 40.26
N TYR B 272 -13.98 21.67 39.86
CA TYR B 272 -12.76 21.18 40.50
C TYR B 272 -11.70 22.33 40.53
N ASP B 273 -10.51 22.02 41.07
CA ASP B 273 -9.43 23.00 41.11
C ASP B 273 -9.85 24.30 41.80
N GLU B 274 -10.40 24.11 42.99
CA GLU B 274 -10.79 25.22 43.87
C GLU B 274 -11.79 26.13 43.22
N GLY B 275 -12.62 25.60 42.32
CA GLY B 275 -13.62 26.46 41.66
C GLY B 275 -13.19 27.11 40.36
N ARG B 276 -11.96 26.89 39.96
CA ARG B 276 -11.40 27.51 38.77
C ARG B 276 -11.80 26.72 37.49
N LYS B 277 -12.07 25.42 37.61
CA LYS B 277 -12.27 24.58 36.43
C LYS B 277 -13.54 23.73 36.60
N ALA B 278 -14.02 23.18 35.50
CA ALA B 278 -15.12 22.26 35.51
C ALA B 278 -14.97 21.28 34.36
N ARG B 279 -15.47 20.08 34.55
CA ARG B 279 -15.44 19.04 33.53
C ARG B 279 -16.75 18.25 33.66
N VAL B 280 -17.19 17.64 32.56
CA VAL B 280 -18.54 17.09 32.47
C VAL B 280 -18.51 15.57 32.29
N ARG B 281 -19.23 14.84 33.16
CA ARG B 281 -19.38 13.39 33.05
C ARG B 281 -20.37 13.16 31.88
N GLU B 282 -20.10 12.17 31.05
CA GLU B 282 -20.99 11.88 29.92
C GLU B 282 -22.26 11.15 30.28
N THR B 283 -22.23 10.34 31.33
CA THR B 283 -23.42 9.56 31.77
C THR B 283 -23.47 9.43 33.26
N ALA B 284 -24.55 8.85 33.76
CA ALA B 284 -24.71 8.60 35.21
C ALA B 284 -23.93 7.39 35.67
N GLY B 285 -23.68 7.33 36.96
CA GLY B 285 -23.01 6.15 37.58
C GLY B 285 -21.58 6.05 37.31
N THR B 286 -20.93 7.19 37.02
CA THR B 286 -19.47 7.23 36.82
C THR B 286 -18.92 8.52 37.39
N ASP B 287 -17.64 8.51 37.79
CA ASP B 287 -16.90 9.72 38.10
C ASP B 287 -16.10 10.26 36.95
N ASP B 288 -15.95 9.49 35.86
CA ASP B 288 -15.07 9.87 34.80
C ASP B 288 -15.73 11.00 33.99
N ALA B 289 -14.88 11.95 33.54
CA ALA B 289 -15.32 13.01 32.66
C ALA B 289 -15.17 12.65 31.18
N ASP B 290 -16.03 13.18 30.34
CA ASP B 290 -15.81 13.13 28.91
C ASP B 290 -15.62 11.76 28.30
N GLY B 291 -16.39 10.81 28.80
CA GLY B 291 -16.43 9.47 28.18
C GLY B 291 -17.23 9.50 26.90
N GLY B 292 -17.48 8.34 26.35
CA GLY B 292 -18.35 8.22 25.15
C GLY B 292 -17.64 8.87 23.98
N VAL B 293 -18.34 9.74 23.24
CA VAL B 293 -17.77 10.44 22.11
C VAL B 293 -16.74 11.49 22.58
N GLY B 294 -16.70 11.82 23.86
CA GLY B 294 -15.64 12.67 24.39
C GLY B 294 -15.93 14.16 24.30
N LEU B 295 -17.21 14.51 24.13
CA LEU B 295 -17.60 15.89 23.78
C LEU B 295 -18.49 16.53 24.82
N ALA B 296 -18.69 15.88 25.94
CA ALA B 296 -19.58 16.45 26.96
C ALA B 296 -19.13 17.89 27.39
N SER B 297 -17.85 18.05 27.76
CA SER B 297 -17.39 19.34 28.25
C SER B 297 -17.48 20.39 27.16
N ALA B 298 -17.09 20.06 25.92
CA ALA B 298 -17.13 21.01 24.81
C ALA B 298 -18.57 21.39 24.46
N PHE B 299 -19.55 20.45 24.41
CA PHE B 299 -20.92 20.91 24.15
C PHE B 299 -21.52 21.67 25.35
N THR B 300 -21.07 21.34 26.56
CA THR B 300 -21.49 22.13 27.73
C THR B 300 -20.92 23.58 27.67
N LEU B 301 -19.75 23.76 27.10
CA LEU B 301 -19.20 25.06 26.87
C LEU B 301 -20.15 25.90 25.99
N LEU B 302 -20.60 25.29 24.90
CA LEU B 302 -21.59 25.91 24.04
C LEU B 302 -22.87 26.22 24.79
N LEU B 303 -23.35 25.29 25.58
CA LEU B 303 -24.58 25.52 26.34
C LEU B 303 -24.45 26.66 27.33
N ALA B 304 -23.31 26.70 28.02
CA ALA B 304 -23.07 27.79 28.96
C ALA B 304 -23.11 29.13 28.28
N ARG B 305 -22.47 29.16 27.09
CA ARG B 305 -22.54 30.37 26.28
C ARG B 305 -23.98 30.75 25.92
N GLU B 306 -24.74 29.80 25.44
CA GLU B 306 -26.13 30.01 25.06
C GLU B 306 -26.95 30.53 26.25
N MET B 307 -26.68 30.01 27.45
CA MET B 307 -27.50 30.32 28.64
C MET B 307 -26.94 31.58 29.36
N GLY B 308 -25.84 32.14 28.90
CA GLY B 308 -25.28 33.30 29.51
C GLY B 308 -24.56 33.01 30.79
N ASP B 309 -24.08 31.78 30.97
CA ASP B 309 -23.51 31.37 32.24
C ASP B 309 -22.00 31.58 32.16
N GLN B 310 -21.56 32.81 32.47
CA GLN B 310 -20.15 33.11 32.34
C GLN B 310 -19.25 32.32 33.24
N GLN B 311 -19.71 32.06 34.47
CA GLN B 311 -18.83 31.32 35.39
C GLN B 311 -18.58 29.90 34.89
N LEU B 312 -19.63 29.17 34.45
CA LEU B 312 -19.40 27.81 33.95
C LEU B 312 -18.61 27.81 32.65
N PHE B 313 -18.85 28.81 31.80
CA PHE B 313 -18.07 28.97 30.57
C PHE B 313 -16.57 29.07 30.91
N ASP B 314 -16.22 29.99 31.81
CA ASP B 314 -14.86 30.18 32.25
C ASP B 314 -14.23 28.87 32.79
N GLN B 315 -14.96 28.19 33.63
CA GLN B 315 -14.48 26.96 34.23
C GLN B 315 -14.21 25.88 33.21
N LEU B 316 -15.11 25.76 32.24
CA LEU B 316 -14.95 24.73 31.21
C LEU B 316 -13.82 25.08 30.28
N LEU B 317 -13.72 26.37 29.94
CA LEU B 317 -12.65 26.70 29.02
C LEU B 317 -11.29 26.55 29.71
N ASN B 318 -11.24 26.80 31.00
CA ASN B 318 -10.00 26.53 31.76
C ASN B 318 -9.59 25.06 31.81
N HIS B 319 -10.58 24.18 31.74
CA HIS B 319 -10.35 22.75 31.69
C HIS B 319 -9.92 22.34 30.30
N LEU B 320 -10.55 22.94 29.27
CA LEU B 320 -10.34 22.44 27.89
C LEU B 320 -9.15 23.03 27.17
N GLU B 321 -8.93 24.34 27.32
CA GLU B 321 -7.99 24.99 26.44
C GLU B 321 -6.52 24.85 26.86
N PRO B 322 -6.20 25.21 28.08
CA PRO B 322 -4.73 25.16 28.46
C PRO B 322 -4.00 23.83 28.16
N PRO B 323 -4.63 22.69 28.43
CA PRO B 323 -3.84 21.46 28.16
C PRO B 323 -3.64 21.17 26.67
N ALA B 324 -4.50 21.79 25.83
CA ALA B 324 -4.42 21.59 24.40
C ALA B 324 -3.26 22.43 23.81
N LYS B 325 -2.66 23.29 24.62
CA LYS B 325 -1.46 24.09 24.28
C LYS B 325 -1.67 24.89 22.98
N PRO B 326 -2.57 25.89 23.05
CA PRO B 326 -2.73 26.82 21.91
C PRO B 326 -1.43 27.56 21.64
N SER B 327 -1.16 27.85 20.37
CA SER B 327 -0.26 28.97 20.08
C SER B 327 -0.70 29.69 18.83
N ILE B 328 -0.29 30.94 18.75
CA ILE B 328 -0.56 31.75 17.59
C ILE B 328 0.77 32.01 16.89
N VAL B 329 0.90 31.47 15.69
CA VAL B 329 2.17 31.57 14.92
C VAL B 329 1.82 32.25 13.65
N SER B 330 2.49 33.35 13.31
CA SER B 330 2.14 34.08 12.10
C SER B 330 0.63 34.43 12.08
N ALA B 331 0.13 34.84 13.26
CA ALA B 331 -1.25 35.34 13.46
C ALA B 331 -2.37 34.32 13.18
N SER B 332 -2.02 33.03 13.29
CA SER B 332 -2.92 31.92 13.03
C SER B 332 -2.88 30.94 14.18
N LEU B 333 -4.02 30.47 14.58
CA LEU B 333 -4.11 29.64 15.81
C LEU B 333 -3.94 28.19 15.52
N ARG B 334 -3.22 27.52 16.41
CA ARG B 334 -3.07 26.05 16.32
C ARG B 334 -3.04 25.50 17.76
N TYR B 335 -3.48 24.27 17.92
CA TYR B 335 -3.42 23.55 19.19
C TYR B 335 -2.43 22.39 19.01
N GLU B 336 -1.47 22.29 19.87
CA GLU B 336 -0.57 21.10 19.85
C GLU B 336 -1.27 19.80 20.29
N HIS B 337 -2.19 19.86 21.24
CA HIS B 337 -2.79 18.65 21.82
C HIS B 337 -4.30 18.78 21.91
N PRO B 338 -4.99 18.86 20.74
CA PRO B 338 -6.49 18.91 20.80
C PRO B 338 -7.04 17.77 21.62
N GLY B 339 -8.02 18.03 22.52
CA GLY B 339 -8.39 17.01 23.47
C GLY B 339 -9.47 16.09 22.99
N SER B 340 -10.03 16.36 21.79
CA SER B 340 -11.14 15.60 21.29
C SER B 340 -11.28 15.79 19.82
N LEU B 341 -12.13 15.01 19.20
CA LEU B 341 -12.63 15.35 17.87
C LEU B 341 -13.37 16.67 17.92
N LEU B 342 -13.41 17.31 16.75
CA LEU B 342 -14.10 18.57 16.61
C LEU B 342 -13.62 19.71 17.58
N PHE B 343 -12.37 19.66 17.99
CA PHE B 343 -11.88 20.54 19.04
C PHE B 343 -11.82 22.01 18.64
N ASP B 344 -11.10 22.36 17.59
CA ASP B 344 -11.05 23.71 17.20
C ASP B 344 -12.40 24.28 16.76
N GLU B 345 -13.21 23.46 16.17
CA GLU B 345 -14.53 23.85 15.73
C GLU B 345 -15.44 24.26 16.90
N LEU B 346 -15.49 23.40 17.90
CA LEU B 346 -16.34 23.67 19.03
C LEU B 346 -15.82 24.78 19.93
N LEU B 347 -14.47 24.89 20.10
CA LEU B 347 -13.96 26.05 20.89
C LEU B 347 -14.20 27.37 20.15
N PHE B 348 -14.07 27.34 18.82
CA PHE B 348 -14.40 28.48 17.98
C PHE B 348 -15.86 28.90 18.17
N LEU B 349 -16.75 27.93 17.98
CA LEU B 349 -18.16 28.18 18.08
C LEU B 349 -18.52 28.77 19.48
N ALA B 350 -18.05 28.13 20.54
CA ALA B 350 -18.39 28.64 21.87
C ALA B 350 -17.86 30.06 22.14
N LYS B 351 -16.67 30.37 21.62
CA LYS B 351 -16.08 31.66 21.84
C LYS B 351 -16.90 32.76 21.21
N VAL B 352 -17.48 32.49 20.03
CA VAL B 352 -18.22 33.54 19.28
C VAL B 352 -19.71 33.56 19.44
N HIS B 353 -20.29 32.48 19.98
CA HIS B 353 -21.71 32.20 19.86
C HIS B 353 -22.59 33.27 20.44
N ALA B 354 -23.40 33.86 19.59
CA ALA B 354 -24.22 34.99 20.06
C ALA B 354 -25.58 34.57 20.61
N GLY B 355 -25.90 33.29 20.57
CA GLY B 355 -27.23 32.80 20.97
C GLY B 355 -28.03 32.45 19.73
N PHE B 356 -28.67 31.29 19.73
CA PHE B 356 -29.45 30.85 18.57
C PHE B 356 -30.62 31.81 18.29
N GLY B 357 -31.17 32.41 19.36
CA GLY B 357 -32.24 33.35 19.19
C GLY B 357 -31.77 34.62 18.55
N ALA B 358 -30.56 35.05 18.91
CA ALA B 358 -29.96 36.25 18.28
C ALA B 358 -29.67 35.98 16.77
N LEU B 359 -29.19 34.79 16.44
CA LEU B 359 -28.95 34.46 15.01
C LEU B 359 -30.30 34.49 14.20
N LEU B 360 -31.36 33.96 14.78
CA LEU B 360 -32.68 34.03 14.16
C LEU B 360 -33.12 35.44 13.91
N ARG B 361 -32.70 36.36 14.77
CA ARG B 361 -33.02 37.79 14.66
C ARG B 361 -31.99 38.63 13.94
N MET B 362 -31.03 38.02 13.25
CA MET B 362 -29.96 38.77 12.61
C MET B 362 -30.53 39.87 11.68
N PRO B 363 -30.03 41.08 11.79
CA PRO B 363 -30.52 42.16 10.91
C PRO B 363 -30.02 41.95 9.51
N PRO B 364 -30.75 42.45 8.53
CA PRO B 364 -30.30 42.30 7.12
C PRO B 364 -28.97 42.96 6.83
N PRO B 365 -28.30 42.54 5.77
CA PRO B 365 -27.03 43.17 5.46
C PRO B 365 -27.19 44.65 5.04
N MET C 1 -18.10 -18.96 46.34
CA MET C 1 -19.28 -18.47 45.55
C MET C 1 -19.45 -16.93 45.56
N ALA C 2 -19.40 -16.32 46.82
CA ALA C 2 -19.54 -14.89 47.38
C ALA C 2 -18.33 -13.97 47.88
N GLU C 3 -17.10 -14.47 48.09
CA GLU C 3 -15.92 -13.55 48.14
C GLU C 3 -15.55 -13.17 46.67
N LEU C 4 -15.23 -11.93 46.41
CA LEU C 4 -14.83 -11.46 45.07
C LEU C 4 -13.36 -11.84 44.83
N PRO C 5 -13.11 -12.72 43.84
CA PRO C 5 -11.70 -13.11 43.64
C PRO C 5 -10.85 -12.02 43.03
N PRO C 6 -9.53 -12.14 43.16
CA PRO C 6 -8.66 -11.07 42.70
C PRO C 6 -8.82 -10.77 41.19
N GLY C 7 -8.87 -9.49 40.83
CA GLY C 7 -9.06 -9.10 39.47
C GLY C 7 -10.47 -9.29 38.84
N ARG C 8 -11.42 -9.86 39.61
CA ARG C 8 -12.76 -10.10 39.08
C ARG C 8 -13.62 -8.87 39.23
N LEU C 9 -14.63 -8.76 38.42
CA LEU C 9 -15.62 -7.66 38.51
C LEU C 9 -16.79 -7.98 39.34
N ALA C 10 -17.27 -9.22 39.34
CA ALA C 10 -18.40 -9.62 40.15
C ALA C 10 -18.20 -11.04 40.51
N THR C 11 -18.85 -11.49 41.58
CA THR C 11 -18.73 -12.88 42.02
C THR C 11 -19.50 -13.81 41.07
N THR C 12 -19.12 -15.07 41.11
CA THR C 12 -19.86 -16.12 40.41
C THR C 12 -21.28 -16.18 40.93
N GLU C 13 -21.46 -16.04 42.24
CA GLU C 13 -22.80 -16.06 42.81
C GLU C 13 -23.65 -14.99 42.22
N ASP C 14 -23.07 -13.80 42.05
CA ASP C 14 -23.79 -12.68 41.41
C ASP C 14 -24.19 -12.98 39.96
N TYR C 15 -23.31 -13.58 39.17
CA TYR C 15 -23.74 -13.92 37.77
C TYR C 15 -24.88 -14.90 37.77
N PHE C 16 -24.77 -15.90 38.62
CA PHE C 16 -25.77 -16.95 38.63
C PHE C 16 -27.12 -16.46 39.22
N ALA C 17 -27.09 -15.38 39.99
CA ALA C 17 -28.28 -14.81 40.58
C ALA C 17 -29.01 -13.73 39.76
N GLN C 18 -28.44 -13.35 38.61
CA GLN C 18 -29.02 -12.29 37.82
C GLN C 18 -30.50 -12.52 37.50
N GLN C 19 -30.80 -13.71 37.03
CA GLN C 19 -32.19 -13.99 36.60
C GLN C 19 -33.16 -13.94 37.81
N ALA C 20 -32.76 -14.50 38.94
CA ALA C 20 -33.57 -14.41 40.16
C ALA C 20 -33.74 -12.95 40.66
N LYS C 21 -32.75 -12.11 40.47
CA LYS C 21 -32.85 -10.73 40.87
C LYS C 21 -33.48 -9.86 39.83
N GLN C 22 -33.73 -10.40 38.64
CA GLN C 22 -34.21 -9.62 37.49
C GLN C 22 -33.37 -8.41 37.19
N ALA C 23 -32.04 -8.60 37.25
CA ALA C 23 -31.18 -7.49 36.99
C ALA C 23 -29.80 -8.03 36.56
N VAL C 24 -29.22 -7.42 35.56
CA VAL C 24 -27.85 -7.80 35.18
C VAL C 24 -26.89 -7.17 36.16
N THR C 25 -25.67 -7.71 36.28
CA THR C 25 -24.70 -7.11 37.15
C THR C 25 -24.20 -5.81 36.53
N PRO C 26 -23.56 -4.94 37.34
CA PRO C 26 -23.04 -3.67 36.77
C PRO C 26 -22.00 -3.87 35.67
N ASP C 27 -21.13 -4.89 35.75
CA ASP C 27 -20.24 -5.13 34.68
C ASP C 27 -20.87 -5.61 33.39
N VAL C 28 -21.93 -6.43 33.49
CA VAL C 28 -22.73 -6.77 32.30
C VAL C 28 -23.34 -5.53 31.67
N MET C 29 -23.89 -4.67 32.49
CA MET C 29 -24.44 -3.41 32.01
C MET C 29 -23.36 -2.61 31.31
N ALA C 30 -22.14 -2.56 31.86
CA ALA C 30 -21.03 -1.86 31.23
C ALA C 30 -20.66 -2.49 29.88
N GLN C 31 -20.75 -3.82 29.76
CA GLN C 31 -20.59 -4.49 28.50
C GLN C 31 -21.66 -4.06 27.51
N LEU C 32 -22.89 -3.97 27.97
CA LEU C 32 -24.01 -3.57 27.07
C LEU C 32 -23.75 -2.10 26.62
N ALA C 33 -23.16 -1.28 27.50
CA ALA C 33 -22.76 0.10 27.10
C ALA C 33 -21.70 0.07 26.07
N TYR C 34 -20.67 -0.73 26.23
CA TYR C 34 -19.71 -0.92 25.18
C TYR C 34 -20.41 -1.31 23.84
N MET C 35 -21.37 -2.18 23.95
CA MET C 35 -22.05 -2.65 22.76
C MET C 35 -22.92 -1.59 22.08
N ASN C 36 -23.47 -0.65 22.83
CA ASN C 36 -24.49 0.24 22.36
C ASN C 36 -24.25 1.76 22.32
N TYR C 37 -23.25 2.23 23.04
CA TYR C 37 -23.24 3.63 23.50
C TYR C 37 -22.67 4.60 22.42
N ILE C 38 -21.41 4.41 22.02
CA ILE C 38 -20.69 5.44 21.27
C ILE C 38 -21.19 5.43 19.82
N ASP C 39 -21.55 6.63 19.33
CA ASP C 39 -21.85 6.78 17.92
C ASP C 39 -20.85 6.12 17.00
N PHE C 40 -21.39 5.46 15.98
CA PHE C 40 -20.67 4.87 14.83
C PHE C 40 -19.79 3.71 15.07
N ILE C 41 -19.08 3.73 16.20
CA ILE C 41 -18.05 2.74 16.47
C ILE C 41 -18.49 1.62 17.44
N SER C 42 -19.63 1.76 18.11
CA SER C 42 -20.17 0.66 18.93
C SER C 42 -20.78 -0.38 17.97
N PRO C 43 -20.66 -1.68 18.34
CA PRO C 43 -21.09 -2.71 17.37
C PRO C 43 -22.56 -2.70 17.07
N PHE C 44 -23.39 -2.30 18.03
CA PHE C 44 -24.84 -2.18 17.83
C PHE C 44 -25.33 -0.74 17.63
N TYR C 45 -24.51 0.09 16.98
CA TYR C 45 -24.93 1.46 16.66
C TYR C 45 -26.08 1.50 15.67
N SER C 46 -25.98 0.77 14.57
CA SER C 46 -27.04 0.76 13.56
C SER C 46 -27.12 -0.50 12.77
N ARG C 47 -28.22 -0.61 12.03
CA ARG C 47 -28.45 -1.71 11.13
C ARG C 47 -27.59 -1.72 9.94
N GLY C 48 -26.86 -0.66 9.67
CA GLY C 48 -26.09 -0.60 8.41
C GLY C 48 -24.98 -1.62 8.27
N CYS C 49 -24.49 -1.76 7.03
CA CYS C 49 -23.40 -2.63 6.74
C CYS C 49 -22.11 -1.93 7.04
N SER C 50 -22.09 -1.42 8.23
CA SER C 50 -20.78 -0.89 8.77
C SER C 50 -20.13 -1.77 9.98
N PHE C 51 -18.83 -1.89 9.89
CA PHE C 51 -18.12 -2.81 10.80
C PHE C 51 -16.96 -2.17 11.54
N GLU C 52 -17.10 -0.87 11.82
CA GLU C 52 -16.03 -0.17 12.53
C GLU C 52 -15.69 -0.78 13.84
N ALA C 53 -16.68 -1.21 14.61
CA ALA C 53 -16.38 -1.81 15.92
C ALA C 53 -15.41 -2.98 15.81
N TRP C 54 -15.60 -3.77 14.75
CA TRP C 54 -14.82 -4.97 14.54
C TRP C 54 -13.44 -4.60 13.95
N GLU C 55 -13.41 -3.57 13.13
CA GLU C 55 -12.10 -3.02 12.62
C GLU C 55 -11.27 -2.59 13.82
N LEU C 56 -11.86 -1.91 14.79
CA LEU C 56 -11.08 -1.39 15.92
C LEU C 56 -10.48 -2.51 16.83
N LYS C 57 -11.18 -3.64 16.90
CA LYS C 57 -10.72 -4.80 17.64
C LYS C 57 -9.86 -5.75 16.85
N HIS C 58 -9.61 -5.44 15.60
CA HIS C 58 -8.86 -6.31 14.68
C HIS C 58 -9.50 -7.67 14.48
N THR C 59 -10.83 -7.74 14.47
CA THR C 59 -11.52 -8.96 14.16
C THR C 59 -11.18 -9.42 12.73
N PRO C 60 -10.62 -10.63 12.58
CA PRO C 60 -10.53 -11.17 11.24
C PRO C 60 -11.88 -11.31 10.54
N GLN C 61 -11.93 -11.09 9.23
CA GLN C 61 -13.20 -11.19 8.52
C GLN C 61 -13.95 -12.46 8.81
N ARG C 62 -13.25 -13.56 8.78
CA ARG C 62 -13.92 -14.90 8.89
C ARG C 62 -14.62 -15.07 10.28
N VAL C 63 -14.22 -14.28 11.26
CA VAL C 63 -14.69 -14.37 12.65
C VAL C 63 -15.89 -13.49 12.89
N ILE C 64 -16.16 -12.52 11.99
CA ILE C 64 -17.21 -11.57 12.27
C ILE C 64 -18.57 -12.28 12.52
N LYS C 65 -18.86 -13.30 11.69
CA LYS C 65 -20.19 -13.97 11.82
C LYS C 65 -20.35 -14.57 13.23
N TYR C 66 -19.25 -15.08 13.76
CA TYR C 66 -19.24 -15.70 15.05
C TYR C 66 -19.41 -14.64 16.17
N SER C 67 -18.72 -13.51 16.03
CA SER C 67 -18.87 -12.39 16.98
C SER C 67 -20.34 -11.92 17.09
N ILE C 68 -20.96 -11.67 15.93
CA ILE C 68 -22.34 -11.26 15.94
C ILE C 68 -23.26 -12.32 16.58
N ALA C 69 -23.06 -13.57 16.21
CA ALA C 69 -23.90 -14.65 16.72
C ALA C 69 -23.76 -14.79 18.24
N PHE C 70 -22.56 -14.75 18.75
CA PHE C 70 -22.35 -14.90 20.18
C PHE C 70 -22.90 -13.73 20.94
N TYR C 71 -22.74 -12.51 20.41
CA TYR C 71 -23.45 -11.40 21.00
C TYR C 71 -25.00 -11.66 21.06
N ALA C 72 -25.55 -12.10 19.96
CA ALA C 72 -26.97 -12.36 19.85
C ALA C 72 -27.40 -13.40 20.88
N TYR C 73 -26.62 -14.44 21.02
CA TYR C 73 -26.99 -15.45 22.00
C TYR C 73 -27.00 -14.89 23.42
N GLY C 74 -26.05 -14.01 23.75
CA GLY C 74 -26.01 -13.38 25.09
C GLY C 74 -27.19 -12.41 25.28
N LEU C 75 -27.51 -11.67 24.20
CA LEU C 75 -28.61 -10.75 24.22
C LEU C 75 -29.95 -11.43 24.49
N ALA C 76 -30.14 -12.63 23.97
CA ALA C 76 -31.36 -13.37 24.24
C ALA C 76 -31.47 -13.65 25.76
N SER C 77 -30.38 -13.99 26.44
CA SER C 77 -30.44 -14.16 27.89
C SER C 77 -30.66 -12.86 28.63
N VAL C 78 -30.08 -11.75 28.16
CA VAL C 78 -30.36 -10.45 28.78
C VAL C 78 -31.86 -10.23 28.82
N ALA C 79 -32.53 -10.55 27.70
CA ALA C 79 -33.98 -10.36 27.61
C ALA C 79 -34.73 -11.15 28.67
N LEU C 80 -34.24 -12.33 28.94
CA LEU C 80 -34.82 -13.18 29.96
C LEU C 80 -34.52 -12.76 31.38
N ILE C 81 -33.32 -12.24 31.59
CA ILE C 81 -32.91 -11.77 32.89
C ILE C 81 -33.72 -10.56 33.38
N ASP C 82 -33.78 -9.50 32.56
CA ASP C 82 -34.36 -8.24 33.01
C ASP C 82 -35.38 -7.80 32.02
N PRO C 83 -36.63 -7.86 32.41
CA PRO C 83 -37.71 -7.39 31.46
C PRO C 83 -37.53 -5.98 30.99
N LYS C 84 -36.94 -5.14 31.82
CA LYS C 84 -36.77 -3.72 31.46
C LYS C 84 -35.66 -3.55 30.43
N LEU C 85 -34.86 -4.59 30.15
CA LEU C 85 -33.89 -4.56 29.06
C LEU C 85 -34.34 -5.34 27.87
N ARG C 86 -35.53 -5.93 27.92
CA ARG C 86 -35.97 -6.80 26.84
C ARG C 86 -36.10 -6.03 25.51
N ALA C 87 -36.62 -4.79 25.57
CA ALA C 87 -36.73 -4.03 24.35
C ALA C 87 -35.38 -3.65 23.74
N LEU C 88 -34.45 -3.25 24.59
CA LEU C 88 -33.10 -3.03 24.14
C LEU C 88 -32.48 -4.27 23.51
N ALA C 89 -32.63 -5.40 24.19
CA ALA C 89 -32.13 -6.65 23.66
C ALA C 89 -32.71 -6.96 22.29
N GLY C 90 -34.03 -6.75 22.15
CA GLY C 90 -34.69 -6.95 20.87
C GLY C 90 -34.20 -6.08 19.75
N HIS C 91 -33.96 -4.82 20.11
CA HIS C 91 -33.35 -3.86 19.20
C HIS C 91 -31.98 -4.29 18.73
N ASP C 92 -31.14 -4.68 19.69
CA ASP C 92 -29.82 -5.17 19.34
C ASP C 92 -29.88 -6.44 18.45
N LEU C 93 -30.82 -7.32 18.73
CA LEU C 93 -30.97 -8.53 17.88
C LEU C 93 -31.43 -8.25 16.46
N ASP C 94 -32.28 -7.22 16.30
CA ASP C 94 -32.64 -6.71 14.99
C ASP C 94 -31.42 -6.25 14.21
N ILE C 95 -30.53 -5.49 14.91
CA ILE C 95 -29.25 -5.09 14.32
C ILE C 95 -28.39 -6.25 14.01
N ALA C 96 -28.34 -7.23 14.91
CA ALA C 96 -27.46 -8.35 14.68
C ALA C 96 -27.86 -9.09 13.43
N VAL C 97 -29.15 -9.34 13.27
CA VAL C 97 -29.62 -10.04 12.11
C VAL C 97 -29.32 -9.22 10.84
N SER C 98 -29.62 -7.92 10.87
CA SER C 98 -29.29 -7.06 9.73
C SER C 98 -27.84 -7.17 9.32
N LYS C 99 -26.94 -7.00 10.30
CA LYS C 99 -25.52 -7.08 10.02
C LYS C 99 -25.04 -8.41 9.51
N MET C 100 -25.61 -9.48 10.06
CA MET C 100 -25.27 -10.83 9.73
C MET C 100 -25.48 -11.05 8.23
N LYS C 101 -26.44 -10.33 7.63
CA LYS C 101 -26.77 -10.48 6.22
C LYS C 101 -25.91 -9.68 5.29
N CYS C 102 -24.99 -8.88 5.83
CA CYS C 102 -24.12 -8.04 5.00
C CYS C 102 -23.03 -8.85 4.39
N LYS C 103 -22.69 -8.55 3.15
CA LYS C 103 -21.68 -9.38 2.45
C LYS C 103 -20.30 -9.40 3.10
N ARG C 104 -19.97 -8.36 3.89
CA ARG C 104 -18.69 -8.36 4.63
C ARG C 104 -18.64 -9.56 5.57
N VAL C 105 -19.82 -9.95 6.06
CA VAL C 105 -19.94 -11.11 6.98
C VAL C 105 -19.89 -12.47 6.29
N TRP C 106 -20.68 -12.65 5.26
CA TRP C 106 -20.78 -13.96 4.60
C TRP C 106 -19.96 -14.10 3.34
N GLY C 107 -19.40 -12.99 2.86
CA GLY C 107 -18.65 -12.94 1.58
C GLY C 107 -17.45 -13.85 1.40
N ASP C 108 -16.87 -14.35 2.48
CA ASP C 108 -15.83 -15.39 2.37
C ASP C 108 -16.25 -16.57 1.56
N TRP C 109 -17.54 -16.90 1.62
CA TRP C 109 -18.08 -18.05 0.89
C TRP C 109 -17.80 -17.86 -0.62
N GLU C 110 -18.11 -16.70 -1.11
CA GLU C 110 -17.88 -16.36 -2.54
C GLU C 110 -16.40 -16.17 -2.83
N GLU C 111 -15.67 -15.47 -1.95
CA GLU C 111 -14.23 -15.25 -2.22
C GLU C 111 -13.43 -16.51 -2.23
N ASP C 112 -13.83 -17.49 -1.43
CA ASP C 112 -13.14 -18.76 -1.40
C ASP C 112 -13.54 -19.67 -2.59
N GLY C 113 -14.52 -19.26 -3.39
CA GLY C 113 -14.80 -20.04 -4.60
C GLY C 113 -15.94 -21.01 -4.44
N PHE C 114 -16.70 -20.93 -3.35
CA PHE C 114 -17.73 -21.92 -3.05
C PHE C 114 -19.12 -21.57 -3.53
N GLY C 115 -19.36 -20.34 -3.94
CA GLY C 115 -20.65 -19.97 -4.53
C GLY C 115 -20.97 -18.51 -4.31
N THR C 116 -21.93 -17.99 -5.06
CA THR C 116 -22.35 -16.60 -4.88
C THR C 116 -23.44 -16.46 -3.82
N ASP C 117 -24.11 -17.54 -3.48
CA ASP C 117 -25.25 -17.52 -2.56
C ASP C 117 -24.81 -18.31 -1.31
N PRO C 118 -24.76 -17.63 -0.16
CA PRO C 118 -24.32 -18.25 1.06
C PRO C 118 -25.32 -19.21 1.78
N ILE C 119 -26.57 -19.25 1.33
CA ILE C 119 -27.70 -19.97 1.95
C ILE C 119 -28.05 -21.27 1.21
N GLU C 120 -27.87 -21.29 -0.11
CA GLU C 120 -28.55 -22.32 -0.92
C GLU C 120 -28.12 -23.74 -0.59
N LYS C 121 -26.84 -23.94 -0.34
CA LYS C 121 -26.36 -25.23 0.04
C LYS C 121 -25.09 -25.11 0.93
N GLU C 122 -24.84 -26.11 1.75
CA GLU C 122 -23.60 -26.18 2.55
C GLU C 122 -23.54 -24.98 3.46
N ASN C 123 -22.34 -24.56 3.81
CA ASN C 123 -22.09 -23.34 4.61
C ASN C 123 -22.94 -23.28 5.91
N ILE C 124 -23.01 -24.39 6.61
CA ILE C 124 -23.90 -24.45 7.77
C ILE C 124 -23.41 -23.57 8.95
N MET C 125 -22.12 -23.29 9.05
CA MET C 125 -21.74 -22.39 10.18
C MET C 125 -22.44 -21.05 10.02
N TYR C 126 -22.35 -20.48 8.81
CA TYR C 126 -23.07 -19.22 8.57
C TYR C 126 -24.55 -19.36 8.77
N LYS C 127 -25.17 -20.26 8.01
CA LYS C 127 -26.63 -20.25 7.92
C LYS C 127 -27.31 -20.90 9.12
N GLY C 128 -26.60 -21.76 9.84
CA GLY C 128 -27.04 -22.20 11.10
C GLY C 128 -27.15 -21.08 12.15
N HIS C 129 -26.10 -20.24 12.28
CA HIS C 129 -26.17 -19.18 13.22
C HIS C 129 -27.24 -18.20 12.81
N LEU C 130 -27.29 -17.87 11.49
CA LEU C 130 -28.34 -16.96 11.01
C LEU C 130 -29.72 -17.47 11.37
N ASN C 131 -29.96 -18.76 11.13
CA ASN C 131 -31.29 -19.35 11.42
C ASN C 131 -31.62 -19.32 12.91
N LEU C 132 -30.60 -19.58 13.76
CA LEU C 132 -30.83 -19.48 15.18
C LEU C 132 -31.12 -18.05 15.62
N MET C 133 -30.41 -17.11 15.05
CA MET C 133 -30.64 -15.71 15.34
C MET C 133 -32.06 -15.25 14.94
N TYR C 134 -32.56 -15.68 13.78
CA TYR C 134 -33.92 -15.32 13.36
C TYR C 134 -34.87 -15.72 14.40
N GLY C 135 -34.67 -16.92 14.94
CA GLY C 135 -35.56 -17.46 15.93
C GLY C 135 -35.49 -16.75 17.25
N LEU C 136 -34.27 -16.51 17.72
CA LEU C 136 -34.11 -15.78 18.99
C LEU C 136 -34.68 -14.35 18.91
N TYR C 137 -34.50 -13.71 17.78
CA TYR C 137 -35.07 -12.36 17.56
C TYR C 137 -36.56 -12.43 17.78
N GLN C 138 -37.20 -13.45 17.18
CA GLN C 138 -38.63 -13.56 17.26
C GLN C 138 -39.11 -13.95 18.64
N LEU C 139 -38.37 -14.82 19.35
CA LEU C 139 -38.74 -15.16 20.73
C LEU C 139 -38.67 -13.93 21.65
N VAL C 140 -37.63 -13.11 21.45
CA VAL C 140 -37.44 -11.94 22.29
C VAL C 140 -38.52 -10.87 22.03
N THR C 141 -38.82 -10.64 20.78
CA THR C 141 -39.56 -9.45 20.38
C THR C 141 -41.01 -9.73 20.10
N GLY C 142 -41.36 -10.94 19.74
CA GLY C 142 -42.67 -11.20 19.11
C GLY C 142 -42.86 -10.68 17.71
N SER C 143 -41.84 -10.13 17.09
CA SER C 143 -41.96 -9.53 15.78
C SER C 143 -41.78 -10.57 14.69
N ARG C 144 -42.62 -10.45 13.63
CA ARG C 144 -42.50 -11.28 12.38
C ARG C 144 -41.69 -10.67 11.31
N ARG C 145 -40.90 -9.65 11.64
CA ARG C 145 -40.13 -8.97 10.65
C ARG C 145 -39.34 -9.92 9.74
N TYR C 146 -38.75 -10.97 10.34
CA TYR C 146 -37.90 -11.87 9.59
C TYR C 146 -38.54 -13.25 9.40
N GLU C 147 -39.83 -13.41 9.69
CA GLU C 147 -40.47 -14.72 9.67
C GLU C 147 -40.44 -15.34 8.27
N ALA C 148 -40.65 -14.54 7.23
CA ALA C 148 -40.65 -15.13 5.88
C ALA C 148 -39.28 -15.76 5.58
N GLU C 149 -38.22 -15.04 5.97
CA GLU C 149 -36.83 -15.54 5.77
C GLU C 149 -36.53 -16.74 6.64
N HIS C 150 -37.02 -16.73 7.87
CA HIS C 150 -36.86 -17.82 8.83
C HIS C 150 -37.55 -19.14 8.35
N ALA C 151 -38.76 -19.01 7.78
CA ALA C 151 -39.49 -20.13 7.26
C ALA C 151 -38.77 -20.72 6.09
N HIS C 152 -38.15 -19.86 5.31
CA HIS C 152 -37.40 -20.32 4.10
C HIS C 152 -36.13 -21.03 4.52
N LEU C 153 -35.38 -20.40 5.40
CA LEU C 153 -34.05 -20.96 5.77
C LEU C 153 -34.19 -22.23 6.56
N THR C 154 -35.16 -22.29 7.45
CA THR C 154 -35.45 -23.50 8.21
C THR C 154 -35.72 -24.67 7.24
N ARG C 155 -36.50 -24.39 6.19
CA ARG C 155 -36.80 -25.42 5.18
C ARG C 155 -35.61 -25.85 4.31
N ILE C 156 -34.76 -24.90 3.98
CA ILE C 156 -33.50 -25.26 3.25
C ILE C 156 -32.67 -26.21 4.13
N ILE C 157 -32.59 -25.88 5.42
CA ILE C 157 -31.79 -26.72 6.37
C ILE C 157 -32.38 -28.12 6.53
N HIS C 158 -33.69 -28.20 6.75
CA HIS C 158 -34.39 -29.43 6.90
C HIS C 158 -34.21 -30.30 5.61
N ASP C 159 -34.37 -29.66 4.43
CA ASP C 159 -34.33 -30.39 3.16
C ASP C 159 -32.93 -30.98 2.94
N GLU C 160 -31.92 -30.19 3.26
CA GLU C 160 -30.51 -30.56 3.05
C GLU C 160 -30.11 -31.69 4.02
N ILE C 161 -30.56 -31.61 5.28
CA ILE C 161 -30.43 -32.74 6.17
C ILE C 161 -31.13 -34.00 5.62
N ALA C 162 -32.35 -33.87 5.11
CA ALA C 162 -33.04 -35.05 4.58
C ALA C 162 -32.33 -35.62 3.33
N ALA C 163 -31.76 -34.80 2.52
CA ALA C 163 -31.11 -35.26 1.28
C ALA C 163 -29.71 -35.87 1.52
N ASN C 164 -29.06 -35.55 2.67
CA ASN C 164 -27.72 -36.07 2.90
C ASN C 164 -27.72 -37.49 3.40
N PRO C 165 -26.72 -38.28 2.96
CA PRO C 165 -26.55 -39.64 3.48
C PRO C 165 -26.02 -39.72 4.94
N PHE C 166 -25.43 -38.66 5.42
CA PHE C 166 -24.95 -38.52 6.81
C PHE C 166 -25.95 -37.56 7.47
N ALA C 167 -26.00 -37.56 8.80
CA ALA C 167 -26.95 -36.69 9.50
C ALA C 167 -26.31 -35.30 9.67
N GLY C 168 -26.81 -34.32 8.95
CA GLY C 168 -26.39 -32.95 9.09
C GLY C 168 -25.97 -32.37 7.78
N ILE C 169 -25.22 -31.27 7.86
CA ILE C 169 -24.84 -30.44 6.72
C ILE C 169 -23.36 -30.06 6.87
N VAL C 170 -22.66 -29.93 5.73
CA VAL C 170 -21.26 -29.48 5.77
C VAL C 170 -21.13 -27.97 5.88
N CYS C 171 -19.92 -27.51 6.17
CA CYS C 171 -19.55 -26.13 6.09
C CYS C 171 -18.96 -25.90 4.69
N GLU C 172 -17.63 -25.82 4.56
CA GLU C 172 -17.02 -25.91 3.21
C GLU C 172 -17.35 -27.29 2.66
N PRO C 173 -17.26 -27.44 1.33
CA PRO C 173 -17.68 -28.72 0.77
C PRO C 173 -16.79 -29.82 1.39
N ASP C 174 -17.39 -30.93 1.74
CA ASP C 174 -16.68 -32.01 2.36
C ASP C 174 -16.08 -31.83 3.74
N ASN C 175 -16.41 -30.75 4.42
CA ASN C 175 -15.97 -30.50 5.83
C ASN C 175 -17.16 -30.50 6.76
N TYR C 176 -17.29 -31.53 7.58
CA TYR C 176 -18.40 -31.66 8.52
C TYR C 176 -17.90 -31.41 9.93
N PHE C 177 -18.53 -30.47 10.62
CA PHE C 177 -18.15 -30.10 12.03
C PHE C 177 -19.34 -30.27 12.95
N VAL C 178 -19.17 -30.98 14.05
CA VAL C 178 -20.29 -31.22 14.92
C VAL C 178 -20.81 -29.97 15.61
N GLN C 179 -19.89 -29.09 15.99
CA GLN C 179 -20.28 -27.81 16.65
C GLN C 179 -21.17 -26.93 15.74
N CYS C 180 -20.89 -26.90 14.41
CA CYS C 180 -21.65 -26.09 13.50
C CYS C 180 -23.01 -26.69 13.27
N ASN C 181 -23.07 -28.01 13.23
CA ASN C 181 -24.34 -28.69 13.14
C ASN C 181 -25.20 -28.46 14.41
N SER C 182 -24.57 -28.38 15.56
CA SER C 182 -25.34 -28.29 16.81
C SER C 182 -26.18 -27.01 16.84
N VAL C 183 -25.63 -25.96 16.23
CA VAL C 183 -26.30 -24.67 16.14
C VAL C 183 -27.49 -24.79 15.17
N ALA C 184 -27.28 -25.43 14.05
CA ALA C 184 -28.39 -25.70 13.09
C ALA C 184 -29.52 -26.47 13.66
N TYR C 185 -29.21 -27.56 14.36
CA TYR C 185 -30.26 -28.31 15.01
C TYR C 185 -30.98 -27.51 16.08
N LEU C 186 -30.27 -26.78 16.92
CA LEU C 186 -30.96 -25.98 17.91
C LEU C 186 -31.87 -24.96 17.21
N SER C 187 -31.45 -24.44 16.06
CA SER C 187 -32.33 -23.54 15.29
C SER C 187 -33.68 -24.18 14.95
N LEU C 188 -33.70 -25.49 14.68
CA LEU C 188 -34.94 -26.17 14.37
C LEU C 188 -35.83 -26.24 15.57
N TRP C 189 -35.23 -26.46 16.76
CA TRP C 189 -36.00 -26.44 17.99
C TRP C 189 -36.68 -25.08 18.22
N VAL C 190 -35.94 -24.02 17.92
CA VAL C 190 -36.49 -22.68 18.16
C VAL C 190 -37.63 -22.41 17.15
N TYR C 191 -37.45 -22.83 15.89
CA TYR C 191 -38.50 -22.62 14.91
C TYR C 191 -39.74 -23.38 15.39
N ASP C 192 -39.57 -24.64 15.84
CA ASP C 192 -40.66 -25.41 16.33
C ASP C 192 -41.38 -24.77 17.53
N ARG C 193 -40.62 -24.18 18.43
CA ARG C 193 -41.24 -23.55 19.52
C ARG C 193 -42.15 -22.42 19.04
N LEU C 194 -41.69 -21.67 18.06
CA LEU C 194 -42.42 -20.51 17.58
C LEU C 194 -43.63 -20.92 16.66
N HIS C 195 -43.54 -22.05 15.99
CA HIS C 195 -44.50 -22.40 14.90
C HIS C 195 -45.32 -23.64 15.18
N GLY C 196 -44.98 -24.46 16.15
CA GLY C 196 -45.69 -25.70 16.42
C GLY C 196 -45.42 -26.84 15.46
N THR C 197 -44.31 -26.75 14.73
CA THR C 197 -43.87 -27.76 13.79
C THR C 197 -43.01 -28.85 14.48
N ASP C 198 -42.44 -29.75 13.69
CA ASP C 198 -41.64 -30.82 14.24
C ASP C 198 -40.37 -31.01 13.45
N TYR C 199 -39.75 -29.93 13.02
CA TYR C 199 -38.47 -30.05 12.34
C TYR C 199 -37.41 -30.64 13.30
N ARG C 200 -37.58 -30.46 14.60
CA ARG C 200 -36.63 -31.00 15.55
C ARG C 200 -36.57 -32.51 15.60
N ALA C 201 -37.52 -33.22 14.97
CA ALA C 201 -37.49 -34.68 14.96
C ALA C 201 -36.24 -35.27 14.37
N ALA C 202 -35.60 -34.53 13.45
CA ALA C 202 -34.33 -34.99 12.88
C ALA C 202 -33.17 -35.08 13.91
N THR C 203 -33.34 -34.52 15.12
CA THR C 203 -32.30 -34.47 16.13
C THR C 203 -31.84 -35.83 16.59
N ARG C 204 -32.77 -36.78 16.76
CA ARG C 204 -32.43 -38.14 17.25
C ARG C 204 -31.41 -38.80 16.34
N ALA C 205 -31.63 -38.74 15.01
CA ALA C 205 -30.76 -39.45 14.05
C ALA C 205 -29.39 -38.74 14.12
N TRP C 206 -29.39 -37.41 14.33
CA TRP C 206 -28.13 -36.65 14.42
C TRP C 206 -27.29 -37.09 15.66
N LEU C 207 -27.94 -37.14 16.80
CA LEU C 207 -27.28 -37.53 18.04
C LEU C 207 -26.75 -38.98 17.94
N ASP C 208 -27.46 -39.85 17.25
CA ASP C 208 -26.93 -41.18 16.92
C ASP C 208 -25.70 -41.15 16.02
N PHE C 209 -25.72 -40.38 14.94
CA PHE C 209 -24.64 -40.22 14.01
C PHE C 209 -23.36 -39.65 14.61
N ILE C 210 -23.50 -38.63 15.47
CA ILE C 210 -22.27 -38.01 16.05
C ILE C 210 -21.62 -38.89 17.13
N GLN C 211 -22.31 -39.92 17.61
CA GLN C 211 -21.78 -40.83 18.59
C GLN C 211 -21.09 -42.05 17.98
N LYS C 212 -20.82 -41.99 16.70
CA LYS C 212 -20.04 -43.08 16.03
C LYS C 212 -18.62 -42.60 15.91
N ASP C 213 -18.05 -42.54 14.71
CA ASP C 213 -16.64 -42.27 14.63
C ASP C 213 -16.28 -40.84 15.07
N LEU C 214 -17.26 -39.92 15.06
CA LEU C 214 -17.05 -38.57 15.56
C LEU C 214 -16.77 -38.37 17.09
N ILE C 215 -17.03 -39.38 17.90
CA ILE C 215 -16.85 -39.25 19.35
C ILE C 215 -15.92 -40.30 19.87
N ASP C 216 -15.17 -39.93 20.90
CA ASP C 216 -14.49 -40.88 21.77
C ASP C 216 -15.30 -40.91 23.03
N PRO C 217 -16.16 -41.95 23.20
CA PRO C 217 -17.11 -41.89 24.27
C PRO C 217 -16.48 -42.06 25.64
N GLU C 218 -15.37 -42.78 25.74
CA GLU C 218 -14.63 -42.87 27.04
C GLU C 218 -14.04 -41.53 27.54
N ARG C 219 -13.54 -40.72 26.64
CA ARG C 219 -12.97 -39.40 26.97
C ARG C 219 -14.04 -38.31 26.93
N GLY C 220 -15.28 -38.61 26.42
CA GLY C 220 -16.34 -37.62 26.35
C GLY C 220 -15.97 -36.47 25.44
N ALA C 221 -15.35 -36.80 24.30
CA ALA C 221 -14.79 -35.80 23.41
C ALA C 221 -15.04 -36.10 21.97
N PHE C 222 -15.41 -35.07 21.24
CA PHE C 222 -15.56 -35.18 19.77
C PHE C 222 -14.24 -34.94 19.06
N TYR C 223 -14.08 -35.65 17.93
CA TYR C 223 -13.00 -35.39 16.95
C TYR C 223 -13.21 -34.14 16.21
N LEU C 224 -12.15 -33.59 15.63
CA LEU C 224 -12.17 -32.31 15.01
C LEU C 224 -13.19 -32.16 13.90
N SER C 225 -13.21 -33.11 12.97
CA SER C 225 -14.08 -33.03 11.77
C SER C 225 -14.20 -34.35 11.09
N TYR C 226 -15.25 -34.44 10.25
CA TYR C 226 -15.61 -35.57 9.42
C TYR C 226 -15.71 -35.13 7.98
N HIS C 227 -15.37 -36.05 7.05
CA HIS C 227 -15.19 -35.72 5.66
C HIS C 227 -15.88 -36.75 4.80
N PRO C 228 -17.16 -36.48 4.44
CA PRO C 228 -18.06 -37.49 3.93
C PRO C 228 -17.57 -38.19 2.66
N GLU C 229 -16.87 -37.49 1.79
CA GLU C 229 -16.38 -38.10 0.58
C GLU C 229 -15.46 -39.29 0.85
N SER C 230 -14.58 -39.18 1.85
CA SER C 230 -13.63 -40.27 2.18
C SER C 230 -14.14 -41.11 3.34
N GLY C 231 -15.10 -40.58 4.09
CA GLY C 231 -15.42 -41.12 5.41
C GLY C 231 -14.38 -40.85 6.54
N ALA C 232 -13.34 -40.11 6.27
CA ALA C 232 -12.30 -39.87 7.27
C ALA C 232 -12.84 -39.04 8.40
N VAL C 233 -12.29 -39.31 9.55
CA VAL C 233 -12.39 -38.36 10.68
C VAL C 233 -10.96 -37.89 11.04
N LYS C 234 -10.75 -36.61 11.21
CA LYS C 234 -9.42 -36.12 11.59
C LYS C 234 -9.20 -36.59 12.99
N PRO C 235 -8.11 -37.37 13.23
CA PRO C 235 -7.94 -38.14 14.40
C PRO C 235 -7.45 -37.39 15.61
N TRP C 236 -7.88 -36.16 15.88
CA TRP C 236 -7.49 -35.50 17.14
C TRP C 236 -8.82 -35.08 17.77
N ILE C 237 -8.94 -35.32 19.06
CA ILE C 237 -10.08 -34.78 19.85
C ILE C 237 -9.88 -33.32 20.14
N SER C 238 -10.99 -32.56 20.19
CA SER C 238 -10.96 -31.09 20.34
C SER C 238 -11.84 -30.61 21.49
N ALA C 239 -11.21 -29.93 22.43
CA ALA C 239 -11.94 -29.38 23.61
C ALA C 239 -12.94 -28.31 23.26
N TYR C 240 -12.53 -27.32 22.46
CA TYR C 240 -13.45 -26.25 22.12
C TYR C 240 -14.67 -26.77 21.30
N THR C 241 -14.40 -27.71 20.38
CA THR C 241 -15.45 -28.37 19.60
C THR C 241 -16.41 -29.06 20.55
N THR C 242 -15.86 -29.80 21.52
CA THR C 242 -16.68 -30.53 22.48
C THR C 242 -17.47 -29.63 23.40
N ALA C 243 -16.82 -28.62 23.92
CA ALA C 243 -17.49 -27.75 24.93
C ALA C 243 -18.67 -27.06 24.28
N TRP C 244 -18.47 -26.48 23.10
CA TRP C 244 -19.53 -25.80 22.37
C TRP C 244 -20.68 -26.81 22.07
N THR C 245 -20.34 -27.94 21.48
CA THR C 245 -21.32 -28.94 21.14
C THR C 245 -22.12 -29.39 22.32
N LEU C 246 -21.46 -29.78 23.40
CA LEU C 246 -22.23 -30.22 24.61
C LEU C 246 -23.10 -29.12 25.19
N ALA C 247 -22.65 -27.87 25.12
CA ALA C 247 -23.47 -26.80 25.62
C ALA C 247 -24.81 -26.66 24.83
N MET C 248 -24.75 -26.70 23.52
CA MET C 248 -25.92 -26.57 22.74
C MET C 248 -26.78 -27.81 22.82
N VAL C 249 -26.17 -28.96 22.77
CA VAL C 249 -26.96 -30.20 22.90
C VAL C 249 -27.68 -30.32 24.24
N HIS C 250 -27.16 -29.70 25.29
CA HIS C 250 -27.83 -29.76 26.56
C HIS C 250 -29.15 -29.08 26.56
N GLY C 251 -29.39 -28.15 25.64
CA GLY C 251 -30.72 -27.57 25.47
C GLY C 251 -31.69 -28.45 24.67
N MET C 252 -31.20 -29.50 23.99
CA MET C 252 -32.03 -30.38 23.19
C MET C 252 -32.23 -31.76 23.87
N ASP C 253 -31.15 -32.33 24.37
CA ASP C 253 -31.11 -33.66 25.04
C ASP C 253 -30.17 -33.53 26.25
N PRO C 254 -30.70 -33.05 27.37
CA PRO C 254 -29.83 -32.78 28.50
C PRO C 254 -29.09 -33.99 28.98
N ALA C 255 -29.73 -35.15 28.86
CA ALA C 255 -29.04 -36.37 29.26
C ALA C 255 -27.72 -36.67 28.48
N PHE C 256 -27.70 -36.40 27.18
CA PHE C 256 -26.51 -36.59 26.33
C PHE C 256 -25.32 -35.83 26.99
N SER C 257 -25.53 -34.55 27.26
CA SER C 257 -24.43 -33.75 27.75
C SER C 257 -24.08 -34.12 29.16
N GLU C 258 -25.09 -34.46 29.97
CA GLU C 258 -24.84 -34.92 31.34
C GLU C 258 -24.03 -36.15 31.38
N ARG C 259 -24.22 -37.06 30.43
CA ARG C 259 -23.40 -38.26 30.30
C ARG C 259 -21.92 -37.95 30.08
N TYR C 260 -21.65 -37.05 29.16
CA TYR C 260 -20.26 -36.87 28.70
C TYR C 260 -19.52 -35.85 29.51
N TYR C 261 -20.25 -34.99 30.24
CA TYR C 261 -19.60 -33.78 30.86
C TYR C 261 -18.49 -34.13 31.85
N PRO C 262 -18.69 -35.13 32.73
CA PRO C 262 -17.58 -35.45 33.66
C PRO C 262 -16.37 -35.98 32.99
N ARG C 263 -16.57 -36.72 31.90
CA ARG C 263 -15.47 -37.26 31.11
C ARG C 263 -14.68 -36.21 30.36
N PHE C 264 -15.43 -35.29 29.72
CA PHE C 264 -14.89 -34.11 29.10
C PHE C 264 -14.00 -33.37 30.10
N LYS C 265 -14.48 -33.17 31.33
CA LYS C 265 -13.65 -32.46 32.34
C LYS C 265 -12.33 -33.19 32.66
N GLN C 266 -12.44 -34.49 32.85
CA GLN C 266 -11.26 -35.28 33.14
C GLN C 266 -10.28 -35.26 31.98
N THR C 267 -10.78 -35.33 30.76
CA THR C 267 -9.91 -35.31 29.58
C THR C 267 -9.13 -34.00 29.41
N PHE C 268 -9.79 -32.83 29.60
CA PHE C 268 -9.24 -31.60 29.13
C PHE C 268 -9.00 -30.54 30.18
N VAL C 269 -9.69 -30.59 31.29
CA VAL C 269 -9.64 -29.45 32.27
C VAL C 269 -8.52 -29.62 33.26
N GLU C 270 -7.63 -28.60 33.35
CA GLU C 270 -6.55 -28.60 34.34
C GLU C 270 -6.92 -27.58 35.44
N VAL C 271 -7.14 -28.05 36.64
CA VAL C 271 -7.31 -27.17 37.82
C VAL C 271 -5.94 -26.81 38.33
N TYR C 272 -5.73 -25.54 38.65
CA TYR C 272 -4.42 -25.11 39.11
C TYR C 272 -4.56 -24.00 40.18
N ASP C 273 -3.41 -23.49 40.65
CA ASP C 273 -3.44 -22.42 41.63
C ASP C 273 -4.29 -22.79 42.83
N GLU C 274 -3.97 -23.95 43.39
CA GLU C 274 -4.56 -24.41 44.63
C GLU C 274 -6.05 -24.54 44.55
N GLY C 275 -6.55 -24.85 43.35
CA GLY C 275 -7.99 -25.01 43.20
C GLY C 275 -8.75 -23.77 42.83
N ARG C 276 -8.07 -22.63 42.78
CA ARG C 276 -8.72 -21.35 42.49
C ARG C 276 -8.96 -21.10 40.99
N LYS C 277 -8.20 -21.79 40.13
CA LYS C 277 -8.22 -21.50 38.69
C LYS C 277 -8.28 -22.77 37.89
N ALA C 278 -8.70 -22.65 36.65
CA ALA C 278 -8.67 -23.81 35.72
C ALA C 278 -8.38 -23.29 34.32
N ARG C 279 -7.73 -24.12 33.49
CA ARG C 279 -7.50 -23.82 32.11
C ARG C 279 -7.66 -25.13 31.32
N VAL C 280 -7.98 -25.02 30.03
CA VAL C 280 -8.41 -26.16 29.25
C VAL C 280 -7.45 -26.48 28.12
N ARG C 281 -6.99 -27.71 28.05
CA ARG C 281 -6.11 -28.15 26.97
C ARG C 281 -7.04 -28.37 25.76
N GLU C 282 -6.57 -28.02 24.58
CA GLU C 282 -7.39 -28.15 23.35
C GLU C 282 -7.47 -29.56 22.80
N THR C 283 -6.42 -30.36 23.00
CA THR C 283 -6.40 -31.75 22.49
C THR C 283 -5.69 -32.64 23.45
N ALA C 284 -5.70 -33.92 23.18
CA ALA C 284 -5.01 -34.92 23.95
C ALA C 284 -3.51 -34.90 23.70
N GLY C 285 -2.77 -35.51 24.63
CA GLY C 285 -1.30 -35.71 24.46
C GLY C 285 -0.50 -34.45 24.56
N THR C 286 -1.01 -33.45 25.31
CA THR C 286 -0.29 -32.19 25.56
C THR C 286 -0.59 -31.74 26.97
N ASP C 287 0.32 -30.93 27.54
CA ASP C 287 0.07 -30.16 28.76
C ASP C 287 -0.30 -28.75 28.48
N ASP C 288 -0.17 -28.30 27.24
CA ASP C 288 -0.42 -26.88 26.90
C ASP C 288 -1.94 -26.57 26.93
N ALA C 289 -2.29 -25.40 27.48
CA ALA C 289 -3.71 -24.94 27.49
C ALA C 289 -4.01 -24.11 26.28
N ASP C 290 -5.25 -24.13 25.80
CA ASP C 290 -5.72 -23.18 24.82
C ASP C 290 -4.95 -23.10 23.53
N GLY C 291 -4.50 -24.27 23.07
CA GLY C 291 -3.88 -24.37 21.74
C GLY C 291 -4.93 -24.28 20.65
N GLY C 292 -4.50 -24.48 19.41
CA GLY C 292 -5.46 -24.47 18.29
C GLY C 292 -6.00 -23.10 18.02
N VAL C 293 -7.34 -22.99 17.87
CA VAL C 293 -7.97 -21.68 17.74
C VAL C 293 -7.95 -20.86 19.07
N GLY C 294 -7.54 -21.43 20.18
CA GLY C 294 -7.30 -20.69 21.41
C GLY C 294 -8.53 -20.43 22.24
N LEU C 295 -9.60 -21.20 22.01
CA LEU C 295 -10.91 -20.98 22.57
C LEU C 295 -11.41 -22.06 23.53
N ALA C 296 -10.58 -23.04 23.85
CA ALA C 296 -11.05 -24.12 24.69
C ALA C 296 -11.55 -23.62 26.05
N SER C 297 -10.79 -22.78 26.72
CA SER C 297 -11.20 -22.29 28.06
C SER C 297 -12.47 -21.40 28.00
N ALA C 298 -12.56 -20.54 27.02
CA ALA C 298 -13.72 -19.65 26.87
C ALA C 298 -14.98 -20.45 26.51
N PHE C 299 -14.89 -21.46 25.62
CA PHE C 299 -16.10 -22.26 25.37
C PHE C 299 -16.45 -23.14 26.57
N THR C 300 -15.44 -23.57 27.31
CA THR C 300 -15.72 -24.36 28.53
C THR C 300 -16.40 -23.49 29.60
N LEU C 301 -16.12 -22.17 29.63
CA LEU C 301 -16.78 -21.31 30.51
C LEU C 301 -18.29 -21.28 30.21
N LEU C 302 -18.60 -21.18 28.90
CA LEU C 302 -20.00 -21.28 28.46
C LEU C 302 -20.65 -22.63 28.85
N LEU C 303 -19.92 -23.76 28.67
CA LEU C 303 -20.42 -25.07 29.06
C LEU C 303 -20.67 -25.17 30.52
N ALA C 304 -19.75 -24.67 31.34
CA ALA C 304 -19.91 -24.70 32.78
C ALA C 304 -21.16 -23.97 33.19
N ARG C 305 -21.38 -22.85 32.55
CA ARG C 305 -22.59 -22.07 32.81
C ARG C 305 -23.83 -22.87 32.44
N GLU C 306 -23.83 -23.43 31.25
CA GLU C 306 -24.96 -24.25 30.76
C GLU C 306 -25.24 -25.39 31.68
N MET C 307 -24.20 -26.03 32.23
CA MET C 307 -24.38 -27.21 33.08
C MET C 307 -24.64 -26.85 34.58
N GLY C 308 -24.58 -25.57 34.94
CA GLY C 308 -24.78 -25.15 36.30
C GLY C 308 -23.59 -25.41 37.17
N ASP C 309 -22.37 -25.49 36.58
CA ASP C 309 -21.19 -25.89 37.32
C ASP C 309 -20.49 -24.61 37.83
N GLN C 310 -20.96 -24.11 38.96
CA GLN C 310 -20.43 -22.86 39.48
C GLN C 310 -18.99 -22.92 39.82
N GLN C 311 -18.53 -24.04 40.34
CA GLN C 311 -17.10 -24.11 40.73
C GLN C 311 -16.22 -24.00 39.53
N LEU C 312 -16.51 -24.76 38.44
CA LEU C 312 -15.66 -24.69 37.27
C LEU C 312 -15.77 -23.33 36.59
N PHE C 313 -16.98 -22.80 36.56
CA PHE C 313 -17.18 -21.44 36.02
C PHE C 313 -16.23 -20.45 36.73
N ASP C 314 -16.25 -20.46 38.03
CA ASP C 314 -15.43 -19.58 38.84
C ASP C 314 -13.93 -19.75 38.49
N GLN C 315 -13.50 -21.00 38.43
CA GLN C 315 -12.09 -21.29 38.16
C GLN C 315 -11.64 -20.81 36.78
N LEU C 316 -12.51 -20.98 35.77
CA LEU C 316 -12.19 -20.57 34.45
C LEU C 316 -12.17 -19.08 34.35
N LEU C 317 -13.17 -18.43 34.95
CA LEU C 317 -13.20 -16.98 34.83
C LEU C 317 -12.04 -16.37 35.62
N ASN C 318 -11.55 -17.03 36.65
CA ASN C 318 -10.34 -16.54 37.36
C ASN C 318 -9.07 -16.66 36.49
N HIS C 319 -9.04 -17.64 35.58
CA HIS C 319 -7.96 -17.81 34.64
C HIS C 319 -8.05 -16.78 33.51
N LEU C 320 -9.26 -16.56 33.01
CA LEU C 320 -9.49 -15.73 31.83
C LEU C 320 -9.52 -14.24 32.02
N GLU C 321 -10.23 -13.78 33.03
CA GLU C 321 -10.53 -12.36 33.13
C GLU C 321 -9.38 -11.49 33.67
N PRO C 322 -8.85 -11.85 34.84
CA PRO C 322 -7.82 -10.96 35.48
C PRO C 322 -6.63 -10.60 34.58
N PRO C 323 -6.10 -11.54 33.81
CA PRO C 323 -4.93 -11.13 32.99
C PRO C 323 -5.28 -10.26 31.80
N ALA C 324 -6.54 -10.25 31.44
CA ALA C 324 -7.02 -9.39 30.37
C ALA C 324 -7.24 -7.94 30.80
N LYS C 325 -7.14 -7.66 32.11
CA LYS C 325 -7.13 -6.33 32.70
C LYS C 325 -8.37 -5.54 32.31
N PRO C 326 -9.54 -6.01 32.79
CA PRO C 326 -10.78 -5.25 32.55
C PRO C 326 -10.67 -3.87 33.19
N SER C 327 -11.28 -2.87 32.57
CA SER C 327 -11.66 -1.69 33.38
C SER C 327 -12.95 -1.13 32.90
N ILE C 328 -13.61 -0.46 33.81
CA ILE C 328 -14.85 0.21 33.51
C ILE C 328 -14.61 1.72 33.58
N VAL C 329 -14.75 2.36 32.45
CA VAL C 329 -14.38 3.80 32.31
C VAL C 329 -15.67 4.42 31.78
N SER C 330 -16.15 5.44 32.44
CA SER C 330 -17.40 6.09 32.03
C SER C 330 -18.52 5.01 31.82
N ALA C 331 -18.61 4.07 32.79
CA ALA C 331 -19.66 3.04 32.87
C ALA C 331 -19.67 2.11 31.66
N SER C 332 -18.52 1.98 31.01
CA SER C 332 -18.39 1.09 29.85
C SER C 332 -17.19 0.20 30.03
N LEU C 333 -17.33 -1.06 29.64
CA LEU C 333 -16.26 -2.08 29.90
C LEU C 333 -15.31 -2.21 28.76
N ARG C 334 -14.03 -2.32 29.08
CA ARG C 334 -12.98 -2.59 28.08
C ARG C 334 -11.94 -3.56 28.76
N TYR C 335 -11.26 -4.32 27.93
CA TYR C 335 -10.18 -5.18 28.31
C TYR C 335 -8.86 -4.63 27.66
N GLU C 336 -7.83 -4.39 28.44
CA GLU C 336 -6.49 -3.98 27.88
C GLU C 336 -5.83 -5.12 27.11
N HIS C 337 -5.99 -6.38 27.56
CA HIS C 337 -5.24 -7.52 26.98
C HIS C 337 -6.16 -8.74 26.76
N PRO C 338 -7.14 -8.62 25.84
CA PRO C 338 -8.01 -9.78 25.54
C PRO C 338 -7.13 -10.96 25.20
N GLY C 339 -7.43 -12.15 25.74
CA GLY C 339 -6.52 -13.25 25.60
C GLY C 339 -6.76 -14.11 24.36
N SER C 340 -7.78 -13.84 23.57
CA SER C 340 -8.13 -14.65 22.42
C SER C 340 -9.00 -13.85 21.51
N LEU C 341 -9.27 -14.41 20.34
CA LEU C 341 -10.36 -13.95 19.52
C LEU C 341 -11.68 -14.11 20.29
N LEU C 342 -12.66 -13.30 19.90
CA LEU C 342 -14.01 -13.42 20.43
C LEU C 342 -14.06 -13.28 21.97
N PHE C 343 -13.13 -12.53 22.53
CA PHE C 343 -12.99 -12.48 23.99
C PHE C 343 -14.18 -11.82 24.69
N ASP C 344 -14.47 -10.57 24.35
CA ASP C 344 -15.52 -9.93 25.03
C ASP C 344 -16.89 -10.55 24.74
N GLU C 345 -17.02 -11.12 23.58
CA GLU C 345 -18.25 -11.78 23.18
C GLU C 345 -18.53 -13.01 24.07
N LEU C 346 -17.51 -13.86 24.20
CA LEU C 346 -17.68 -15.09 24.92
C LEU C 346 -17.73 -14.87 26.43
N LEU C 347 -16.98 -13.92 26.96
CA LEU C 347 -17.14 -13.60 28.37
C LEU C 347 -18.53 -13.00 28.68
N PHE C 348 -19.01 -12.13 27.78
CA PHE C 348 -20.40 -11.66 27.87
C PHE C 348 -21.40 -12.75 27.93
N LEU C 349 -21.35 -13.61 26.91
CA LEU C 349 -22.30 -14.66 26.80
C LEU C 349 -22.29 -15.59 28.05
N ALA C 350 -21.09 -15.99 28.51
CA ALA C 350 -21.00 -16.86 29.60
C ALA C 350 -21.58 -16.19 30.92
N LYS C 351 -21.35 -14.88 31.09
CA LYS C 351 -21.81 -14.17 32.30
C LYS C 351 -23.33 -14.12 32.36
N VAL C 352 -24.02 -14.03 31.20
CA VAL C 352 -25.48 -13.89 31.16
C VAL C 352 -26.23 -15.13 30.89
N HIS C 353 -25.55 -16.15 30.39
CA HIS C 353 -26.28 -17.27 29.75
C HIS C 353 -27.25 -18.04 30.65
N ALA C 354 -28.50 -18.05 30.28
CA ALA C 354 -29.57 -18.61 31.12
C ALA C 354 -29.82 -20.07 30.88
N GLY C 355 -29.17 -20.65 29.89
CA GLY C 355 -29.37 -22.01 29.47
C GLY C 355 -30.16 -22.08 28.20
N PHE C 356 -29.70 -22.90 27.24
CA PHE C 356 -30.38 -22.97 25.94
C PHE C 356 -31.80 -23.45 26.04
N GLY C 357 -32.04 -24.33 27.02
CA GLY C 357 -33.39 -24.77 27.29
C GLY C 357 -34.26 -23.67 27.80
N ALA C 358 -33.71 -22.80 28.66
CA ALA C 358 -34.47 -21.71 29.18
C ALA C 358 -34.80 -20.73 28.04
N LEU C 359 -33.86 -20.52 27.11
CA LEU C 359 -34.15 -19.62 25.94
C LEU C 359 -35.27 -20.17 25.06
N LEU C 360 -35.25 -21.48 24.89
CA LEU C 360 -36.34 -22.10 24.20
C LEU C 360 -37.68 -21.86 24.83
N ARG C 361 -37.72 -21.76 26.13
CA ARG C 361 -38.93 -21.61 26.91
C ARG C 361 -39.25 -20.18 27.23
N MET C 362 -38.62 -19.22 26.54
CA MET C 362 -38.76 -17.81 26.90
C MET C 362 -40.22 -17.45 26.84
N PRO C 363 -40.74 -16.82 27.88
CA PRO C 363 -42.15 -16.34 27.82
C PRO C 363 -42.34 -15.24 26.83
N PRO C 364 -43.55 -15.07 26.32
CA PRO C 364 -43.79 -14.01 25.35
C PRO C 364 -43.60 -12.62 25.92
N PRO C 365 -43.37 -11.65 25.03
CA PRO C 365 -43.17 -10.26 25.49
C PRO C 365 -44.41 -9.54 26.06
N ALA D 2 50.93 -10.25 -12.83
CA ALA D 2 51.95 -11.14 -12.17
C ALA D 2 51.49 -11.21 -10.68
N GLU D 3 51.59 -10.11 -9.93
CA GLU D 3 51.17 -10.12 -8.54
C GLU D 3 49.64 -9.80 -8.40
N LEU D 4 48.94 -10.54 -7.52
CA LEU D 4 47.52 -10.33 -7.30
C LEU D 4 47.34 -9.14 -6.35
N PRO D 5 46.67 -8.06 -6.82
CA PRO D 5 46.56 -6.91 -5.92
C PRO D 5 45.60 -7.15 -4.80
N PRO D 6 45.70 -6.34 -3.72
CA PRO D 6 44.84 -6.57 -2.59
C PRO D 6 43.35 -6.47 -2.93
N GLY D 7 42.57 -7.42 -2.43
CA GLY D 7 41.15 -7.47 -2.71
C GLY D 7 40.68 -7.93 -4.11
N ARG D 8 41.63 -8.23 -4.98
CA ARG D 8 41.31 -8.65 -6.36
C ARG D 8 41.07 -10.15 -6.41
N LEU D 9 40.31 -10.59 -7.40
CA LEU D 9 40.05 -11.99 -7.61
C LEU D 9 40.99 -12.66 -8.60
N ALA D 10 41.48 -11.95 -9.60
CA ALA D 10 42.44 -12.47 -10.55
C ALA D 10 43.27 -11.33 -11.01
N THR D 11 44.46 -11.62 -11.53
CA THR D 11 45.33 -10.54 -12.02
C THR D 11 44.83 -10.00 -13.35
N THR D 12 45.24 -8.77 -13.64
CA THR D 12 45.02 -8.19 -14.97
C THR D 12 45.60 -9.08 -16.07
N GLU D 13 46.80 -9.57 -15.85
CA GLU D 13 47.43 -10.46 -16.79
C GLU D 13 46.53 -11.69 -17.11
N ASP D 14 45.96 -12.25 -16.08
CA ASP D 14 45.01 -13.38 -16.22
C ASP D 14 43.78 -13.02 -17.03
N TYR D 15 43.16 -11.86 -16.78
CA TYR D 15 42.05 -11.44 -17.66
C TYR D 15 42.48 -11.33 -19.13
N PHE D 16 43.61 -10.66 -19.38
CA PHE D 16 44.01 -10.42 -20.72
C PHE D 16 44.44 -11.72 -21.43
N ALA D 17 44.79 -12.74 -20.67
CA ALA D 17 45.28 -14.00 -21.24
C ALA D 17 44.20 -15.08 -21.43
N GLN D 18 42.94 -14.76 -21.07
CA GLN D 18 41.87 -15.74 -21.18
C GLN D 18 41.73 -16.30 -22.59
N GLN D 19 41.74 -15.43 -23.59
CA GLN D 19 41.50 -15.86 -24.95
C GLN D 19 42.67 -16.78 -25.41
N ALA D 20 43.90 -16.40 -25.09
CA ALA D 20 45.07 -17.29 -25.43
C ALA D 20 45.01 -18.61 -24.70
N LYS D 21 44.51 -18.67 -23.48
CA LYS D 21 44.40 -19.87 -22.77
C LYS D 21 43.17 -20.68 -23.12
N GLN D 22 42.25 -20.10 -23.87
CA GLN D 22 40.92 -20.71 -24.14
C GLN D 22 40.18 -21.10 -22.88
N ALA D 23 40.23 -20.21 -21.87
CA ALA D 23 39.56 -20.47 -20.66
C ALA D 23 39.26 -19.15 -19.96
N VAL D 24 38.07 -19.06 -19.43
CA VAL D 24 37.76 -17.95 -18.58
C VAL D 24 38.37 -18.12 -17.18
N THR D 25 38.60 -17.03 -16.44
CA THR D 25 39.17 -17.16 -15.09
C THR D 25 38.08 -17.73 -14.15
N PRO D 26 38.47 -18.26 -12.99
CA PRO D 26 37.47 -18.83 -12.08
C PRO D 26 36.43 -17.83 -11.58
N ASP D 27 36.80 -16.57 -11.40
CA ASP D 27 35.83 -15.57 -11.04
C ASP D 27 34.85 -15.22 -12.13
N VAL D 28 35.30 -15.18 -13.39
CA VAL D 28 34.36 -15.04 -14.54
C VAL D 28 33.40 -16.26 -14.58
N MET D 29 33.94 -17.47 -14.38
CA MET D 29 33.07 -18.64 -14.31
C MET D 29 32.01 -18.47 -13.17
N ALA D 30 32.45 -17.96 -12.00
CA ALA D 30 31.52 -17.70 -10.84
C ALA D 30 30.46 -16.67 -11.17
N GLN D 31 30.82 -15.68 -12.01
CA GLN D 31 29.86 -14.72 -12.49
C GLN D 31 28.83 -15.38 -13.41
N LEU D 32 29.30 -16.28 -14.26
CA LEU D 32 28.42 -17.00 -15.20
C LEU D 32 27.47 -17.89 -14.36
N ALA D 33 28.00 -18.43 -13.25
CA ALA D 33 27.11 -19.14 -12.33
C ALA D 33 26.07 -18.25 -11.71
N TYR D 34 26.43 -17.07 -11.20
CA TYR D 34 25.46 -16.12 -10.75
C TYR D 34 24.37 -15.90 -11.86
N MET D 35 24.84 -15.76 -13.07
CA MET D 35 23.95 -15.49 -14.21
C MET D 35 23.01 -16.63 -14.51
N ASN D 36 23.42 -17.91 -14.28
CA ASN D 36 22.70 -19.07 -14.81
C ASN D 36 22.15 -20.13 -13.82
N TYR D 37 22.63 -20.11 -12.58
CA TYR D 37 22.56 -21.29 -11.69
C TYR D 37 21.18 -21.51 -11.00
N ILE D 38 20.78 -20.55 -10.19
CA ILE D 38 19.65 -20.71 -9.28
C ILE D 38 18.33 -20.62 -10.04
N ASP D 39 17.47 -21.62 -9.84
CA ASP D 39 16.14 -21.57 -10.38
C ASP D 39 15.42 -20.28 -10.14
N PHE D 40 14.70 -19.83 -11.17
CA PHE D 40 13.81 -18.68 -11.13
C PHE D 40 14.39 -17.32 -10.95
N ILE D 41 15.41 -17.17 -10.10
CA ILE D 41 15.92 -15.89 -9.71
C ILE D 41 17.21 -15.51 -10.42
N SER D 42 17.86 -16.42 -11.10
CA SER D 42 19.08 -16.08 -11.85
C SER D 42 18.57 -15.32 -13.13
N PRO D 43 19.39 -14.34 -13.61
CA PRO D 43 18.88 -13.52 -14.72
C PRO D 43 18.68 -14.28 -16.03
N PHE D 44 19.46 -15.35 -16.23
CA PHE D 44 19.35 -16.20 -17.43
C PHE D 44 18.68 -17.55 -17.18
N TYR D 45 17.72 -17.56 -16.25
CA TYR D 45 16.99 -18.79 -15.98
C TYR D 45 16.09 -19.25 -17.12
N SER D 46 15.32 -18.35 -17.64
CA SER D 46 14.44 -18.69 -18.78
C SER D 46 14.19 -17.55 -19.71
N ARG D 47 13.62 -17.91 -20.85
CA ARG D 47 13.16 -16.94 -21.84
C ARG D 47 11.98 -16.10 -21.43
N GLY D 48 11.27 -16.47 -20.36
CA GLY D 48 10.06 -15.75 -19.99
C GLY D 48 10.21 -14.27 -19.68
N CYS D 49 9.08 -13.56 -19.63
CA CYS D 49 9.04 -12.17 -19.22
C CYS D 49 9.02 -12.05 -17.70
N SER D 50 10.05 -12.58 -17.07
CA SER D 50 10.17 -12.63 -15.61
CA SER D 50 10.16 -12.61 -15.65
C SER D 50 11.46 -11.92 -15.28
N PHE D 51 11.40 -11.02 -14.30
CA PHE D 51 12.58 -10.15 -13.98
C PHE D 51 12.98 -10.20 -12.54
N GLU D 52 12.78 -11.34 -11.90
CA GLU D 52 13.13 -11.46 -10.49
C GLU D 52 14.55 -11.15 -10.17
N ALA D 53 15.48 -11.57 -11.00
CA ALA D 53 16.88 -11.24 -10.75
C ALA D 53 17.12 -9.76 -10.58
N TRP D 54 16.43 -8.98 -11.40
CA TRP D 54 16.61 -7.52 -11.41
C TRP D 54 15.86 -6.90 -10.24
N GLU D 55 14.72 -7.49 -9.89
CA GLU D 55 13.97 -7.06 -8.69
C GLU D 55 14.89 -7.21 -7.49
N LEU D 56 15.57 -8.32 -7.38
CA LEU D 56 16.42 -8.56 -6.19
C LEU D 56 17.59 -7.62 -6.04
N LYS D 57 18.12 -7.17 -7.18
CA LYS D 57 19.18 -6.17 -7.22
C LYS D 57 18.72 -4.74 -7.21
N HIS D 58 17.42 -4.52 -7.13
CA HIS D 58 16.84 -3.19 -7.15
C HIS D 58 17.15 -2.42 -8.43
N THR D 59 17.23 -3.10 -9.56
CA THR D 59 17.44 -2.45 -10.85
C THR D 59 16.25 -1.54 -11.15
N PRO D 60 16.51 -0.26 -11.35
CA PRO D 60 15.39 0.58 -11.86
C PRO D 60 14.88 0.13 -13.24
N GLN D 61 13.60 0.26 -13.47
CA GLN D 61 13.04 -0.20 -14.73
C GLN D 61 13.80 0.33 -15.95
N ARG D 62 14.10 1.60 -15.94
CA ARG D 62 14.70 2.22 -17.14
C ARG D 62 16.16 1.62 -17.44
N VAL D 63 16.76 0.96 -16.46
CA VAL D 63 18.11 0.42 -16.55
C VAL D 63 18.12 -1.02 -17.04
N ILE D 64 16.96 -1.70 -17.03
CA ILE D 64 16.94 -3.12 -17.32
C ILE D 64 17.50 -3.37 -18.73
N LYS D 65 17.12 -2.53 -19.68
CA LYS D 65 17.55 -2.75 -21.10
C LYS D 65 19.10 -2.71 -21.21
N TYR D 66 19.68 -1.82 -20.44
CA TYR D 66 21.17 -1.68 -20.39
C TYR D 66 21.82 -2.91 -19.74
N SER D 67 21.24 -3.38 -18.61
CA SER D 67 21.76 -4.59 -17.96
C SER D 67 21.78 -5.80 -18.90
N ILE D 68 20.68 -6.06 -19.58
CA ILE D 68 20.61 -7.16 -20.46
C ILE D 68 21.63 -7.00 -21.60
N ALA D 69 21.69 -5.81 -22.18
CA ALA D 69 22.62 -5.56 -23.31
C ALA D 69 24.07 -5.74 -22.92
N PHE D 70 24.44 -5.24 -21.73
CA PHE D 70 25.85 -5.39 -21.28
C PHE D 70 26.17 -6.82 -20.97
N TYR D 71 25.21 -7.56 -20.41
CA TYR D 71 25.43 -8.96 -20.27
C TYR D 71 25.68 -9.64 -21.64
N ALA D 72 24.84 -9.29 -22.61
CA ALA D 72 24.95 -9.87 -23.93
C ALA D 72 26.30 -9.56 -24.56
N TYR D 73 26.75 -8.33 -24.43
CA TYR D 73 28.09 -7.98 -24.97
C TYR D 73 29.18 -8.83 -24.33
N GLY D 74 29.10 -9.05 -23.02
CA GLY D 74 30.12 -9.91 -22.34
C GLY D 74 30.04 -11.36 -22.81
N LEU D 75 28.80 -11.88 -22.93
CA LEU D 75 28.59 -13.22 -23.35
C LEU D 75 29.20 -13.50 -24.75
N ALA D 76 29.14 -12.54 -25.67
CA ALA D 76 29.70 -12.71 -26.97
C ALA D 76 31.24 -12.94 -26.83
N SER D 77 31.90 -12.24 -25.89
CA SER D 77 33.33 -12.48 -25.68
C SER D 77 33.59 -13.83 -25.03
N VAL D 78 32.73 -14.28 -24.10
CA VAL D 78 32.87 -15.62 -23.52
C VAL D 78 32.92 -16.64 -24.61
N ALA D 79 32.06 -16.49 -25.60
CA ALA D 79 31.99 -17.42 -26.71
C ALA D 79 33.28 -17.48 -27.48
N LEU D 80 33.91 -16.31 -27.63
CA LEU D 80 35.17 -16.24 -28.32
C LEU D 80 36.34 -16.80 -27.48
N ILE D 81 36.27 -16.60 -26.19
CA ILE D 81 37.33 -17.06 -25.32
C ILE D 81 37.41 -18.58 -25.23
N ASP D 82 36.28 -19.23 -24.98
CA ASP D 82 36.28 -20.68 -24.69
C ASP D 82 35.25 -21.38 -25.53
N PRO D 83 35.69 -22.13 -26.52
CA PRO D 83 34.78 -22.90 -27.36
C PRO D 83 33.84 -23.81 -26.62
N LYS D 84 34.27 -24.29 -25.48
CA LYS D 84 33.41 -25.13 -24.66
C LYS D 84 32.29 -24.40 -23.96
N LEU D 85 32.37 -23.06 -23.87
CA LEU D 85 31.29 -22.29 -23.31
C LEU D 85 30.47 -21.61 -24.39
N ARG D 86 30.79 -21.86 -25.64
CA ARG D 86 30.10 -21.15 -26.70
C ARG D 86 28.63 -21.49 -26.76
N ALA D 87 28.28 -22.75 -26.56
CA ALA D 87 26.87 -23.12 -26.58
C ALA D 87 26.11 -22.47 -25.42
N LEU D 88 26.71 -22.49 -24.22
CA LEU D 88 26.10 -21.78 -23.11
C LEU D 88 25.90 -20.30 -23.41
N ALA D 89 26.95 -19.67 -23.97
CA ALA D 89 26.85 -18.25 -24.29
C ALA D 89 25.68 -18.00 -25.24
N GLY D 90 25.56 -18.88 -26.25
CA GLY D 90 24.51 -18.78 -27.25
C GLY D 90 23.12 -18.89 -26.65
N HIS D 91 23.01 -19.84 -25.73
CA HIS D 91 21.80 -20.01 -24.97
C HIS D 91 21.39 -18.75 -24.17
N ASP D 92 22.37 -18.22 -23.43
CA ASP D 92 22.15 -17.03 -22.71
C ASP D 92 21.79 -15.83 -23.60
N LEU D 93 22.42 -15.74 -24.77
CA LEU D 93 22.08 -14.70 -25.73
C LEU D 93 20.64 -14.83 -26.28
N ASP D 94 20.18 -16.07 -26.42
CA ASP D 94 18.80 -16.33 -26.87
C ASP D 94 17.85 -15.78 -25.83
N ILE D 95 18.16 -16.09 -24.56
CA ILE D 95 17.38 -15.51 -23.44
C ILE D 95 17.43 -14.03 -23.40
N ALA D 96 18.64 -13.48 -23.60
CA ALA D 96 18.78 -12.05 -23.53
C ALA D 96 17.87 -11.37 -24.54
N VAL D 97 17.89 -11.85 -25.77
CA VAL D 97 17.08 -11.26 -26.81
C VAL D 97 15.59 -11.43 -26.46
N SER D 98 15.19 -12.62 -26.02
CA SER D 98 13.81 -12.83 -25.60
CA SER D 98 13.78 -12.87 -25.60
C SER D 98 13.35 -11.85 -24.55
N LYS D 99 14.17 -11.69 -23.50
CA LYS D 99 13.79 -10.77 -22.40
C LYS D 99 13.74 -9.32 -22.86
N MET D 100 14.68 -8.95 -23.74
CA MET D 100 14.80 -7.62 -24.20
C MET D 100 13.49 -7.16 -24.89
N LYS D 101 12.77 -8.10 -25.48
CA LYS D 101 11.53 -7.79 -26.21
C LYS D 101 10.31 -7.68 -25.27
N CYS D 102 10.46 -7.98 -23.98
CA CYS D 102 9.34 -7.90 -23.02
C CYS D 102 8.99 -6.48 -22.71
N LYS D 103 7.68 -6.19 -22.53
CA LYS D 103 7.27 -4.82 -22.32
C LYS D 103 7.80 -4.20 -21.00
N ARG D 104 8.10 -5.02 -20.01
CA ARG D 104 8.75 -4.51 -18.78
C ARG D 104 10.05 -3.78 -19.13
N VAL D 105 10.73 -4.25 -20.19
CA VAL D 105 12.02 -3.64 -20.65
C VAL D 105 11.88 -2.39 -21.45
N TRP D 106 11.00 -2.39 -22.44
CA TRP D 106 10.87 -1.26 -23.35
C TRP D 106 9.70 -0.33 -23.05
N GLY D 107 8.83 -0.73 -22.13
CA GLY D 107 7.58 -0.02 -21.88
C GLY D 107 7.63 1.38 -21.35
N ASP D 108 8.79 1.83 -20.86
CA ASP D 108 8.94 3.23 -20.58
C ASP D 108 8.63 4.14 -21.75
N TRP D 109 8.88 3.67 -22.96
CA TRP D 109 8.61 4.44 -24.15
C TRP D 109 7.12 4.83 -24.22
N GLU D 110 6.29 3.86 -23.99
CA GLU D 110 4.85 4.11 -23.95
C GLU D 110 4.42 4.90 -22.70
N GLU D 111 4.90 4.50 -21.53
CA GLU D 111 4.52 5.21 -20.30
C GLU D 111 4.88 6.68 -20.30
N ASP D 112 6.02 7.02 -20.90
CA ASP D 112 6.41 8.41 -21.02
C ASP D 112 5.63 9.20 -22.10
N GLY D 113 4.82 8.56 -22.91
CA GLY D 113 3.97 9.29 -23.87
C GLY D 113 4.53 9.30 -25.25
N PHE D 114 5.58 8.53 -25.50
CA PHE D 114 6.28 8.66 -26.82
C PHE D 114 5.74 7.75 -27.92
N GLY D 115 4.98 6.75 -27.57
CA GLY D 115 4.37 5.84 -28.57
C GLY D 115 4.11 4.48 -28.05
N THR D 116 3.33 3.71 -28.78
CA THR D 116 3.02 2.37 -28.36
C THR D 116 3.98 1.34 -28.96
N ASP D 117 4.74 1.74 -29.97
CA ASP D 117 5.65 0.84 -30.63
C ASP D 117 7.10 1.32 -30.40
N PRO D 118 7.94 0.49 -29.76
CA PRO D 118 9.28 0.98 -29.36
C PRO D 118 10.32 0.95 -30.48
N ILE D 119 9.98 0.36 -31.64
CA ILE D 119 10.91 0.14 -32.80
C ILE D 119 10.70 1.18 -33.96
N GLU D 120 9.47 1.64 -34.15
CA GLU D 120 9.10 2.25 -35.43
C GLU D 120 9.84 3.53 -35.75
N LYS D 121 10.12 4.34 -34.72
CA LYS D 121 10.93 5.51 -34.89
C LYS D 121 11.62 5.92 -33.62
N GLU D 122 12.71 6.67 -33.75
CA GLU D 122 13.39 7.21 -32.53
C GLU D 122 13.86 6.06 -31.61
N ASN D 123 13.99 6.32 -30.31
CA ASN D 123 14.26 5.31 -29.33
C ASN D 123 15.51 4.46 -29.60
N ILE D 124 16.53 5.12 -30.09
CA ILE D 124 17.67 4.37 -30.56
C ILE D 124 18.44 3.69 -29.45
N MET D 125 18.36 4.17 -28.21
CA MET D 125 19.07 3.40 -27.14
C MET D 125 18.50 1.98 -27.03
N TYR D 126 17.16 1.90 -26.95
CA TYR D 126 16.55 0.59 -26.95
C TYR D 126 16.85 -0.23 -28.25
N LYS D 127 16.48 0.31 -29.39
CA LYS D 127 16.52 -0.52 -30.60
C LYS D 127 17.91 -0.73 -31.14
N GLY D 128 18.82 0.19 -30.84
CA GLY D 128 20.19 -0.03 -31.16
C GLY D 128 20.79 -1.23 -30.43
N HIS D 129 20.59 -1.30 -29.10
CA HIS D 129 21.06 -2.40 -28.35
C HIS D 129 20.41 -3.67 -28.87
N LEU D 130 19.07 -3.65 -29.07
CA LEU D 130 18.42 -4.83 -29.56
C LEU D 130 19.01 -5.31 -30.88
N ASN D 131 19.28 -4.37 -31.79
CA ASN D 131 19.78 -4.76 -33.11
C ASN D 131 21.23 -5.33 -32.99
N LEU D 132 21.99 -4.78 -32.05
CA LEU D 132 23.35 -5.35 -31.80
C LEU D 132 23.24 -6.73 -31.25
N MET D 133 22.32 -6.92 -30.34
CA MET D 133 22.11 -8.22 -29.75
C MET D 133 21.67 -9.29 -30.75
N TYR D 134 20.72 -8.96 -31.65
CA TYR D 134 20.36 -9.84 -32.70
C TYR D 134 21.60 -10.36 -33.45
N GLY D 135 22.48 -9.41 -33.82
CA GLY D 135 23.65 -9.76 -34.56
C GLY D 135 24.65 -10.57 -33.80
N LEU D 136 24.91 -10.20 -32.54
CA LEU D 136 25.84 -11.01 -31.74
C LEU D 136 25.33 -12.42 -31.49
N TYR D 137 24.03 -12.55 -31.23
CA TYR D 137 23.38 -13.90 -31.10
C TYR D 137 23.67 -14.77 -32.33
N GLN D 138 23.51 -14.19 -33.53
CA GLN D 138 23.74 -14.93 -34.76
C GLN D 138 25.20 -15.21 -35.01
N LEU D 139 26.11 -14.27 -34.65
CA LEU D 139 27.56 -14.55 -34.79
C LEU D 139 27.98 -15.72 -33.87
N VAL D 140 27.45 -15.74 -32.63
CA VAL D 140 27.78 -16.79 -31.66
C VAL D 140 27.23 -18.15 -32.08
N THR D 141 25.97 -18.21 -32.51
CA THR D 141 25.28 -19.45 -32.62
C THR D 141 25.26 -19.97 -34.05
N GLY D 142 25.34 -19.09 -35.04
CA GLY D 142 24.94 -19.52 -36.42
C GLY D 142 23.45 -19.71 -36.66
N SER D 143 22.61 -19.47 -35.67
CA SER D 143 21.18 -19.64 -35.82
C SER D 143 20.50 -18.40 -36.50
N ARG D 144 19.49 -18.70 -37.34
CA ARG D 144 18.62 -17.69 -37.98
C ARG D 144 17.35 -17.44 -37.26
N ARG D 145 17.23 -17.86 -36.02
CA ARG D 145 16.06 -17.70 -35.28
C ARG D 145 15.51 -16.28 -35.31
N TYR D 146 16.39 -15.28 -35.19
CA TYR D 146 15.96 -13.89 -35.17
C TYR D 146 16.30 -13.12 -36.45
N GLU D 147 16.71 -13.80 -37.52
CA GLU D 147 17.23 -13.11 -38.71
C GLU D 147 16.17 -12.25 -39.38
N ALA D 148 14.92 -12.74 -39.36
CA ALA D 148 13.85 -11.96 -39.97
C ALA D 148 13.70 -10.63 -39.29
N GLU D 149 13.69 -10.66 -37.97
CA GLU D 149 13.58 -9.46 -37.18
C GLU D 149 14.78 -8.56 -37.35
N HIS D 150 15.95 -9.18 -37.38
CA HIS D 150 17.24 -8.45 -37.55
C HIS D 150 17.29 -7.69 -38.88
N ALA D 151 16.84 -8.38 -39.98
CA ALA D 151 16.73 -7.76 -41.29
C ALA D 151 15.82 -6.56 -41.28
N HIS D 152 14.71 -6.67 -40.57
CA HIS D 152 13.73 -5.58 -40.46
C HIS D 152 14.27 -4.41 -39.69
N LEU D 153 14.81 -4.69 -38.50
CA LEU D 153 15.28 -3.62 -37.62
C LEU D 153 16.49 -2.89 -38.18
N THR D 154 17.37 -3.64 -38.84
CA THR D 154 18.49 -3.00 -39.49
C THR D 154 18.01 -1.97 -40.53
N ARG D 155 16.98 -2.38 -41.27
CA ARG D 155 16.43 -1.51 -42.31
C ARG D 155 15.70 -0.30 -41.73
N ILE D 156 15.00 -0.47 -40.62
CA ILE D 156 14.39 0.70 -39.98
C ILE D 156 15.45 1.71 -39.61
N ILE D 157 16.56 1.19 -39.03
CA ILE D 157 17.65 2.04 -38.59
C ILE D 157 18.33 2.79 -39.71
N HIS D 158 18.67 2.05 -40.77
CA HIS D 158 19.27 2.59 -41.96
C HIS D 158 18.35 3.66 -42.61
N ASP D 159 17.05 3.39 -42.69
CA ASP D 159 16.10 4.32 -43.28
C ASP D 159 15.95 5.63 -42.49
N GLU D 160 15.93 5.50 -41.14
CA GLU D 160 15.84 6.65 -40.26
C GLU D 160 17.08 7.52 -40.28
N ILE D 161 18.28 6.88 -40.31
CA ILE D 161 19.50 7.63 -40.62
C ILE D 161 19.43 8.37 -41.94
N ALA D 162 18.97 7.70 -43.00
CA ALA D 162 18.97 8.33 -44.33
C ALA D 162 17.98 9.54 -44.31
N ALA D 163 16.89 9.43 -43.57
CA ALA D 163 15.85 10.47 -43.58
C ALA D 163 16.20 11.68 -42.72
N ASN D 164 17.14 11.53 -41.75
CA ASN D 164 17.44 12.61 -40.84
C ASN D 164 18.42 13.61 -41.39
N PRO D 165 18.22 14.92 -41.05
CA PRO D 165 19.16 15.95 -41.50
C PRO D 165 20.50 15.95 -40.74
N PHE D 166 20.49 15.33 -39.57
CA PHE D 166 21.70 15.20 -38.76
C PHE D 166 22.07 13.75 -38.98
N ALA D 167 23.30 13.40 -38.69
CA ALA D 167 23.72 11.97 -38.86
C ALA D 167 23.37 11.15 -37.64
N GLY D 168 22.43 10.26 -37.76
CA GLY D 168 22.03 9.39 -36.66
C GLY D 168 20.55 9.48 -36.32
N ILE D 169 20.21 9.08 -35.11
CA ILE D 169 18.86 8.85 -34.66
C ILE D 169 18.78 9.32 -33.20
N VAL D 170 17.63 9.92 -32.86
CA VAL D 170 17.42 10.33 -31.45
C VAL D 170 16.94 9.18 -30.58
N CYS D 171 16.99 9.44 -29.25
CA CYS D 171 16.42 8.56 -28.26
C CYS D 171 14.99 9.05 -28.02
N GLU D 172 14.77 9.75 -26.92
CA GLU D 172 13.49 10.48 -26.79
C GLU D 172 13.48 11.54 -27.93
N PRO D 173 12.29 12.03 -28.29
CA PRO D 173 12.22 12.98 -29.39
C PRO D 173 13.10 14.20 -29.01
N ASP D 174 13.85 14.65 -29.95
CA ASP D 174 14.73 15.76 -29.72
C ASP D 174 15.92 15.59 -28.77
N ASN D 175 16.24 14.35 -28.38
CA ASN D 175 17.43 14.07 -27.51
C ASN D 175 18.38 13.16 -28.31
N TYR D 176 19.52 13.69 -28.67
CA TYR D 176 20.54 12.98 -29.43
C TYR D 176 21.74 12.72 -28.55
N PHE D 177 22.13 11.45 -28.47
CA PHE D 177 23.28 11.05 -27.63
C PHE D 177 24.26 10.29 -28.49
N VAL D 178 25.51 10.64 -28.40
CA VAL D 178 26.48 9.96 -29.23
C VAL D 178 26.68 8.50 -28.84
N GLN D 179 26.66 8.21 -27.52
CA GLN D 179 26.88 6.86 -27.06
C GLN D 179 25.79 5.89 -27.55
N CYS D 180 24.53 6.36 -27.65
CA CYS D 180 23.47 5.50 -28.10
C CYS D 180 23.57 5.26 -29.60
N ASN D 181 23.97 6.30 -30.32
CA ASN D 181 24.21 6.14 -31.76
C ASN D 181 25.37 5.18 -32.05
N SER D 182 26.34 5.17 -31.17
CA SER D 182 27.54 4.32 -31.39
C SER D 182 27.17 2.85 -31.43
N VAL D 183 26.20 2.48 -30.58
CA VAL D 183 25.71 1.12 -30.55
C VAL D 183 24.94 0.80 -31.84
N ALA D 184 24.07 1.70 -32.26
CA ALA D 184 23.34 1.51 -33.53
C ALA D 184 24.24 1.34 -34.75
N TYR D 185 25.24 2.20 -34.86
CA TYR D 185 26.16 2.06 -35.96
C TYR D 185 26.94 0.76 -35.87
N LEU D 186 27.39 0.37 -34.70
CA LEU D 186 28.08 -0.94 -34.59
C LEU D 186 27.19 -2.09 -35.01
N SER D 187 25.87 -1.97 -34.71
CA SER D 187 24.92 -2.98 -35.12
C SER D 187 24.84 -3.15 -36.65
N LEU D 188 25.09 -2.08 -37.40
CA LEU D 188 25.14 -2.16 -38.86
C LEU D 188 26.36 -2.90 -39.34
N TRP D 189 27.50 -2.70 -38.64
CA TRP D 189 28.72 -3.44 -38.93
C TRP D 189 28.51 -4.97 -38.76
N VAL D 190 27.85 -5.33 -37.67
CA VAL D 190 27.62 -6.70 -37.37
C VAL D 190 26.64 -7.33 -38.40
N TYR D 191 25.62 -6.56 -38.81
CA TYR D 191 24.70 -7.08 -39.82
C TYR D 191 25.49 -7.31 -41.14
N ASP D 192 26.29 -6.33 -41.53
CA ASP D 192 27.15 -6.43 -42.73
C ASP D 192 28.10 -7.62 -42.67
N ARG D 193 28.67 -7.91 -41.51
CA ARG D 193 29.54 -9.09 -41.40
C ARG D 193 28.74 -10.35 -41.72
N LEU D 194 27.53 -10.43 -41.17
CA LEU D 194 26.72 -11.62 -41.33
C LEU D 194 26.13 -11.77 -42.80
N HIS D 195 25.83 -10.67 -43.47
CA HIS D 195 25.04 -10.68 -44.66
C HIS D 195 25.79 -10.25 -45.90
N GLY D 196 26.97 -9.67 -45.78
CA GLY D 196 27.70 -9.12 -46.94
C GLY D 196 27.19 -7.81 -47.53
N THR D 197 26.38 -7.08 -46.77
CA THR D 197 25.84 -5.85 -47.18
C THR D 197 26.78 -4.67 -46.87
N ASP D 198 26.32 -3.45 -47.11
CA ASP D 198 27.12 -2.24 -46.82
C ASP D 198 26.32 -1.18 -46.06
N TYR D 199 25.50 -1.58 -45.10
CA TYR D 199 24.86 -0.61 -44.21
C TYR D 199 25.88 0.24 -43.41
N ARG D 200 27.08 -0.31 -43.19
CA ARG D 200 28.08 0.44 -42.46
C ARG D 200 28.62 1.68 -43.16
N ALA D 201 28.32 1.83 -44.48
CA ALA D 201 28.77 3.00 -45.24
C ALA D 201 28.32 4.34 -44.68
N ALA D 202 27.20 4.33 -43.96
CA ALA D 202 26.80 5.53 -43.26
C ALA D 202 27.72 6.02 -42.11
N THR D 203 28.65 5.18 -41.66
CA THR D 203 29.44 5.47 -40.49
C THR D 203 30.33 6.72 -40.67
N ARG D 204 30.95 6.84 -41.85
CA ARG D 204 31.78 8.04 -42.10
C ARG D 204 31.06 9.36 -41.81
N ALA D 205 29.84 9.53 -42.32
CA ALA D 205 29.19 10.80 -42.21
C ALA D 205 28.91 11.03 -40.72
N TRP D 206 28.62 9.94 -40.00
CA TRP D 206 28.38 10.03 -38.58
C TRP D 206 29.59 10.49 -37.77
N LEU D 207 30.74 9.88 -38.05
CA LEU D 207 31.98 10.23 -37.41
C LEU D 207 32.38 11.69 -37.73
N ASP D 208 32.11 12.14 -38.95
CA ASP D 208 32.28 13.57 -39.28
C ASP D 208 31.35 14.49 -38.43
N PHE D 209 30.09 14.12 -38.31
CA PHE D 209 29.09 14.92 -37.61
C PHE D 209 29.41 15.04 -36.13
N ILE D 210 29.81 13.94 -35.50
CA ILE D 210 30.05 13.97 -34.05
C ILE D 210 31.34 14.71 -33.67
N GLN D 211 32.20 14.98 -34.66
CA GLN D 211 33.43 15.74 -34.39
C GLN D 211 33.23 17.28 -34.61
N LYS D 212 31.98 17.74 -34.71
CA LYS D 212 31.70 19.18 -34.78
C LYS D 212 31.35 19.65 -33.38
N ASP D 213 30.16 20.21 -33.17
CA ASP D 213 29.90 20.80 -31.86
C ASP D 213 29.81 19.77 -30.77
N LEU D 214 29.54 18.49 -31.11
CA LEU D 214 29.44 17.43 -30.10
C LEU D 214 30.76 17.06 -29.39
N ILE D 215 31.91 17.46 -29.93
CA ILE D 215 33.23 17.08 -29.35
C ILE D 215 34.04 18.31 -29.00
N ASP D 216 34.80 18.20 -27.89
CA ASP D 216 35.89 19.11 -27.65
C ASP D 216 37.16 18.34 -28.02
N PRO D 217 37.72 18.61 -29.20
CA PRO D 217 38.80 17.79 -29.68
C PRO D 217 40.08 17.95 -28.91
N GLU D 218 40.32 19.09 -28.27
CA GLU D 218 41.48 19.25 -27.44
C GLU D 218 41.43 18.39 -26.17
N ARG D 219 40.28 18.34 -25.52
CA ARG D 219 40.06 17.57 -24.32
C ARG D 219 39.76 16.09 -24.65
N GLY D 220 39.44 15.78 -25.91
CA GLY D 220 39.11 14.40 -26.29
C GLY D 220 37.86 13.95 -25.60
N ALA D 221 36.87 14.83 -25.57
CA ALA D 221 35.66 14.57 -24.81
C ALA D 221 34.40 15.02 -25.53
N PHE D 222 33.36 14.20 -25.48
CA PHE D 222 32.06 14.56 -26.03
C PHE D 222 31.23 15.33 -25.02
N TYR D 223 30.42 16.26 -25.55
CA TYR D 223 29.37 16.88 -24.80
C TYR D 223 28.27 15.96 -24.51
N LEU D 224 27.50 16.27 -23.47
CA LEU D 224 26.43 15.37 -22.99
C LEU D 224 25.39 14.97 -24.01
N SER D 225 24.87 15.93 -24.74
CA SER D 225 23.81 15.65 -25.73
C SER D 225 23.65 16.80 -26.68
N TYR D 226 22.92 16.51 -27.78
CA TYR D 226 22.56 17.42 -28.83
C TYR D 226 21.05 17.37 -29.03
N HIS D 227 20.47 18.51 -29.44
CA HIS D 227 19.01 18.66 -29.45
C HIS D 227 18.63 19.35 -30.73
N PRO D 228 18.34 18.53 -31.76
CA PRO D 228 18.21 19.03 -33.12
C PRO D 228 17.24 20.18 -33.32
N GLU D 229 16.11 20.17 -32.63
CA GLU D 229 15.10 21.25 -32.83
C GLU D 229 15.64 22.66 -32.50
N SER D 230 16.45 22.81 -31.43
CA SER D 230 17.06 24.08 -31.05
C SER D 230 18.47 24.21 -31.62
N GLY D 231 19.10 23.10 -32.01
CA GLY D 231 20.50 23.04 -32.30
C GLY D 231 21.39 23.10 -31.05
N ALA D 232 20.81 23.09 -29.86
CA ALA D 232 21.63 23.21 -28.63
C ALA D 232 22.51 21.96 -28.40
N VAL D 233 23.70 22.18 -27.86
CA VAL D 233 24.46 21.12 -27.26
C VAL D 233 24.56 21.46 -25.76
N LYS D 234 24.24 20.52 -24.89
CA LYS D 234 24.36 20.76 -23.45
C LYS D 234 25.81 20.94 -23.16
N PRO D 235 26.20 22.06 -22.50
CA PRO D 235 27.53 22.52 -22.50
C PRO D 235 28.38 21.89 -21.43
N TRP D 236 28.22 20.63 -21.11
CA TRP D 236 29.13 19.97 -20.16
C TRP D 236 29.71 18.73 -20.89
N ILE D 237 31.02 18.52 -20.77
CA ILE D 237 31.63 17.28 -21.33
C ILE D 237 31.40 16.16 -20.35
N SER D 238 31.28 14.93 -20.88
CA SER D 238 30.88 13.76 -20.04
C SER D 238 31.85 12.62 -20.24
N ALA D 239 32.46 12.20 -19.15
CA ALA D 239 33.44 11.02 -19.19
C ALA D 239 32.79 9.72 -19.55
N TYR D 240 31.69 9.38 -18.91
CA TYR D 240 31.06 8.05 -19.23
C TYR D 240 30.56 8.01 -20.68
N THR D 241 29.99 9.11 -21.13
CA THR D 241 29.55 9.27 -22.52
C THR D 241 30.74 9.00 -23.45
N THR D 242 31.84 9.66 -23.14
CA THR D 242 33.05 9.60 -24.01
C THR D 242 33.67 8.18 -23.97
N ALA D 243 33.77 7.60 -22.78
CA ALA D 243 34.42 6.27 -22.64
C ALA D 243 33.67 5.19 -23.41
N TRP D 244 32.34 5.18 -23.26
CA TRP D 244 31.50 4.23 -23.96
C TRP D 244 31.58 4.46 -25.49
N THR D 245 31.44 5.67 -25.93
CA THR D 245 31.50 6.01 -27.31
C THR D 245 32.84 5.66 -27.94
N LEU D 246 33.94 6.03 -27.30
CA LEU D 246 35.24 5.67 -27.88
C LEU D 246 35.47 4.18 -27.92
N ALA D 247 34.92 3.44 -26.96
CA ALA D 247 35.08 2.03 -26.96
C ALA D 247 34.39 1.37 -28.18
N MET D 248 33.13 1.75 -28.44
CA MET D 248 32.43 1.19 -29.54
C MET D 248 32.97 1.70 -30.88
N VAL D 249 33.30 2.97 -30.97
CA VAL D 249 33.92 3.49 -32.21
C VAL D 249 35.26 2.84 -32.56
N HIS D 250 36.03 2.42 -31.54
CA HIS D 250 37.27 1.74 -31.84
C HIS D 250 37.09 0.49 -32.66
N GLY D 251 35.90 -0.14 -32.61
CA GLY D 251 35.67 -1.34 -33.43
C GLY D 251 35.31 -1.00 -34.88
N MET D 252 35.04 0.28 -35.18
CA MET D 252 34.66 0.74 -36.45
C MET D 252 35.75 1.59 -37.12
N ASP D 253 36.31 2.57 -36.37
CA ASP D 253 37.36 3.47 -36.82
C ASP D 253 38.36 3.54 -35.72
N PRO D 254 39.26 2.57 -35.63
CA PRO D 254 40.19 2.63 -34.52
C PRO D 254 41.04 3.86 -34.43
N ALA D 255 41.38 4.43 -35.54
CA ALA D 255 42.12 5.69 -35.50
C ALA D 255 41.43 6.81 -34.70
N PHE D 256 40.11 6.91 -34.85
CA PHE D 256 39.34 7.92 -34.15
C PHE D 256 39.57 7.80 -32.67
N SER D 257 39.39 6.61 -32.13
CA SER D 257 39.57 6.44 -30.70
C SER D 257 40.99 6.58 -30.25
N GLU D 258 41.93 6.12 -31.08
CA GLU D 258 43.33 6.32 -30.79
C GLU D 258 43.72 7.77 -30.70
N ARG D 259 43.19 8.62 -31.54
CA ARG D 259 43.46 10.06 -31.53
C ARG D 259 43.02 10.70 -30.20
N TYR D 260 41.82 10.38 -29.75
CA TYR D 260 41.25 11.06 -28.59
C TYR D 260 41.61 10.44 -27.25
N TYR D 261 42.03 9.18 -27.25
CA TYR D 261 42.16 8.47 -26.02
C TYR D 261 43.17 9.11 -25.01
N PRO D 262 44.36 9.52 -25.45
CA PRO D 262 45.30 10.12 -24.49
C PRO D 262 44.75 11.45 -23.92
N ARG D 263 44.02 12.19 -24.72
CA ARG D 263 43.39 13.47 -24.32
C ARG D 263 42.27 13.23 -23.29
N PHE D 264 41.39 12.26 -23.58
CA PHE D 264 40.38 11.77 -22.69
C PHE D 264 41.00 11.45 -21.34
N LYS D 265 42.11 10.69 -21.32
CA LYS D 265 42.72 10.34 -20.04
C LYS D 265 43.24 11.56 -19.25
N GLN D 266 43.88 12.48 -19.93
CA GLN D 266 44.37 13.69 -19.32
C GLN D 266 43.19 14.53 -18.77
N THR D 267 42.08 14.55 -19.49
CA THR D 267 40.92 15.37 -19.07
C THR D 267 40.25 14.81 -17.82
N PHE D 268 40.08 13.48 -17.72
CA PHE D 268 39.20 12.92 -16.74
C PHE D 268 39.84 11.97 -15.69
N VAL D 269 40.96 11.32 -16.03
CA VAL D 269 41.41 10.20 -15.19
C VAL D 269 42.38 10.67 -14.11
N GLU D 270 42.05 10.37 -12.86
CA GLU D 270 42.94 10.64 -11.75
C GLU D 270 43.64 9.36 -11.26
N VAL D 271 44.95 9.31 -11.36
CA VAL D 271 45.70 8.23 -10.81
C VAL D 271 46.00 8.57 -9.37
N TYR D 272 45.85 7.59 -8.49
CA TYR D 272 46.08 7.83 -7.06
C TYR D 272 46.68 6.58 -6.38
N ASP D 273 46.90 6.68 -5.08
CA ASP D 273 47.45 5.55 -4.31
C ASP D 273 48.77 5.05 -4.91
N GLU D 274 49.67 6.00 -5.10
CA GLU D 274 51.04 5.74 -5.52
C GLU D 274 51.09 5.06 -6.87
N GLY D 275 50.11 5.33 -7.72
CA GLY D 275 50.05 4.67 -9.03
C GLY D 275 49.30 3.38 -9.11
N ARG D 276 48.79 2.89 -7.98
CA ARG D 276 48.12 1.62 -7.94
C ARG D 276 46.65 1.67 -8.40
N LYS D 277 46.04 2.85 -8.29
CA LYS D 277 44.59 2.99 -8.50
C LYS D 277 44.31 4.19 -9.39
N ALA D 278 43.12 4.21 -9.94
CA ALA D 278 42.67 5.29 -10.73
C ALA D 278 41.16 5.42 -10.59
N ARG D 279 40.67 6.64 -10.75
CA ARG D 279 39.23 6.92 -10.69
C ARG D 279 38.93 8.08 -11.67
N VAL D 280 37.70 8.14 -12.18
CA VAL D 280 37.37 8.99 -13.29
C VAL D 280 36.36 10.05 -12.92
N ARG D 281 36.72 11.32 -13.15
CA ARG D 281 35.78 12.48 -12.95
C ARG D 281 34.79 12.45 -14.08
N GLU D 282 33.52 12.71 -13.81
CA GLU D 282 32.49 12.63 -14.85
C GLU D 282 32.44 13.84 -15.75
N THR D 283 32.84 15.01 -15.25
CA THR D 283 32.83 16.24 -16.06
C THR D 283 34.01 17.11 -15.70
N ALA D 284 34.16 18.18 -16.46
CA ALA D 284 35.19 19.18 -16.18
C ALA D 284 34.83 20.07 -14.97
N GLY D 285 35.86 20.71 -14.44
CA GLY D 285 35.67 21.73 -13.37
C GLY D 285 35.30 21.16 -12.02
N THR D 286 35.68 19.90 -11.77
CA THR D 286 35.40 19.27 -10.49
C THR D 286 36.58 18.38 -10.16
N ASP D 287 36.77 18.10 -8.89
CA ASP D 287 37.70 17.05 -8.43
C ASP D 287 36.99 15.77 -8.08
N ASP D 288 35.65 15.78 -8.02
CA ASP D 288 34.94 14.60 -7.57
C ASP D 288 34.96 13.52 -8.67
N ALA D 289 35.06 12.26 -8.25
CA ALA D 289 34.99 11.14 -9.20
C ALA D 289 33.59 10.59 -9.32
N ASP D 290 33.27 10.02 -10.48
CA ASP D 290 32.05 9.25 -10.63
C ASP D 290 30.75 9.94 -10.30
N GLY D 291 30.72 11.23 -10.59
CA GLY D 291 29.46 11.98 -10.45
C GLY D 291 28.46 11.59 -11.55
N GLY D 292 27.31 12.27 -11.57
CA GLY D 292 26.32 12.05 -12.62
C GLY D 292 25.68 10.72 -12.42
N VAL D 293 25.61 9.92 -13.49
CA VAL D 293 25.06 8.58 -13.40
C VAL D 293 25.98 7.64 -12.64
N GLY D 294 27.21 8.05 -12.35
CA GLY D 294 28.09 7.28 -11.52
C GLY D 294 28.91 6.17 -12.19
N LEU D 295 29.04 6.26 -13.51
CA LEU D 295 29.55 5.15 -14.32
C LEU D 295 30.86 5.47 -15.00
N ALA D 296 31.43 6.63 -14.75
CA ALA D 296 32.59 7.06 -15.49
C ALA D 296 33.73 6.02 -15.35
N SER D 297 34.01 5.63 -14.12
CA SER D 297 35.12 4.69 -13.92
C SER D 297 34.84 3.32 -14.56
N ALA D 298 33.63 2.81 -14.44
CA ALA D 298 33.26 1.51 -14.98
C ALA D 298 33.30 1.52 -16.52
N PHE D 299 32.81 2.57 -17.20
CA PHE D 299 32.93 2.60 -18.63
C PHE D 299 34.35 2.79 -19.06
N THR D 300 35.12 3.51 -18.25
CA THR D 300 36.56 3.69 -18.59
C THR D 300 37.30 2.34 -18.47
N LEU D 301 36.84 1.47 -17.60
CA LEU D 301 37.41 0.14 -17.49
C LEU D 301 37.20 -0.59 -18.81
N LEU D 302 35.97 -0.51 -19.33
CA LEU D 302 35.68 -1.09 -20.63
C LEU D 302 36.53 -0.50 -21.74
N LEU D 303 36.70 0.83 -21.75
CA LEU D 303 37.55 1.50 -22.73
C LEU D 303 39.00 1.04 -22.66
N ALA D 304 39.53 0.97 -21.44
CA ALA D 304 40.89 0.53 -21.26
C ALA D 304 41.06 -0.87 -21.83
N ARG D 305 40.08 -1.71 -21.61
CA ARG D 305 40.12 -3.07 -22.15
C ARG D 305 40.16 -3.04 -23.66
N GLU D 306 39.26 -2.27 -24.27
CA GLU D 306 39.16 -2.11 -25.69
C GLU D 306 40.44 -1.57 -26.32
N MET D 307 41.12 -0.66 -25.67
CA MET D 307 42.34 -0.05 -26.18
C MET D 307 43.58 -0.85 -25.83
N GLY D 308 43.45 -1.90 -25.03
CA GLY D 308 44.58 -2.73 -24.65
C GLY D 308 45.45 -2.09 -23.60
N ASP D 309 44.90 -1.20 -22.79
CA ASP D 309 45.65 -0.44 -21.81
C ASP D 309 45.61 -1.19 -20.49
N GLN D 310 46.52 -2.15 -20.34
CA GLN D 310 46.53 -2.93 -19.13
C GLN D 310 46.78 -2.18 -17.86
N GLN D 311 47.61 -1.15 -17.91
CA GLN D 311 47.93 -0.45 -16.68
C GLN D 311 46.73 0.29 -16.20
N LEU D 312 46.00 0.99 -17.10
CA LEU D 312 44.79 1.72 -16.65
C LEU D 312 43.69 0.76 -16.21
N PHE D 313 43.55 -0.35 -16.91
CA PHE D 313 42.59 -1.38 -16.52
C PHE D 313 42.88 -1.83 -15.06
N ASP D 314 44.14 -2.14 -14.77
CA ASP D 314 44.49 -2.62 -13.43
C ASP D 314 44.15 -1.55 -12.38
N GLN D 315 44.46 -0.30 -12.69
CA GLN D 315 44.25 0.81 -11.72
C GLN D 315 42.78 0.98 -11.46
N LEU D 316 41.98 0.96 -12.48
CA LEU D 316 40.58 1.15 -12.35
C LEU D 316 39.97 -0.02 -11.62
N LEU D 317 40.37 -1.22 -12.00
CA LEU D 317 39.73 -2.37 -11.26
C LEU D 317 40.17 -2.38 -9.78
N ASN D 318 41.39 -1.93 -9.47
CA ASN D 318 41.79 -1.79 -8.05
C ASN D 318 41.00 -0.72 -7.28
N HIS D 319 40.45 0.25 -7.99
CA HIS D 319 39.58 1.21 -7.39
C HIS D 319 38.16 0.63 -7.21
N LEU D 320 37.67 -0.07 -8.23
CA LEU D 320 36.25 -0.48 -8.28
C LEU D 320 35.91 -1.74 -7.50
N GLU D 321 36.76 -2.76 -7.62
CA GLU D 321 36.39 -4.06 -7.12
C GLU D 321 36.58 -4.26 -5.58
N PRO D 322 37.75 -3.99 -5.03
CA PRO D 322 37.96 -4.28 -3.60
C PRO D 322 36.92 -3.66 -2.65
N PRO D 323 36.54 -2.41 -2.82
CA PRO D 323 35.53 -1.86 -1.88
C PRO D 323 34.16 -2.47 -1.97
N ALA D 324 33.88 -3.07 -3.12
CA ALA D 324 32.60 -3.72 -3.33
C ALA D 324 32.51 -5.10 -2.66
N LYS D 325 33.63 -5.59 -2.15
CA LYS D 325 33.71 -6.80 -1.33
C LYS D 325 33.12 -8.00 -2.07
N PRO D 326 33.80 -8.41 -3.17
CA PRO D 326 33.39 -9.63 -3.86
C PRO D 326 33.51 -10.86 -2.91
N SER D 327 32.65 -11.83 -3.03
CA SER D 327 32.98 -13.17 -2.54
C SER D 327 32.38 -14.23 -3.46
N ILE D 328 32.97 -15.41 -3.40
CA ILE D 328 32.54 -16.51 -4.16
C ILE D 328 32.05 -17.58 -3.20
N VAL D 329 30.75 -17.80 -3.22
CA VAL D 329 30.07 -18.67 -2.23
C VAL D 329 29.40 -19.73 -3.08
N SER D 330 29.68 -21.00 -2.79
CA SER D 330 29.11 -22.10 -3.61
C SER D 330 29.41 -21.86 -5.10
N ALA D 331 30.65 -21.42 -5.37
CA ALA D 331 31.15 -21.23 -6.75
C ALA D 331 30.38 -20.16 -7.58
N SER D 332 29.73 -19.23 -6.91
CA SER D 332 28.96 -18.15 -7.53
C SER D 332 29.37 -16.81 -6.94
N LEU D 333 29.56 -15.85 -7.81
CA LEU D 333 30.05 -14.52 -7.40
C LEU D 333 29.01 -13.57 -6.93
N ARG D 334 29.29 -12.92 -5.82
CA ARG D 334 28.41 -11.84 -5.31
C ARG D 334 29.27 -10.69 -4.80
N TYR D 335 28.73 -9.48 -4.84
CA TYR D 335 29.36 -8.27 -4.30
C TYR D 335 28.52 -7.79 -3.12
N GLU D 336 29.10 -7.63 -1.96
CA GLU D 336 28.36 -7.03 -0.79
C GLU D 336 28.02 -5.55 -0.99
N HIS D 337 28.89 -4.78 -1.66
CA HIS D 337 28.68 -3.31 -1.77
C HIS D 337 28.92 -2.80 -3.20
N PRO D 338 28.06 -3.21 -4.15
CA PRO D 338 28.21 -2.72 -5.54
C PRO D 338 28.25 -1.22 -5.51
N GLY D 339 29.18 -0.61 -6.22
CA GLY D 339 29.39 0.80 -6.08
C GLY D 339 28.50 1.65 -6.97
N SER D 340 27.73 1.03 -7.87
CA SER D 340 26.97 1.79 -8.87
C SER D 340 25.90 0.94 -9.41
N LEU D 341 25.02 1.54 -10.20
CA LEU D 341 24.14 0.73 -11.07
C LEU D 341 25.00 -0.05 -12.05
N LEU D 342 24.43 -1.14 -12.52
CA LEU D 342 25.05 -1.94 -13.58
C LEU D 342 26.42 -2.52 -13.19
N PHE D 343 26.66 -2.72 -11.88
CA PHE D 343 28.01 -3.00 -11.41
C PHE D 343 28.48 -4.35 -11.86
N ASP D 344 27.76 -5.40 -11.56
CA ASP D 344 28.23 -6.73 -11.93
C ASP D 344 28.30 -6.90 -13.47
N GLU D 345 27.37 -6.25 -14.14
CA GLU D 345 27.29 -6.29 -15.59
C GLU D 345 28.57 -5.69 -16.26
N LEU D 346 28.94 -4.49 -15.82
CA LEU D 346 30.04 -3.81 -16.41
C LEU D 346 31.36 -4.42 -15.96
N LEU D 347 31.47 -4.89 -14.69
CA LEU D 347 32.74 -5.59 -14.32
C LEU D 347 32.90 -6.92 -15.10
N PHE D 348 31.79 -7.65 -15.28
CA PHE D 348 31.80 -8.84 -16.16
C PHE D 348 32.29 -8.52 -17.54
N LEU D 349 31.65 -7.54 -18.18
CA LEU D 349 31.94 -7.21 -19.54
C LEU D 349 33.41 -6.78 -19.68
N ALA D 350 33.89 -5.95 -18.77
CA ALA D 350 35.27 -5.52 -18.89
C ALA D 350 36.28 -6.68 -18.72
N LYS D 351 35.97 -7.60 -17.81
CA LYS D 351 36.85 -8.77 -17.54
C LYS D 351 37.01 -9.67 -18.74
N VAL D 352 35.94 -9.83 -19.54
CA VAL D 352 35.97 -10.75 -20.69
C VAL D 352 36.22 -10.11 -22.01
N HIS D 353 35.99 -8.80 -22.12
CA HIS D 353 35.84 -8.13 -23.42
C HIS D 353 37.02 -8.32 -24.39
N ALA D 354 36.74 -8.95 -25.50
CA ALA D 354 37.82 -9.30 -26.44
C ALA D 354 38.11 -8.21 -27.44
N GLY D 355 37.35 -7.12 -27.44
CA GLY D 355 37.49 -6.04 -28.44
C GLY D 355 36.33 -6.11 -29.41
N PHE D 356 35.72 -4.98 -29.72
CA PHE D 356 34.58 -5.01 -30.66
C PHE D 356 34.96 -5.48 -32.04
N GLY D 357 36.19 -5.18 -32.43
CA GLY D 357 36.69 -5.63 -33.69
C GLY D 357 36.88 -7.12 -33.75
N ALA D 358 37.33 -7.72 -32.65
CA ALA D 358 37.45 -9.18 -32.55
C ALA D 358 36.10 -9.84 -32.53
N LEU D 359 35.09 -9.23 -31.92
CA LEU D 359 33.72 -9.80 -31.99
C LEU D 359 33.16 -9.77 -33.44
N LEU D 360 33.40 -8.69 -34.12
CA LEU D 360 33.03 -8.61 -35.53
C LEU D 360 33.63 -9.69 -36.39
N ARG D 361 34.82 -10.15 -36.02
CA ARG D 361 35.56 -11.16 -36.72
C ARG D 361 35.41 -12.55 -36.14
N MET D 362 34.41 -12.77 -35.29
CA MET D 362 34.24 -14.06 -34.61
C MET D 362 34.15 -15.18 -35.67
N PRO D 363 34.99 -16.20 -35.56
CA PRO D 363 34.87 -17.36 -36.46
C PRO D 363 33.58 -18.12 -36.27
N PRO D 364 33.10 -18.79 -37.32
CA PRO D 364 31.80 -19.53 -37.20
C PRO D 364 31.86 -20.69 -36.23
N PRO D 365 30.68 -21.14 -35.77
CA PRO D 365 30.69 -22.26 -34.82
C PRO D 365 31.13 -23.56 -35.48
N MET E 1 21.98 -45.72 16.14
CA MET E 1 20.59 -46.01 15.59
C MET E 1 19.41 -45.61 16.54
N ALA E 2 19.53 -46.06 17.84
CA ALA E 2 18.66 -45.99 19.12
C ALA E 2 18.96 -45.00 20.34
N GLU E 3 20.12 -44.37 20.47
CA GLU E 3 20.26 -43.22 21.37
C GLU E 3 19.65 -42.00 20.66
N LEU E 4 18.93 -41.18 21.37
CA LEU E 4 18.33 -39.97 20.79
C LEU E 4 19.40 -38.87 20.75
N PRO E 5 19.77 -38.42 19.54
CA PRO E 5 20.74 -37.32 19.46
C PRO E 5 20.29 -36.00 19.94
N PRO E 6 21.23 -35.12 20.34
CA PRO E 6 20.85 -33.83 20.86
C PRO E 6 19.94 -33.07 19.91
N GLY E 7 18.90 -32.45 20.45
CA GLY E 7 17.99 -31.67 19.64
C GLY E 7 17.01 -32.44 18.68
N ARG E 8 17.12 -33.76 18.65
CA ARG E 8 16.25 -34.59 17.80
C ARG E 8 14.93 -34.93 18.51
N LEU E 9 13.90 -35.19 17.76
CA LEU E 9 12.58 -35.57 18.30
C LEU E 9 12.40 -37.03 18.41
N ALA E 10 12.99 -37.83 17.51
CA ALA E 10 12.90 -39.27 17.55
C ALA E 10 14.16 -39.83 16.95
N THR E 11 14.46 -41.08 17.24
CA THR E 11 15.67 -41.71 16.74
C THR E 11 15.46 -42.14 15.28
N THR E 12 16.55 -42.26 14.59
CA THR E 12 16.54 -42.80 13.21
C THR E 12 15.98 -44.20 13.16
N GLU E 13 16.30 -45.02 14.14
CA GLU E 13 15.68 -46.34 14.26
C GLU E 13 14.16 -46.28 14.34
N ASP E 14 13.65 -45.36 15.12
CA ASP E 14 12.19 -45.14 15.20
C ASP E 14 11.58 -44.78 13.87
N TYR E 15 12.19 -43.87 13.16
CA TYR E 15 11.62 -43.52 11.79
C TYR E 15 11.60 -44.74 10.89
N PHE E 16 12.71 -45.49 10.86
CA PHE E 16 12.81 -46.59 10.00
C PHE E 16 11.90 -47.79 10.45
N ALA E 17 11.48 -47.78 11.69
CA ALA E 17 10.60 -48.82 12.19
C ALA E 17 9.09 -48.49 12.14
N GLN E 18 8.71 -47.30 11.65
CA GLN E 18 7.29 -46.93 11.64
C GLN E 18 6.42 -47.96 10.91
N GLN E 19 6.84 -48.37 9.72
CA GLN E 19 6.03 -49.29 8.93
C GLN E 19 5.90 -50.64 9.64
N ALA E 20 6.99 -51.17 10.21
CA ALA E 20 6.91 -52.41 10.97
C ALA E 20 6.02 -52.33 12.18
N LYS E 21 5.97 -51.17 12.84
CA LYS E 21 5.11 -50.99 13.97
C LYS E 21 3.73 -50.58 13.64
N GLN E 22 3.46 -50.29 12.37
CA GLN E 22 2.16 -49.74 11.91
C GLN E 22 1.74 -48.50 12.66
N ALA E 23 2.71 -47.62 12.92
CA ALA E 23 2.40 -46.40 13.64
C ALA E 23 3.41 -45.34 13.24
N VAL E 24 2.93 -44.14 13.03
CA VAL E 24 3.87 -43.02 12.89
C VAL E 24 4.45 -42.60 14.23
N THR E 25 5.60 -41.92 14.21
CA THR E 25 6.18 -41.45 15.48
C THR E 25 5.32 -40.29 15.97
N PRO E 26 5.43 -39.95 17.24
CA PRO E 26 4.65 -38.77 17.76
C PRO E 26 4.96 -37.47 17.07
N ASP E 27 6.21 -37.22 16.69
CA ASP E 27 6.50 -36.00 15.96
C ASP E 27 5.92 -35.95 14.55
N VAL E 28 5.90 -37.07 13.85
CA VAL E 28 5.19 -37.14 12.58
C VAL E 28 3.67 -36.87 12.77
N MET E 29 3.11 -37.48 13.80
CA MET E 29 1.71 -37.14 14.16
C MET E 29 1.54 -35.65 14.44
N ALA E 30 2.50 -35.01 15.11
CA ALA E 30 2.44 -33.57 15.34
C ALA E 30 2.56 -32.74 14.08
N GLN E 31 3.32 -33.23 13.10
CA GLN E 31 3.39 -32.59 11.79
C GLN E 31 2.03 -32.70 11.04
N LEU E 32 1.41 -33.85 11.16
CA LEU E 32 0.08 -34.07 10.54
C LEU E 32 -0.92 -33.10 11.23
N ALA E 33 -0.78 -32.88 12.55
CA ALA E 33 -1.62 -31.89 13.24
C ALA E 33 -1.38 -30.50 12.75
N TYR E 34 -0.12 -30.08 12.56
CA TYR E 34 0.14 -28.79 11.91
C TYR E 34 -0.59 -28.76 10.56
N MET E 35 -0.52 -29.83 9.81
CA MET E 35 -1.11 -29.88 8.49
C MET E 35 -2.64 -29.77 8.46
N ASN E 36 -3.30 -30.27 9.48
CA ASN E 36 -4.76 -30.48 9.45
C ASN E 36 -5.62 -29.76 10.49
N TYR E 37 -5.02 -29.32 11.59
CA TYR E 37 -5.75 -29.02 12.83
C TYR E 37 -6.51 -27.70 12.87
N ILE E 38 -5.80 -26.60 12.68
CA ILE E 38 -6.40 -25.26 12.96
C ILE E 38 -7.30 -24.82 11.80
N ASP E 39 -8.53 -24.42 12.12
CA ASP E 39 -9.42 -23.82 11.13
C ASP E 39 -8.81 -22.75 10.29
N PHE E 40 -9.15 -22.80 8.97
CA PHE E 40 -8.81 -21.86 7.94
C PHE E 40 -7.34 -21.75 7.56
N ILE E 41 -6.41 -21.81 8.55
CA ILE E 41 -5.05 -21.55 8.33
C ILE E 41 -4.14 -22.78 8.17
N SER E 42 -4.64 -23.95 8.51
CA SER E 42 -3.85 -25.19 8.27
C SER E 42 -3.86 -25.47 6.76
N PRO E 43 -2.75 -25.99 6.24
CA PRO E 43 -2.71 -26.19 4.78
C PRO E 43 -3.78 -27.11 4.22
N PHE E 44 -4.19 -28.11 5.01
CA PHE E 44 -5.18 -29.07 4.60
C PHE E 44 -6.54 -28.87 5.28
N TYR E 45 -6.92 -27.60 5.48
CA TYR E 45 -8.21 -27.25 6.03
C TYR E 45 -9.33 -27.53 5.08
N SER E 46 -9.19 -27.17 3.83
CA SER E 46 -10.23 -27.47 2.86
C SER E 46 -9.73 -27.57 1.44
N ARG E 47 -10.59 -28.13 0.62
CA ARG E 47 -10.36 -28.20 -0.86
C ARG E 47 -10.36 -26.88 -1.57
N GLY E 48 -10.84 -25.82 -0.94
CA GLY E 48 -10.83 -24.52 -1.68
C GLY E 48 -9.50 -24.00 -2.25
N CYS E 49 -9.59 -22.99 -3.12
CA CYS E 49 -8.44 -22.23 -3.57
C CYS E 49 -8.05 -21.19 -2.55
N SER E 50 -7.77 -21.63 -1.34
CA SER E 50 -7.28 -20.77 -0.30
C SER E 50 -5.92 -21.16 0.12
N PHE E 51 -5.03 -20.21 0.35
CA PHE E 51 -3.61 -20.51 0.56
C PHE E 51 -3.06 -19.82 1.79
N GLU E 52 -3.91 -19.59 2.79
CA GLU E 52 -3.44 -18.93 4.04
C GLU E 52 -2.26 -19.55 4.70
N ALA E 53 -2.22 -20.89 4.73
CA ALA E 53 -1.09 -21.56 5.37
C ALA E 53 0.24 -21.15 4.75
N TRP E 54 0.23 -20.99 3.42
CA TRP E 54 1.44 -20.70 2.68
C TRP E 54 1.77 -19.20 2.81
N GLU E 55 0.73 -18.35 2.84
CA GLU E 55 0.90 -16.90 3.15
C GLU E 55 1.58 -16.72 4.49
N LEU E 56 1.17 -17.46 5.50
CA LEU E 56 1.78 -17.33 6.80
C LEU E 56 3.24 -17.74 6.88
N LYS E 57 3.62 -18.71 6.06
CA LYS E 57 5.02 -19.21 6.00
C LYS E 57 5.85 -18.48 4.99
N HIS E 58 5.29 -17.49 4.31
CA HIS E 58 5.95 -16.69 3.31
C HIS E 58 6.44 -17.52 2.11
N THR E 59 5.70 -18.55 1.76
CA THR E 59 6.04 -19.33 0.60
C THR E 59 5.96 -18.46 -0.65
N PRO E 60 7.05 -18.40 -1.41
CA PRO E 60 6.96 -17.75 -2.72
C PRO E 60 5.98 -18.49 -3.66
N GLN E 61 5.25 -17.74 -4.48
CA GLN E 61 4.25 -18.31 -5.38
C GLN E 61 4.82 -19.51 -6.15
N ARG E 62 6.01 -19.36 -6.72
CA ARG E 62 6.56 -20.41 -7.59
C ARG E 62 6.83 -21.76 -6.86
N VAL E 63 6.92 -21.70 -5.52
CA VAL E 63 7.28 -22.81 -4.66
C VAL E 63 6.04 -23.57 -4.21
N ILE E 64 4.84 -22.97 -4.31
CA ILE E 64 3.66 -23.60 -3.78
C ILE E 64 3.46 -25.00 -4.37
N LYS E 65 3.61 -25.12 -5.68
CA LYS E 65 3.37 -26.39 -6.33
C LYS E 65 4.27 -27.52 -5.75
N TYR E 66 5.48 -27.15 -5.41
CA TYR E 66 6.43 -28.10 -4.86
C TYR E 66 6.02 -28.48 -3.41
N SER E 67 5.56 -27.49 -2.65
CA SER E 67 5.14 -27.72 -1.26
C SER E 67 3.98 -28.72 -1.21
N ILE E 68 2.96 -28.46 -2.06
CA ILE E 68 1.84 -29.37 -2.12
C ILE E 68 2.28 -30.76 -2.52
N ALA E 69 3.07 -30.86 -3.60
CA ALA E 69 3.51 -32.15 -4.06
C ALA E 69 4.30 -32.95 -3.01
N PHE E 70 5.22 -32.31 -2.34
CA PHE E 70 6.04 -33.02 -1.32
C PHE E 70 5.20 -33.46 -0.15
N TYR E 71 4.25 -32.62 0.27
CA TYR E 71 3.26 -33.09 1.22
C TYR E 71 2.54 -34.35 0.74
N ALA E 72 2.11 -34.35 -0.51
CA ALA E 72 1.41 -35.48 -1.09
C ALA E 72 2.28 -36.71 -1.06
N TYR E 73 3.54 -36.56 -1.44
CA TYR E 73 4.40 -37.73 -1.43
C TYR E 73 4.53 -38.35 -0.05
N GLY E 74 4.67 -37.50 0.96
CA GLY E 74 4.74 -37.96 2.35
C GLY E 74 3.42 -38.63 2.83
N LEU E 75 2.32 -38.01 2.43
CA LEU E 75 1.02 -38.57 2.79
C LEU E 75 0.79 -39.96 2.26
N ALA E 76 1.30 -40.26 1.04
CA ALA E 76 1.17 -41.59 0.51
C ALA E 76 1.88 -42.58 1.41
N SER E 77 3.03 -42.23 1.96
CA SER E 77 3.73 -43.15 2.83
C SER E 77 3.03 -43.28 4.19
N VAL E 78 2.41 -42.21 4.67
CA VAL E 78 1.60 -42.32 5.90
C VAL E 78 0.53 -43.36 5.76
N ALA E 79 -0.09 -43.41 4.57
CA ALA E 79 -1.16 -44.36 4.24
C ALA E 79 -0.62 -45.80 4.34
N LEU E 80 0.61 -45.98 3.89
CA LEU E 80 1.22 -47.27 3.95
C LEU E 80 1.66 -47.67 5.36
N ILE E 81 2.14 -46.69 6.12
CA ILE E 81 2.64 -46.95 7.48
C ILE E 81 1.51 -47.46 8.39
N ASP E 82 0.42 -46.68 8.47
CA ASP E 82 -0.62 -46.90 9.47
C ASP E 82 -1.97 -46.97 8.82
N PRO E 83 -2.54 -48.16 8.73
CA PRO E 83 -3.87 -48.28 8.13
C PRO E 83 -4.90 -47.41 8.75
N LYS E 84 -4.76 -47.09 10.02
CA LYS E 84 -5.75 -46.25 10.71
C LYS E 84 -5.64 -44.80 10.29
N LEU E 85 -4.54 -44.41 9.63
CA LEU E 85 -4.40 -43.06 9.10
C LEU E 85 -4.61 -43.05 7.57
N ARG E 86 -4.97 -44.17 6.96
CA ARG E 86 -5.07 -44.21 5.51
C ARG E 86 -6.24 -43.31 5.00
N ALA E 87 -7.33 -43.29 5.73
CA ALA E 87 -8.41 -42.44 5.30
C ALA E 87 -8.04 -40.96 5.41
N LEU E 88 -7.37 -40.58 6.51
CA LEU E 88 -6.94 -39.21 6.67
C LEU E 88 -5.96 -38.83 5.56
N ALA E 89 -5.05 -39.73 5.26
CA ALA E 89 -4.12 -39.49 4.17
C ALA E 89 -4.82 -39.28 2.84
N GLY E 90 -5.84 -40.09 2.55
CA GLY E 90 -6.65 -40.01 1.34
C GLY E 90 -7.35 -38.69 1.22
N HIS E 91 -7.95 -38.30 2.35
CA HIS E 91 -8.55 -36.95 2.48
C HIS E 91 -7.59 -35.78 2.13
N ASP E 92 -6.42 -35.81 2.79
CA ASP E 92 -5.43 -34.82 2.52
C ASP E 92 -4.93 -34.82 1.06
N LEU E 93 -4.80 -36.03 0.49
CA LEU E 93 -4.41 -36.14 -0.94
C LEU E 93 -5.50 -35.57 -1.89
N ASP E 94 -6.78 -35.76 -1.54
CA ASP E 94 -7.87 -35.13 -2.27
C ASP E 94 -7.72 -33.60 -2.27
N ILE E 95 -7.48 -33.04 -1.07
CA ILE E 95 -7.23 -31.60 -0.94
C ILE E 95 -6.00 -31.18 -1.74
N ALA E 96 -4.94 -32.00 -1.73
CA ALA E 96 -3.72 -31.60 -2.37
C ALA E 96 -3.93 -31.49 -3.84
N VAL E 97 -4.66 -32.45 -4.40
CA VAL E 97 -4.96 -32.40 -5.83
C VAL E 97 -5.82 -31.18 -6.13
N SER E 98 -6.88 -31.00 -5.37
CA SER E 98 -7.76 -29.83 -5.57
CA SER E 98 -7.79 -29.84 -5.57
C SER E 98 -6.98 -28.52 -5.58
N LYS E 99 -6.11 -28.35 -4.59
CA LYS E 99 -5.33 -27.08 -4.49
C LYS E 99 -4.32 -26.90 -5.60
N MET E 100 -3.72 -28.03 -6.04
CA MET E 100 -2.74 -28.06 -7.04
C MET E 100 -3.30 -27.51 -8.36
N LYS E 101 -4.59 -27.68 -8.57
CA LYS E 101 -5.27 -27.18 -9.77
C LYS E 101 -5.68 -25.70 -9.74
N CYS E 102 -5.50 -25.01 -8.63
CA CYS E 102 -5.85 -23.58 -8.51
C CYS E 102 -4.86 -22.71 -9.25
N LYS E 103 -5.34 -21.66 -9.90
CA LYS E 103 -4.47 -20.81 -10.68
C LYS E 103 -3.37 -20.12 -9.86
N ARG E 104 -3.57 -19.92 -8.55
CA ARG E 104 -2.51 -19.41 -7.70
C ARG E 104 -1.28 -20.26 -7.76
N VAL E 105 -1.50 -21.58 -7.92
CA VAL E 105 -0.41 -22.57 -8.01
C VAL E 105 0.27 -22.61 -9.36
N TRP E 106 -0.50 -22.67 -10.46
CA TRP E 106 0.07 -22.90 -11.78
C TRP E 106 0.21 -21.62 -12.59
N GLY E 107 -0.37 -20.53 -12.11
CA GLY E 107 -0.49 -19.27 -12.88
C GLY E 107 0.79 -18.56 -13.30
N ASP E 108 1.90 -18.89 -12.67
CA ASP E 108 3.18 -18.41 -13.19
C ASP E 108 3.42 -18.73 -14.65
N TRP E 109 2.87 -19.84 -15.12
CA TRP E 109 3.00 -20.23 -16.51
C TRP E 109 2.43 -19.18 -17.45
N GLU E 110 1.27 -18.71 -17.13
CA GLU E 110 0.64 -17.62 -17.89
C GLU E 110 1.33 -16.25 -17.66
N GLU E 111 1.62 -15.88 -16.43
CA GLU E 111 2.25 -14.61 -16.13
C GLU E 111 3.61 -14.47 -16.78
N ASP E 112 4.36 -15.54 -16.85
CA ASP E 112 5.64 -15.50 -17.55
C ASP E 112 5.51 -15.40 -19.08
N GLY E 113 4.32 -15.58 -19.62
CA GLY E 113 4.13 -15.49 -21.09
C GLY E 113 4.13 -16.79 -21.82
N PHE E 114 4.11 -17.93 -21.10
CA PHE E 114 4.27 -19.24 -21.78
C PHE E 114 2.99 -19.87 -22.30
N GLY E 115 1.85 -19.43 -21.79
CA GLY E 115 0.58 -19.91 -22.27
C GLY E 115 -0.53 -19.77 -21.26
N THR E 116 -1.77 -19.90 -21.72
CA THR E 116 -2.89 -19.83 -20.79
C THR E 116 -3.26 -21.19 -20.18
N ASP E 117 -2.79 -22.27 -20.78
CA ASP E 117 -3.14 -23.63 -20.33
C ASP E 117 -1.85 -24.31 -19.81
N PRO E 118 -1.83 -24.70 -18.53
CA PRO E 118 -0.59 -25.19 -17.93
C PRO E 118 -0.28 -26.67 -18.22
N ILE E 119 -1.20 -27.38 -18.87
CA ILE E 119 -1.14 -28.88 -19.16
C ILE E 119 -0.75 -29.17 -20.62
N GLU E 120 -1.16 -28.31 -21.55
CA GLU E 120 -1.23 -28.75 -22.93
C GLU E 120 0.12 -29.09 -23.53
N LYS E 121 1.16 -28.32 -23.16
CA LYS E 121 2.50 -28.67 -23.61
C LYS E 121 3.54 -28.17 -22.62
N GLU E 122 4.70 -28.83 -22.62
CA GLU E 122 5.85 -28.35 -21.80
C GLU E 122 5.41 -28.35 -20.31
N ASN E 123 6.03 -27.52 -19.48
CA ASN E 123 5.65 -27.32 -18.07
C ASN E 123 5.62 -28.63 -17.27
N ILE E 124 6.59 -29.47 -17.49
CA ILE E 124 6.59 -30.81 -16.88
C ILE E 124 6.77 -30.78 -15.36
N MET E 125 7.37 -29.76 -14.80
CA MET E 125 7.47 -29.76 -13.34
C MET E 125 6.05 -29.72 -12.77
N TYR E 126 5.23 -28.78 -13.26
CA TYR E 126 3.87 -28.71 -12.77
C TYR E 126 3.11 -29.98 -13.06
N LYS E 127 3.04 -30.34 -14.33
CA LYS E 127 2.12 -31.40 -14.73
C LYS E 127 2.61 -32.80 -14.40
N GLY E 128 3.93 -32.95 -14.25
CA GLY E 128 4.47 -34.19 -13.77
C GLY E 128 4.09 -34.45 -12.31
N HIS E 129 4.24 -33.43 -11.44
CA HIS E 129 3.84 -33.56 -10.05
C HIS E 129 2.31 -33.84 -10.01
N LEU E 130 1.52 -33.03 -10.76
CA LEU E 130 0.06 -33.23 -10.78
C LEU E 130 -0.29 -34.66 -11.17
N ASN E 131 0.35 -35.19 -12.21
CA ASN E 131 0.03 -36.54 -12.61
C ASN E 131 0.41 -37.57 -11.60
N LEU E 132 1.57 -37.38 -10.98
CA LEU E 132 1.96 -38.31 -9.88
C LEU E 132 0.97 -38.26 -8.73
N MET E 133 0.56 -37.07 -8.38
CA MET E 133 -0.45 -36.88 -7.34
C MET E 133 -1.79 -37.57 -7.64
N TYR E 134 -2.27 -37.44 -8.89
CA TYR E 134 -3.49 -38.12 -9.28
C TYR E 134 -3.37 -39.60 -9.01
N GLY E 135 -2.22 -40.16 -9.37
CA GLY E 135 -1.99 -41.60 -9.18
C GLY E 135 -1.89 -42.04 -7.74
N LEU E 136 -1.15 -41.24 -6.93
CA LEU E 136 -1.02 -41.57 -5.51
C LEU E 136 -2.34 -41.48 -4.80
N TYR E 137 -3.14 -40.49 -5.17
CA TYR E 137 -4.50 -40.32 -4.57
C TYR E 137 -5.29 -41.61 -4.80
N GLN E 138 -5.24 -42.12 -6.04
CA GLN E 138 -6.03 -43.30 -6.39
C GLN E 138 -5.47 -44.55 -5.76
N LEU E 139 -4.15 -44.69 -5.67
CA LEU E 139 -3.59 -45.87 -4.96
C LEU E 139 -4.01 -45.88 -3.50
N VAL E 140 -4.01 -44.71 -2.89
CA VAL E 140 -4.35 -44.61 -1.45
C VAL E 140 -5.85 -44.91 -1.19
N THR E 141 -6.72 -44.33 -2.00
CA THR E 141 -8.14 -44.30 -1.73
C THR E 141 -8.95 -45.33 -2.46
N GLY E 142 -8.45 -45.78 -3.62
CA GLY E 142 -9.33 -46.55 -4.53
C GLY E 142 -10.41 -45.72 -5.24
N SER E 143 -10.43 -44.42 -5.07
CA SER E 143 -11.42 -43.54 -5.68
C SER E 143 -11.03 -43.16 -7.11
N ARG E 144 -12.03 -43.13 -8.00
CA ARG E 144 -11.87 -42.70 -9.40
C ARG E 144 -12.25 -41.27 -9.62
N ARG E 145 -12.33 -40.49 -8.57
CA ARG E 145 -12.74 -39.13 -8.64
C ARG E 145 -11.95 -38.35 -9.71
N TYR E 146 -10.63 -38.60 -9.81
CA TYR E 146 -9.78 -37.88 -10.76
C TYR E 146 -9.33 -38.75 -11.94
N GLU E 147 -9.89 -39.92 -12.12
CA GLU E 147 -9.37 -40.85 -13.12
C GLU E 147 -9.49 -40.29 -14.52
N ALA E 148 -10.62 -39.61 -14.84
CA ALA E 148 -10.78 -39.07 -16.18
C ALA E 148 -9.62 -38.09 -16.51
N GLU E 149 -9.28 -37.26 -15.52
CA GLU E 149 -8.19 -36.28 -15.62
C GLU E 149 -6.84 -36.97 -15.69
N HIS E 150 -6.68 -38.02 -14.91
CA HIS E 150 -5.42 -38.81 -14.86
C HIS E 150 -5.17 -39.50 -16.19
N ALA E 151 -6.23 -40.05 -16.79
CA ALA E 151 -6.14 -40.71 -18.10
C ALA E 151 -5.74 -39.73 -19.17
N HIS E 152 -6.28 -38.53 -19.10
CA HIS E 152 -5.97 -37.47 -20.08
C HIS E 152 -4.49 -36.99 -19.93
N LEU E 153 -4.13 -36.65 -18.72
CA LEU E 153 -2.78 -36.10 -18.49
C LEU E 153 -1.68 -37.08 -18.76
N THR E 154 -1.90 -38.35 -18.41
CA THR E 154 -0.95 -39.37 -18.70
C THR E 154 -0.69 -39.50 -20.20
N ARG E 155 -1.75 -39.37 -20.96
CA ARG E 155 -1.65 -39.48 -22.43
C ARG E 155 -1.00 -38.21 -23.04
N ILE E 156 -1.27 -37.05 -22.50
CA ILE E 156 -0.55 -35.84 -22.96
C ILE E 156 0.98 -36.00 -22.73
N ILE E 157 1.34 -36.52 -21.56
CA ILE E 157 2.75 -36.76 -21.23
C ILE E 157 3.40 -37.77 -22.14
N HIS E 158 2.73 -38.90 -22.32
CA HIS E 158 3.22 -39.96 -23.17
C HIS E 158 3.41 -39.42 -24.62
N ASP E 159 2.44 -38.65 -25.10
CA ASP E 159 2.46 -38.18 -26.48
C ASP E 159 3.62 -37.21 -26.70
N GLU E 160 3.83 -36.35 -25.71
CA GLU E 160 4.88 -35.36 -25.78
C GLU E 160 6.25 -35.98 -25.72
N ILE E 161 6.44 -36.98 -24.84
CA ILE E 161 7.64 -37.79 -24.90
C ILE E 161 7.85 -38.41 -26.30
N ALA E 162 6.80 -38.99 -26.86
CA ALA E 162 6.97 -39.68 -28.19
C ALA E 162 7.34 -38.67 -29.29
N ALA E 163 6.83 -37.47 -29.21
CA ALA E 163 7.03 -36.49 -30.25
C ALA E 163 8.40 -35.79 -30.15
N ASN E 164 9.07 -35.83 -28.97
CA ASN E 164 10.33 -35.12 -28.82
C ASN E 164 11.51 -35.86 -29.31
N PRO E 165 12.51 -35.13 -29.86
CA PRO E 165 13.72 -35.78 -30.37
C PRO E 165 14.73 -36.17 -29.23
N PHE E 166 14.55 -35.60 -28.06
CA PHE E 166 15.31 -35.97 -26.90
C PHE E 166 14.30 -36.81 -26.04
N ALA E 167 14.79 -37.57 -25.08
CA ALA E 167 13.90 -38.37 -24.21
C ALA E 167 13.38 -37.52 -23.05
N GLY E 168 12.09 -37.18 -23.08
CA GLY E 168 11.48 -36.41 -22.01
C GLY E 168 10.79 -35.19 -22.49
N ILE E 169 10.54 -34.28 -21.57
CA ILE E 169 9.75 -33.09 -21.76
C ILE E 169 10.41 -31.93 -21.06
N VAL E 170 10.25 -30.76 -21.62
CA VAL E 170 10.82 -29.52 -20.97
C VAL E 170 9.90 -28.96 -19.92
N CYS E 171 10.46 -28.04 -19.14
CA CYS E 171 9.69 -27.20 -18.20
C CYS E 171 9.30 -25.93 -18.91
N GLU E 172 9.98 -24.82 -18.63
CA GLU E 172 9.86 -23.67 -19.50
C GLU E 172 10.35 -24.10 -20.89
N PRO E 173 9.91 -23.41 -21.94
CA PRO E 173 10.40 -23.78 -23.28
C PRO E 173 11.95 -23.78 -23.30
N ASP E 174 12.50 -24.80 -23.91
CA ASP E 174 13.92 -24.91 -24.00
C ASP E 174 14.72 -25.09 -22.67
N ASN E 175 14.05 -25.42 -21.57
CA ASN E 175 14.72 -25.78 -20.28
C ASN E 175 14.39 -27.23 -19.91
N TYR E 176 15.36 -28.13 -20.00
CA TYR E 176 15.19 -29.54 -19.66
C TYR E 176 15.90 -29.85 -18.33
N PHE E 177 15.15 -30.42 -17.35
CA PHE E 177 15.68 -30.72 -16.05
C PHE E 177 15.43 -32.19 -15.75
N VAL E 178 16.46 -32.92 -15.40
CA VAL E 178 16.32 -34.35 -15.22
C VAL E 178 15.40 -34.69 -14.04
N GLN E 179 15.51 -33.90 -12.96
CA GLN E 179 14.68 -34.11 -11.79
C GLN E 179 13.18 -33.98 -12.11
N CYS E 180 12.82 -33.03 -12.95
CA CYS E 180 11.39 -32.79 -13.26
C CYS E 180 10.90 -33.93 -14.13
N ASN E 181 11.77 -34.42 -15.02
CA ASN E 181 11.43 -35.59 -15.80
C ASN E 181 11.25 -36.82 -14.94
N SER E 182 12.09 -36.96 -13.91
CA SER E 182 12.03 -38.17 -13.10
C SER E 182 10.65 -38.35 -12.47
N VAL E 183 10.02 -37.25 -12.11
CA VAL E 183 8.71 -37.26 -11.50
C VAL E 183 7.64 -37.68 -12.57
N ALA E 184 7.74 -37.11 -13.78
CA ALA E 184 6.84 -37.50 -14.88
C ALA E 184 6.91 -38.97 -15.22
N TYR E 185 8.12 -39.51 -15.33
CA TYR E 185 8.28 -40.93 -15.57
C TYR E 185 7.73 -41.76 -14.43
N LEU E 186 7.98 -41.43 -13.18
CA LEU E 186 7.40 -42.19 -12.13
C LEU E 186 5.86 -42.16 -12.19
N SER E 187 5.30 -41.04 -12.59
CA SER E 187 3.85 -40.93 -12.75
C SER E 187 3.31 -41.96 -13.73
N LEU E 188 4.08 -42.31 -14.76
CA LEU E 188 3.66 -43.34 -15.70
C LEU E 188 3.62 -44.67 -15.08
N TRP E 189 4.63 -44.98 -14.25
CA TRP E 189 4.67 -46.25 -13.49
C TRP E 189 3.44 -46.40 -12.60
N VAL E 190 3.05 -45.31 -11.94
CA VAL E 190 1.87 -45.35 -11.08
C VAL E 190 0.57 -45.54 -11.90
N TYR E 191 0.48 -44.89 -13.04
CA TYR E 191 -0.69 -45.06 -13.93
C TYR E 191 -0.74 -46.53 -14.37
N ASP E 192 0.38 -47.10 -14.78
CA ASP E 192 0.42 -48.48 -15.13
C ASP E 192 0.04 -49.45 -14.05
N ARG E 193 0.44 -49.17 -12.83
CA ARG E 193 0.07 -50.04 -11.76
C ARG E 193 -1.45 -50.05 -11.61
N LEU E 194 -2.03 -48.88 -11.66
CA LEU E 194 -3.46 -48.76 -11.50
C LEU E 194 -4.28 -49.32 -12.71
N HIS E 195 -3.74 -49.26 -13.91
CA HIS E 195 -4.51 -49.52 -15.16
C HIS E 195 -4.08 -50.70 -15.95
N GLY E 196 -2.93 -51.27 -15.68
CA GLY E 196 -2.43 -52.45 -16.44
C GLY E 196 -1.85 -52.10 -17.79
N THR E 197 -1.51 -50.84 -18.01
CA THR E 197 -0.95 -50.37 -19.23
C THR E 197 0.59 -50.44 -19.24
N ASP E 198 1.23 -49.91 -20.28
CA ASP E 198 2.70 -49.96 -20.40
C ASP E 198 3.25 -48.63 -20.78
N TYR E 199 2.71 -47.55 -20.24
CA TYR E 199 3.32 -46.21 -20.49
C TYR E 199 4.75 -46.15 -19.96
N ARG E 200 5.03 -46.99 -18.98
CA ARG E 200 6.40 -46.97 -18.34
C ARG E 200 7.48 -47.46 -19.28
N ALA E 201 7.11 -48.10 -20.38
CA ALA E 201 8.14 -48.60 -21.34
C ALA E 201 9.10 -47.51 -21.83
N ALA E 202 8.65 -46.28 -21.86
CA ALA E 202 9.47 -45.18 -22.32
C ALA E 202 10.70 -44.91 -21.34
N THR E 203 10.67 -45.51 -20.15
CA THR E 203 11.65 -45.20 -19.11
C THR E 203 13.08 -45.62 -19.54
N ARG E 204 13.20 -46.74 -20.22
CA ARG E 204 14.52 -47.21 -20.66
C ARG E 204 15.26 -46.21 -21.51
N ALA E 205 14.58 -45.66 -22.52
CA ALA E 205 15.24 -44.71 -23.43
C ALA E 205 15.63 -43.47 -22.64
N TRP E 206 14.80 -43.09 -21.67
CA TRP E 206 15.10 -41.91 -20.86
C TRP E 206 16.35 -42.12 -20.01
N LEU E 207 16.43 -43.25 -19.36
CA LEU E 207 17.62 -43.59 -18.52
C LEU E 207 18.90 -43.67 -19.38
N ASP E 208 18.78 -44.23 -20.60
CA ASP E 208 19.91 -44.14 -21.56
C ASP E 208 20.34 -42.71 -21.90
N PHE E 209 19.38 -41.87 -22.22
CA PHE E 209 19.62 -40.52 -22.55
C PHE E 209 20.32 -39.74 -21.45
N ILE E 210 19.78 -39.82 -20.23
CA ILE E 210 20.35 -38.95 -19.16
C ILE E 210 21.76 -39.36 -18.76
N GLN E 211 22.18 -40.60 -19.08
CA GLN E 211 23.50 -41.03 -18.84
C GLN E 211 24.48 -40.64 -19.96
N LYS E 212 24.10 -39.72 -20.87
CA LYS E 212 25.04 -39.12 -21.85
C LYS E 212 25.55 -37.75 -21.35
N ASP E 213 25.30 -36.67 -22.05
CA ASP E 213 25.93 -35.39 -21.64
C ASP E 213 25.40 -34.87 -20.35
N LEU E 214 24.22 -35.35 -19.96
CA LEU E 214 23.64 -34.87 -18.70
C LEU E 214 24.26 -35.42 -17.38
N ILE E 215 25.04 -36.47 -17.45
CA ILE E 215 25.70 -37.04 -16.23
C ILE E 215 27.24 -36.99 -16.30
N ASP E 216 27.88 -36.74 -15.16
CA ASP E 216 29.31 -36.86 -15.04
C ASP E 216 29.56 -38.17 -14.35
N PRO E 217 30.05 -39.16 -15.07
CA PRO E 217 30.21 -40.46 -14.42
C PRO E 217 31.27 -40.48 -13.34
N GLU E 218 32.33 -39.65 -13.44
CA GLU E 218 33.36 -39.66 -12.39
C GLU E 218 32.71 -39.26 -11.02
N ARG E 219 31.77 -38.33 -11.10
CA ARG E 219 31.21 -37.83 -9.91
C ARG E 219 29.80 -38.34 -9.55
N GLY E 220 29.14 -39.12 -10.43
CA GLY E 220 27.80 -39.70 -10.08
C GLY E 220 26.80 -38.56 -9.90
N ALA E 221 26.92 -37.59 -10.79
CA ALA E 221 26.17 -36.34 -10.65
C ALA E 221 25.68 -35.84 -11.97
N PHE E 222 24.47 -35.33 -11.95
CA PHE E 222 23.87 -34.67 -13.11
C PHE E 222 24.18 -33.22 -13.18
N TYR E 223 24.33 -32.76 -14.41
CA TYR E 223 24.43 -31.36 -14.71
C TYR E 223 23.14 -30.66 -14.50
N LEU E 224 23.23 -29.36 -14.26
CA LEU E 224 22.06 -28.57 -13.87
C LEU E 224 20.85 -28.62 -14.81
N SER E 225 21.12 -28.46 -16.10
CA SER E 225 20.04 -28.48 -17.12
C SER E 225 20.63 -28.66 -18.53
N TYR E 226 19.72 -28.97 -19.45
CA TYR E 226 19.95 -29.16 -20.84
C TYR E 226 18.98 -28.25 -21.61
N HIS E 227 19.45 -27.74 -22.77
CA HIS E 227 18.74 -26.73 -23.49
C HIS E 227 18.72 -27.14 -24.99
N PRO E 228 17.65 -27.83 -25.39
CA PRO E 228 17.63 -28.51 -26.67
C PRO E 228 17.90 -27.62 -27.89
N GLU E 229 17.41 -26.40 -27.92
CA GLU E 229 17.58 -25.50 -29.06
C GLU E 229 19.07 -25.19 -29.36
N SER E 230 19.88 -24.99 -28.32
CA SER E 230 21.31 -24.74 -28.48
C SER E 230 22.13 -26.00 -28.34
N GLY E 231 21.55 -27.03 -27.74
CA GLY E 231 22.30 -28.24 -27.32
C GLY E 231 23.21 -28.01 -26.09
N ALA E 232 23.12 -26.84 -25.49
CA ALA E 232 23.93 -26.58 -24.30
C ALA E 232 23.51 -27.37 -23.07
N VAL E 233 24.51 -27.72 -22.28
CA VAL E 233 24.29 -28.26 -20.95
C VAL E 233 24.95 -27.26 -20.03
N LYS E 234 24.26 -26.80 -19.04
CA LYS E 234 24.88 -25.84 -18.13
C LYS E 234 25.94 -26.60 -17.41
N PRO E 235 27.21 -26.10 -17.41
CA PRO E 235 28.34 -26.91 -17.04
C PRO E 235 28.61 -26.98 -15.54
N TRP E 236 27.60 -26.98 -14.68
CA TRP E 236 27.82 -27.18 -13.25
C TRP E 236 27.00 -28.40 -12.86
N ILE E 237 27.59 -29.25 -12.04
CA ILE E 237 26.87 -30.37 -11.46
C ILE E 237 26.10 -29.91 -10.25
N SER E 238 24.94 -30.57 -9.98
CA SER E 238 24.02 -30.11 -8.93
C SER E 238 23.63 -31.25 -8.00
N ALA E 239 23.88 -31.03 -6.70
CA ALA E 239 23.58 -32.11 -5.69
C ALA E 239 22.12 -32.30 -5.53
N TYR E 240 21.39 -31.19 -5.37
CA TYR E 240 19.92 -31.38 -5.11
C TYR E 240 19.24 -32.01 -6.34
N THR E 241 19.67 -31.64 -7.56
CA THR E 241 19.20 -32.25 -8.78
C THR E 241 19.43 -33.70 -8.75
N THR E 242 20.67 -34.10 -8.42
CA THR E 242 21.04 -35.50 -8.38
C THR E 242 20.32 -36.29 -7.32
N ALA E 243 20.23 -35.75 -6.12
CA ALA E 243 19.65 -36.49 -5.04
C ALA E 243 18.20 -36.82 -5.33
N TRP E 244 17.47 -35.78 -5.75
CA TRP E 244 16.05 -35.96 -6.11
C TRP E 244 15.88 -37.00 -7.24
N THR E 245 16.65 -36.83 -8.32
CA THR E 245 16.58 -37.73 -9.45
C THR E 245 16.90 -39.17 -9.04
N LEU E 246 18.00 -39.41 -8.32
CA LEU E 246 18.35 -40.76 -7.91
C LEU E 246 17.28 -41.37 -6.98
N ALA E 247 16.61 -40.54 -6.18
CA ALA E 247 15.62 -41.07 -5.29
C ALA E 247 14.42 -41.58 -6.06
N MET E 248 13.91 -40.76 -6.98
CA MET E 248 12.79 -41.23 -7.79
C MET E 248 13.13 -42.37 -8.75
N VAL E 249 14.31 -42.30 -9.38
CA VAL E 249 14.71 -43.38 -10.23
C VAL E 249 14.85 -44.75 -9.47
N HIS E 250 15.21 -44.74 -8.19
CA HIS E 250 15.38 -45.91 -7.48
C HIS E 250 14.09 -46.71 -7.36
N GLY E 251 12.96 -46.07 -7.53
CA GLY E 251 11.67 -46.79 -7.56
C GLY E 251 11.37 -47.41 -8.94
N MET E 252 12.08 -47.00 -9.98
CA MET E 252 11.88 -47.51 -11.31
C MET E 252 12.95 -48.50 -11.72
N ASP E 253 14.21 -48.14 -11.49
CA ASP E 253 15.38 -48.94 -11.86
C ASP E 253 16.34 -48.81 -10.64
N PRO E 254 16.19 -49.68 -9.66
CA PRO E 254 17.02 -49.58 -8.46
C PRO E 254 18.53 -49.72 -8.74
N ALA E 255 18.87 -50.49 -9.77
CA ALA E 255 20.27 -50.64 -10.09
C ALA E 255 20.90 -49.35 -10.53
N PHE E 256 20.14 -48.50 -11.24
CA PHE E 256 20.71 -47.21 -11.75
C PHE E 256 21.16 -46.34 -10.56
N SER E 257 20.28 -46.19 -9.58
CA SER E 257 20.61 -45.37 -8.41
C SER E 257 21.69 -45.98 -7.56
N GLU E 258 21.62 -47.28 -7.37
CA GLU E 258 22.69 -48.00 -6.71
C GLU E 258 24.06 -47.82 -7.35
N ARG E 259 24.09 -47.77 -8.68
CA ARG E 259 25.37 -47.50 -9.44
C ARG E 259 26.04 -46.17 -9.07
N TYR E 260 25.25 -45.11 -8.93
CA TYR E 260 25.77 -43.78 -8.77
C TYR E 260 25.90 -43.32 -7.33
N TYR E 261 25.18 -44.00 -6.41
CA TYR E 261 24.99 -43.45 -5.05
C TYR E 261 26.29 -43.25 -4.28
N PRO E 262 27.24 -44.22 -4.37
CA PRO E 262 28.48 -44.03 -3.61
C PRO E 262 29.30 -42.85 -4.20
N ARG E 263 29.29 -42.69 -5.51
CA ARG E 263 29.95 -41.55 -6.14
C ARG E 263 29.35 -40.21 -5.77
N PHE E 264 28.02 -40.16 -5.83
CA PHE E 264 27.29 -38.98 -5.45
C PHE E 264 27.73 -38.59 -4.01
N LYS E 265 27.79 -39.53 -3.09
CA LYS E 265 28.17 -39.21 -1.72
C LYS E 265 29.57 -38.65 -1.61
N GLN E 266 30.49 -39.32 -2.30
CA GLN E 266 31.87 -38.88 -2.27
C GLN E 266 32.02 -37.44 -2.86
N THR E 267 31.30 -37.14 -3.92
CA THR E 267 31.35 -35.86 -4.55
C THR E 267 30.81 -34.75 -3.66
N PHE E 268 29.66 -34.95 -3.00
CA PHE E 268 28.95 -33.83 -2.39
C PHE E 268 28.82 -33.86 -0.89
N VAL E 269 28.93 -35.01 -0.25
CA VAL E 269 28.57 -35.10 1.15
C VAL E 269 29.78 -34.85 2.05
N GLU E 270 29.66 -33.87 2.94
CA GLU E 270 30.71 -33.62 3.97
C GLU E 270 30.22 -34.18 5.33
N VAL E 271 30.92 -35.15 5.87
CA VAL E 271 30.65 -35.65 7.22
C VAL E 271 31.45 -34.76 8.16
N TYR E 272 30.84 -34.36 9.25
CA TYR E 272 31.55 -33.48 10.20
C TYR E 272 31.11 -33.78 11.63
N ASP E 273 31.60 -32.99 12.58
CA ASP E 273 31.26 -33.22 14.02
C ASP E 273 31.52 -34.67 14.44
N GLU E 274 32.73 -35.12 14.12
CA GLU E 274 33.24 -36.41 14.55
C GLU E 274 32.40 -37.56 14.04
N GLY E 275 31.79 -37.39 12.89
CA GLY E 275 30.94 -38.43 12.36
C GLY E 275 29.47 -38.37 12.70
N ARG E 276 29.08 -37.40 13.53
CA ARG E 276 27.71 -37.30 13.97
C ARG E 276 26.80 -36.62 12.96
N LYS E 277 27.36 -35.75 12.14
CA LYS E 277 26.57 -34.87 11.29
C LYS E 277 27.08 -34.96 9.87
N ALA E 278 26.25 -34.54 8.93
CA ALA E 278 26.69 -34.40 7.54
C ALA E 278 25.93 -33.22 6.90
N ARG E 279 26.56 -32.57 5.93
CA ARG E 279 25.95 -31.48 5.18
C ARG E 279 26.44 -31.62 3.71
N VAL E 280 25.62 -31.12 2.76
CA VAL E 280 25.83 -31.41 1.36
C VAL E 280 26.15 -30.14 0.54
N ARG E 281 27.25 -30.18 -0.18
CA ARG E 281 27.65 -29.10 -1.06
C ARG E 281 26.77 -29.20 -2.31
N GLU E 282 26.29 -28.05 -2.78
CA GLU E 282 25.38 -28.06 -3.96
C GLU E 282 26.08 -28.33 -5.28
N THR E 283 27.32 -27.93 -5.41
CA THR E 283 28.06 -28.06 -6.64
C THR E 283 29.53 -28.39 -6.38
N ALA E 284 30.26 -28.67 -7.43
CA ALA E 284 31.73 -28.89 -7.35
C ALA E 284 32.52 -27.61 -7.18
N GLY E 285 33.75 -27.76 -6.69
CA GLY E 285 34.68 -26.61 -6.59
C GLY E 285 34.36 -25.63 -5.50
N THR E 286 33.66 -26.09 -4.48
CA THR E 286 33.36 -25.25 -3.33
C THR E 286 33.45 -26.09 -2.07
N ASP E 287 33.68 -25.44 -0.92
CA ASP E 287 33.54 -26.07 0.38
C ASP E 287 32.22 -25.72 1.02
N ASP E 288 31.50 -24.78 0.47
CA ASP E 288 30.25 -24.33 1.09
C ASP E 288 29.14 -25.39 0.94
N ALA E 289 28.36 -25.59 2.00
CA ALA E 289 27.17 -26.45 1.97
C ALA E 289 25.89 -25.69 1.53
N ASP E 290 24.98 -26.40 0.89
CA ASP E 290 23.64 -25.92 0.69
C ASP E 290 23.52 -24.55 -0.03
N GLY E 291 24.40 -24.34 -0.99
CA GLY E 291 24.30 -23.18 -1.87
C GLY E 291 23.14 -23.36 -2.86
N GLY E 292 23.04 -22.45 -3.81
CA GLY E 292 22.02 -22.55 -4.86
C GLY E 292 20.65 -22.38 -4.23
N VAL E 293 19.74 -23.28 -4.57
CA VAL E 293 18.35 -23.21 -4.03
C VAL E 293 18.33 -23.58 -2.54
N GLY E 294 19.44 -24.10 -2.00
CA GLY E 294 19.58 -24.35 -0.57
C GLY E 294 19.00 -25.66 -0.07
N LEU E 295 18.82 -26.59 -0.97
CA LEU E 295 18.06 -27.82 -0.72
C LEU E 295 18.87 -29.11 -0.87
N ALA E 296 20.16 -28.98 -1.07
CA ALA E 296 20.97 -30.19 -1.21
C ALA E 296 20.87 -31.16 -0.04
N SER E 297 21.06 -30.67 1.18
CA SER E 297 21.00 -31.56 2.36
C SER E 297 19.64 -32.17 2.56
N ALA E 298 18.58 -31.39 2.34
CA ALA E 298 17.23 -31.91 2.51
C ALA E 298 16.84 -32.94 1.45
N PHE E 299 17.21 -32.75 0.18
CA PHE E 299 16.95 -33.79 -0.78
C PHE E 299 17.85 -35.00 -0.57
N THR E 300 19.07 -34.78 -0.06
CA THR E 300 19.92 -35.95 0.27
C THR E 300 19.33 -36.76 1.43
N LEU E 301 18.60 -36.13 2.34
CA LEU E 301 17.90 -36.82 3.40
C LEU E 301 16.89 -37.76 2.82
N LEU E 302 16.10 -37.26 1.89
CA LEU E 302 15.18 -38.13 1.12
C LEU E 302 15.87 -39.29 0.42
N LEU E 303 16.95 -39.03 -0.29
CA LEU E 303 17.68 -40.07 -0.96
C LEU E 303 18.19 -41.11 0.01
N ALA E 304 18.77 -40.66 1.12
CA ALA E 304 19.29 -41.60 2.13
C ALA E 304 18.16 -42.52 2.61
N ARG E 305 16.99 -41.93 2.81
CA ARG E 305 15.84 -42.72 3.18
C ARG E 305 15.47 -43.73 2.10
N GLU E 306 15.41 -43.30 0.87
CA GLU E 306 15.06 -44.15 -0.25
C GLU E 306 16.05 -45.27 -0.38
N MET E 307 17.33 -45.01 -0.16
CA MET E 307 18.39 -46.04 -0.29
C MET E 307 18.60 -46.88 0.94
N GLY E 308 17.90 -46.60 2.03
CA GLY E 308 18.04 -47.34 3.25
C GLY E 308 19.32 -47.03 4.01
N ASP E 309 19.88 -45.83 3.81
CA ASP E 309 21.18 -45.49 4.38
C ASP E 309 20.89 -44.78 5.73
N GLN E 310 20.69 -45.60 6.76
CA GLN E 310 20.41 -45.05 8.06
C GLN E 310 21.48 -44.12 8.65
N GLN E 311 22.75 -44.45 8.43
CA GLN E 311 23.80 -43.63 8.98
C GLN E 311 23.75 -42.23 8.37
N LEU E 312 23.64 -42.11 7.04
CA LEU E 312 23.65 -40.79 6.41
C LEU E 312 22.38 -40.04 6.77
N PHE E 313 21.26 -40.76 6.83
CA PHE E 313 19.99 -40.12 7.22
C PHE E 313 20.17 -39.50 8.60
N ASP E 314 20.67 -40.25 9.56
CA ASP E 314 20.93 -39.74 10.90
C ASP E 314 21.83 -38.50 10.91
N GLN E 315 22.92 -38.56 10.14
CA GLN E 315 23.88 -37.44 10.09
C GLN E 315 23.22 -36.18 9.54
N LEU E 316 22.44 -36.34 8.47
CA LEU E 316 21.79 -35.20 7.83
C LEU E 316 20.73 -34.62 8.73
N LEU E 317 19.93 -35.49 9.38
CA LEU E 317 18.91 -34.94 10.20
C LEU E 317 19.51 -34.27 11.45
N ASN E 318 20.65 -34.72 11.93
CA ASN E 318 21.36 -34.05 13.00
C ASN E 318 21.87 -32.65 12.58
N HIS E 319 22.18 -32.48 11.30
CA HIS E 319 22.57 -31.18 10.80
C HIS E 319 21.36 -30.26 10.61
N LEU E 320 20.28 -30.82 10.08
CA LEU E 320 19.14 -30.00 9.66
C LEU E 320 18.18 -29.60 10.79
N GLU E 321 17.87 -30.53 11.66
CA GLU E 321 16.71 -30.36 12.57
C GLU E 321 17.04 -29.52 13.82
N PRO E 322 18.11 -29.86 14.56
CA PRO E 322 18.39 -29.14 15.83
C PRO E 322 18.51 -27.65 15.71
N PRO E 323 19.23 -27.09 14.68
CA PRO E 323 19.28 -25.63 14.59
C PRO E 323 17.99 -24.96 14.21
N ALA E 324 17.05 -25.74 13.69
CA ALA E 324 15.74 -25.17 13.32
C ALA E 324 14.80 -25.04 14.51
N LYS E 325 15.18 -25.62 15.62
CA LYS E 325 14.54 -25.46 16.93
C LYS E 325 13.09 -25.91 16.83
N PRO E 326 12.87 -27.21 16.57
CA PRO E 326 11.50 -27.74 16.64
C PRO E 326 10.88 -27.52 18.04
N SER E 327 9.58 -27.31 18.10
CA SER E 327 8.87 -27.62 19.33
C SER E 327 7.49 -28.13 19.01
N ILE E 328 6.94 -28.87 19.96
CA ILE E 328 5.63 -29.39 19.83
C ILE E 328 4.76 -28.69 20.91
N VAL E 329 3.80 -27.92 20.43
CA VAL E 329 2.99 -27.05 21.32
C VAL E 329 1.58 -27.51 21.00
N SER E 330 0.85 -27.94 22.01
CA SER E 330 -0.53 -28.39 21.83
C SER E 330 -0.58 -29.54 20.75
N ALA E 331 0.41 -30.45 20.84
CA ALA E 331 0.53 -31.65 20.02
C ALA E 331 0.68 -31.32 18.51
N SER E 332 1.18 -30.14 18.21
CA SER E 332 1.43 -29.72 16.84
C SER E 332 2.86 -29.21 16.68
N LEU E 333 3.46 -29.60 15.58
CA LEU E 333 4.90 -29.28 15.38
C LEU E 333 5.13 -27.94 14.70
N ARG E 334 6.11 -27.21 15.22
CA ARG E 334 6.52 -25.94 14.58
C ARG E 334 8.09 -25.89 14.69
N TYR E 335 8.69 -25.19 13.73
CA TYR E 335 10.16 -24.89 13.72
C TYR E 335 10.32 -23.34 13.91
N GLU E 336 11.09 -22.91 14.88
CA GLU E 336 11.39 -21.49 15.07
C GLU E 336 12.30 -20.98 13.95
N HIS E 337 13.23 -21.79 13.43
CA HIS E 337 14.22 -21.30 12.45
C HIS E 337 14.36 -22.29 11.30
N PRO E 338 13.29 -22.42 10.47
CA PRO E 338 13.40 -23.31 9.27
C PRO E 338 14.61 -22.91 8.45
N GLY E 339 15.42 -23.87 8.03
CA GLY E 339 16.70 -23.48 7.42
C GLY E 339 16.64 -23.25 5.92
N SER E 340 15.49 -23.52 5.28
CA SER E 340 15.39 -23.43 3.84
C SER E 340 13.95 -23.27 3.49
N LEU E 341 13.69 -23.00 2.25
CA LEU E 341 12.36 -23.21 1.69
C LEU E 341 12.01 -24.70 1.79
N LEU E 342 10.71 -24.96 1.75
CA LEU E 342 10.17 -26.30 1.75
C LEU E 342 10.66 -27.16 2.97
N PHE E 343 10.98 -26.52 4.10
CA PHE E 343 11.62 -27.19 5.17
C PHE E 343 10.73 -28.22 5.84
N ASP E 344 9.57 -27.81 6.34
CA ASP E 344 8.72 -28.79 7.02
C ASP E 344 8.23 -29.88 6.06
N GLU E 345 8.03 -29.53 4.82
CA GLU E 345 7.56 -30.47 3.81
C GLU E 345 8.57 -31.57 3.57
N LEU E 346 9.84 -31.18 3.38
CA LEU E 346 10.89 -32.15 3.10
C LEU E 346 11.27 -32.95 4.33
N LEU E 347 11.32 -32.34 5.52
CA LEU E 347 11.60 -33.17 6.74
C LEU E 347 10.48 -34.15 7.06
N PHE E 348 9.23 -33.74 6.81
CA PHE E 348 8.09 -34.67 6.83
C PHE E 348 8.24 -35.85 5.91
N LEU E 349 8.46 -35.54 4.65
CA LEU E 349 8.58 -36.57 3.60
C LEU E 349 9.71 -37.56 3.98
N ALA E 350 10.88 -37.01 4.32
CA ALA E 350 12.00 -37.94 4.62
C ALA E 350 11.72 -38.85 5.84
N LYS E 351 11.02 -38.29 6.86
CA LYS E 351 10.74 -39.06 8.06
C LYS E 351 9.83 -40.24 7.74
N VAL E 352 8.88 -40.06 6.83
CA VAL E 352 7.89 -41.11 6.57
C VAL E 352 8.14 -42.00 5.37
N HIS E 353 9.05 -41.55 4.51
CA HIS E 353 9.14 -42.14 3.18
C HIS E 353 9.42 -43.62 3.14
N ALA E 354 8.51 -44.38 2.56
CA ALA E 354 8.57 -45.83 2.59
C ALA E 354 9.31 -46.44 1.41
N GLY E 355 9.72 -45.60 0.48
CA GLY E 355 10.38 -46.03 -0.75
C GLY E 355 9.39 -45.87 -1.90
N PHE E 356 9.86 -45.35 -3.02
CA PHE E 356 8.97 -45.17 -4.20
C PHE E 356 8.49 -46.50 -4.77
N GLY E 357 9.34 -47.52 -4.67
CA GLY E 357 8.90 -48.84 -5.05
C GLY E 357 7.83 -49.44 -4.17
N ALA E 358 7.92 -49.19 -2.85
CA ALA E 358 6.88 -49.63 -1.93
C ALA E 358 5.60 -48.89 -2.17
N LEU E 359 5.64 -47.61 -2.53
CA LEU E 359 4.41 -46.88 -2.88
C LEU E 359 3.73 -47.45 -4.15
N LEU E 360 4.54 -47.77 -5.14
CA LEU E 360 4.03 -48.44 -6.34
C LEU E 360 3.34 -49.72 -6.07
N ARG E 361 3.78 -50.41 -5.02
CA ARG E 361 3.21 -51.69 -4.60
C ARG E 361 2.23 -51.59 -3.50
N MET E 362 1.69 -50.41 -3.21
CA MET E 362 0.74 -50.26 -2.12
C MET E 362 -0.45 -51.20 -2.28
N PRO E 363 -0.78 -51.94 -1.24
CA PRO E 363 -1.93 -52.80 -1.31
C PRO E 363 -3.21 -52.02 -1.36
N PRO E 364 -4.25 -52.59 -1.97
CA PRO E 364 -5.52 -51.84 -2.07
C PRO E 364 -6.17 -51.57 -0.70
N PRO E 365 -7.01 -50.55 -0.65
CA PRO E 365 -7.69 -50.23 0.58
C PRO E 365 -8.74 -51.32 0.83
#